data_5SKH
#
_entry.id   5SKH
#
_cell.length_a   135.110
_cell.length_b   135.110
_cell.length_c   234.430
_cell.angle_alpha   90.000
_cell.angle_beta   90.000
_cell.angle_gamma   120.000
#
_symmetry.space_group_name_H-M   'H 3'
#
loop_
_entity.id
_entity.type
_entity.pdbx_description
1 polymer "cAMP and cAMP-inhibited cGMP 3',5'-cyclic phosphodiesterase 10A"
2 non-polymer 'ZINC ION'
3 non-polymer 'MAGNESIUM ION'
4 non-polymer 'CHLORIDE ION'
5 non-polymer 3-[1-(3-fluorophenyl)-1H-pyrazol-5-yl]-1-[3-(trifluoromethoxy)phenyl]pyridazin-4(1H)-one
6 non-polymer 'PRASEODYMIUM ION'
7 non-polymer GLYCEROL
8 water water
#
_entity_poly.entity_id   1
_entity_poly.type   'polypeptide(L)'
_entity_poly.pdbx_seq_one_letter_code
;GSSICTSEEWQGLMQFTLPVRLCKEIELFHFDIGPFENMWPGIFVYMVHRSCGTSCFELEKL(CME)RFIMSVKKNYRRV
PYHNWKHAVTVAHCMYAILQNNHTLFTDLERKGLLIACLCHDLDHRGFSNSYLQKFDHPLAALYSTSTMEQHHFSQTVSI
LQLEGHNIFSTLSSSEYEQVLEIIRKAIIATDLALYFGNRKQLEEMYQTGSLNLNNQSHRDRVIGLMMTACDLCSVTKLW
PVTKLTANDIYAEFWAEGDEMKKLGIQPIPMMDRDKKDEVPQGQLGFYNAVAIPCYTTLTQILPPTEPLLKACRDNLSQW
EKVIRGEETATWISSPSVAQKAAASED
;
_entity_poly.pdbx_strand_id   A,B,C,D
#
loop_
_chem_comp.id
_chem_comp.type
_chem_comp.name
_chem_comp.formula
CL non-polymer 'CHLORIDE ION' 'Cl -1'
GOL non-polymer GLYCEROL 'C3 H8 O3'
KFO non-polymer 3-[1-(3-fluorophenyl)-1H-pyrazol-5-yl]-1-[3-(trifluoromethoxy)phenyl]pyridazin-4(1H)-one 'C20 H12 F4 N4 O2'
MG non-polymer 'MAGNESIUM ION' 'Mg 2'
PR non-polymer 'PRASEODYMIUM ION' 'Pr 3'
ZN non-polymer 'ZINC ION' 'Zn 2'
#
# COMPACT_ATOMS: atom_id res chain seq x y z
N GLY A 12 26.59 34.67 21.23
CA GLY A 12 25.59 35.04 22.27
C GLY A 12 24.40 35.84 21.71
N LEU A 13 24.55 36.50 20.56
CA LEU A 13 23.55 37.44 19.97
C LEU A 13 22.61 36.72 18.99
N MET A 14 22.34 35.43 19.20
CA MET A 14 21.44 34.61 18.35
C MET A 14 20.16 34.33 19.15
N GLN A 15 19.21 35.25 19.09
CA GLN A 15 17.82 35.06 19.59
C GLN A 15 17.07 34.16 18.62
N PHE A 16 16.35 33.17 19.13
CA PHE A 16 15.25 32.53 18.37
C PHE A 16 14.12 33.55 18.28
N THR A 17 13.47 33.62 17.11
CA THR A 17 12.30 34.50 16.87
C THR A 17 11.21 33.65 16.22
N LEU A 18 9.99 33.77 16.72
CA LEU A 18 8.82 33.03 16.22
C LEU A 18 8.05 33.97 15.30
N PRO A 19 7.28 33.43 14.33
CA PRO A 19 6.29 34.22 13.63
C PRO A 19 5.36 34.98 14.59
N VAL A 20 4.79 36.07 14.10
CA VAL A 20 4.05 37.07 14.91
C VAL A 20 2.94 36.37 15.72
N ARG A 21 2.06 35.56 15.11
CA ARG A 21 0.95 34.90 15.84
C ARG A 21 1.52 34.08 17.02
N LEU A 22 2.60 33.32 16.82
CA LEU A 22 3.17 32.46 17.88
C LEU A 22 3.84 33.34 18.93
N CYS A 23 4.60 34.33 18.48
CA CYS A 23 5.26 35.35 19.33
C CYS A 23 4.28 35.90 20.38
N LYS A 24 3.04 36.16 19.99
CA LYS A 24 1.98 36.77 20.85
C LYS A 24 1.27 35.70 21.67
N GLU A 25 0.81 34.63 21.02
CA GLU A 25 -0.03 33.58 21.66
C GLU A 25 0.83 32.74 22.63
N ILE A 26 2.15 32.61 22.41
CA ILE A 26 2.98 31.76 23.33
C ILE A 26 2.94 32.30 24.76
N GLU A 27 2.66 33.59 24.93
CA GLU A 27 2.62 34.27 26.24
C GLU A 27 1.37 33.87 27.01
N LEU A 28 0.35 33.38 26.31
CA LEU A 28 -0.97 33.02 26.88
C LEU A 28 -0.96 31.59 27.40
N PHE A 29 -1.67 31.35 28.49
CA PHE A 29 -1.75 30.03 29.16
C PHE A 29 -2.27 29.00 28.16
N HIS A 30 -3.28 29.36 27.34
CA HIS A 30 -4.05 28.40 26.50
C HIS A 30 -3.38 28.18 25.13
N PHE A 31 -2.17 28.66 24.92
CA PHE A 31 -1.39 28.41 23.69
C PHE A 31 -1.26 26.91 23.40
N ASP A 32 -1.47 26.53 22.15
CA ASP A 32 -1.26 25.17 21.61
C ASP A 32 -0.01 25.25 20.72
N ILE A 33 0.95 24.33 20.88
CA ILE A 33 2.28 24.44 20.19
C ILE A 33 2.14 24.01 18.72
N GLY A 34 1.01 23.44 18.33
CA GLY A 34 0.67 23.18 16.92
C GLY A 34 1.21 21.85 16.43
N PRO A 35 0.89 21.47 15.18
CA PRO A 35 1.20 20.13 14.65
C PRO A 35 2.56 20.00 13.95
N PHE A 36 3.34 21.08 13.89
CA PHE A 36 4.68 21.12 13.26
C PHE A 36 5.74 20.71 14.27
N GLU A 37 5.97 19.39 14.43
CA GLU A 37 6.98 18.77 15.33
C GLU A 37 8.32 19.53 15.30
N ASN A 38 8.78 19.93 14.12
CA ASN A 38 10.15 20.46 13.93
C ASN A 38 10.24 21.90 14.45
N MET A 39 9.13 22.55 14.79
CA MET A 39 9.18 23.87 15.48
C MET A 39 9.27 23.72 17.02
N TRP A 40 8.98 22.56 17.62
CA TRP A 40 8.86 22.44 19.10
C TRP A 40 10.20 22.74 19.78
N PRO A 41 11.36 22.26 19.28
CA PRO A 41 12.66 22.58 19.87
C PRO A 41 12.90 24.09 19.89
N GLY A 42 12.62 24.77 18.79
CA GLY A 42 12.79 26.23 18.68
C GLY A 42 11.88 26.96 19.66
N ILE A 43 10.64 26.48 19.80
CA ILE A 43 9.64 26.99 20.79
C ILE A 43 10.22 26.87 22.21
N PHE A 44 10.84 25.74 22.58
CA PHE A 44 11.40 25.55 23.94
C PHE A 44 12.60 26.48 24.15
N VAL A 45 13.52 26.55 23.20
CA VAL A 45 14.71 27.43 23.35
C VAL A 45 14.20 28.87 23.51
N TYR A 46 13.27 29.29 22.65
CA TYR A 46 12.63 30.63 22.72
C TYR A 46 12.16 30.85 24.16
N MET A 47 11.48 29.87 24.74
CA MET A 47 10.92 29.98 26.11
C MET A 47 12.05 30.01 27.15
N VAL A 48 13.09 29.19 26.98
CA VAL A 48 14.25 29.19 27.92
C VAL A 48 14.90 30.58 27.89
N HIS A 49 15.14 31.12 26.70
CA HIS A 49 15.79 32.44 26.50
C HIS A 49 15.02 33.58 27.19
N ARG A 50 13.68 33.62 27.12
CA ARG A 50 12.85 34.72 27.67
C ARG A 50 12.58 34.55 29.16
N SER A 51 12.65 33.31 29.64
CA SER A 51 12.26 32.87 31.00
C SER A 51 13.47 32.93 31.94
N CYS A 52 14.67 32.87 31.36
CA CYS A 52 15.92 32.52 32.08
C CYS A 52 17.09 33.38 31.56
N GLY A 53 17.20 33.53 30.25
CA GLY A 53 18.22 34.36 29.57
C GLY A 53 18.91 33.56 28.48
N THR A 54 19.57 34.23 27.56
CA THR A 54 20.30 33.58 26.43
C THR A 54 21.63 32.99 26.93
N SER A 55 21.98 33.28 28.18
CA SER A 55 23.28 32.97 28.82
C SER A 55 23.19 31.69 29.66
N CYS A 56 22.03 31.42 30.28
CA CYS A 56 21.90 30.36 31.32
C CYS A 56 22.34 29.01 30.74
N PHE A 57 22.19 28.78 29.43
CA PHE A 57 22.61 27.51 28.77
C PHE A 57 23.48 27.83 27.56
N GLU A 58 24.48 26.99 27.30
CA GLU A 58 25.24 26.98 26.02
C GLU A 58 24.33 26.36 24.94
N LEU A 59 24.08 27.09 23.86
CA LEU A 59 23.10 26.70 22.82
C LEU A 59 23.48 25.33 22.25
N GLU A 60 24.76 25.12 21.92
CA GLU A 60 25.30 23.83 21.40
C GLU A 60 24.86 22.71 22.36
N LYS A 61 25.05 22.89 23.68
CA LYS A 61 24.73 21.86 24.72
C LYS A 61 23.21 21.71 24.84
N LEU A 62 22.47 22.82 24.89
CA LEU A 62 20.99 22.80 25.10
C LEU A 62 20.35 22.02 23.95
N CME A 63 20.73 22.33 22.72
CA CME A 63 20.21 21.73 21.46
CB CME A 63 20.75 22.42 20.24
SG CME A 63 19.99 24.02 19.85
SD CME A 63 18.00 23.53 19.86
CE CME A 63 17.58 23.14 18.14
CZ CME A 63 16.60 24.15 17.60
OH CME A 63 16.00 23.69 16.41
C CME A 63 20.46 20.23 21.48
O CME A 63 19.55 19.46 21.18
N ARG A 64 21.67 19.82 21.86
CA ARG A 64 22.02 18.38 21.93
C ARG A 64 21.21 17.71 23.04
N PHE A 65 20.94 18.41 24.14
CA PHE A 65 20.09 17.92 25.25
C PHE A 65 18.65 17.72 24.74
N ILE A 66 18.06 18.76 24.14
CA ILE A 66 16.65 18.73 23.62
C ILE A 66 16.46 17.53 22.69
N MET A 67 17.36 17.33 21.73
CA MET A 67 17.22 16.29 20.69
C MET A 67 17.39 14.90 21.31
N SER A 68 18.23 14.76 22.33
CA SER A 68 18.34 13.49 23.08
C SER A 68 17.08 13.27 23.91
N VAL A 69 16.50 14.32 24.52
CA VAL A 69 15.25 14.15 25.31
C VAL A 69 14.15 13.73 24.35
N LYS A 70 14.03 14.42 23.22
CA LYS A 70 13.03 14.08 22.19
C LYS A 70 13.17 12.59 21.83
N LYS A 71 14.39 12.15 21.57
CA LYS A 71 14.69 10.77 21.10
C LYS A 71 14.19 9.75 22.12
N ASN A 72 14.09 10.10 23.42
CA ASN A 72 13.80 9.16 24.53
C ASN A 72 12.32 9.20 24.94
N TYR A 73 11.51 10.08 24.32
CA TYR A 73 10.02 10.04 24.31
C TYR A 73 9.55 9.10 23.20
N ARG A 74 8.60 8.25 23.52
CA ARG A 74 8.18 7.15 22.63
C ARG A 74 7.00 7.63 21.80
N ARG A 75 6.58 6.80 20.85
CA ARG A 75 5.50 7.12 19.88
C ARG A 75 4.19 6.58 20.45
N VAL A 76 3.78 7.11 21.60
CA VAL A 76 2.52 6.72 22.29
C VAL A 76 1.52 7.84 22.01
N PRO A 77 0.21 7.57 22.12
CA PRO A 77 -0.81 8.57 21.75
C PRO A 77 -0.76 9.89 22.52
N TYR A 78 -0.41 9.84 23.81
CA TYR A 78 -0.49 11.04 24.67
C TYR A 78 0.85 11.33 25.33
N HIS A 79 1.45 10.37 26.04
CA HIS A 79 2.68 10.59 26.86
C HIS A 79 3.92 10.66 25.97
N ASN A 80 3.93 11.65 25.10
CA ASN A 80 4.87 11.76 23.96
C ASN A 80 5.56 13.13 24.02
N TRP A 81 6.41 13.38 23.04
CA TRP A 81 7.26 14.58 22.95
C TRP A 81 6.39 15.84 22.96
N LYS A 82 5.25 15.85 22.26
CA LYS A 82 4.30 17.01 22.28
C LYS A 82 3.82 17.31 23.72
N HIS A 83 3.52 16.29 24.52
CA HIS A 83 3.09 16.48 25.94
C HIS A 83 4.20 17.19 26.71
N ALA A 84 5.44 16.72 26.54
CA ALA A 84 6.65 17.26 27.20
C ALA A 84 6.75 18.76 26.93
N VAL A 85 6.63 19.17 25.67
CA VAL A 85 6.81 20.60 25.28
C VAL A 85 5.57 21.39 25.73
N THR A 86 4.40 20.77 25.62
CA THR A 86 3.15 21.40 26.11
C THR A 86 3.31 21.69 27.61
N VAL A 87 3.82 20.74 28.39
CA VAL A 87 3.92 20.91 29.87
C VAL A 87 4.96 22.00 30.18
N ALA A 88 6.09 22.01 29.47
CA ALA A 88 7.12 23.07 29.60
C ALA A 88 6.51 24.42 29.27
N HIS A 89 5.64 24.49 28.27
CA HIS A 89 5.03 25.79 27.89
C HIS A 89 4.17 26.32 29.05
N CYS A 90 3.31 25.51 29.64
CA CYS A 90 2.48 25.96 30.77
C CYS A 90 3.38 26.51 31.90
N MET A 91 4.50 25.84 32.21
CA MET A 91 5.44 26.29 33.27
C MET A 91 6.05 27.63 32.85
N TYR A 92 6.34 27.80 31.55
CA TYR A 92 6.86 29.07 31.00
C TYR A 92 5.87 30.19 31.30
N ALA A 93 4.58 29.94 31.06
CA ALA A 93 3.49 30.93 31.29
C ALA A 93 3.38 31.29 32.77
N ILE A 94 3.54 30.31 33.66
CA ILE A 94 3.46 30.54 35.14
C ILE A 94 4.66 31.40 35.58
N LEU A 95 5.87 31.03 35.15
CA LEU A 95 7.13 31.73 35.49
C LEU A 95 7.08 33.17 34.95
N GLN A 96 6.60 33.36 33.73
CA GLN A 96 6.55 34.68 33.07
C GLN A 96 5.47 35.56 33.73
N ASN A 97 4.41 34.99 34.28
CA ASN A 97 3.33 35.75 34.98
C ASN A 97 3.63 35.92 36.47
N ASN A 98 4.74 35.35 36.99
CA ASN A 98 5.16 35.39 38.42
C ASN A 98 6.66 35.68 38.49
N HIS A 99 7.09 36.71 37.78
CA HIS A 99 8.49 37.09 37.44
C HIS A 99 9.38 37.09 38.69
N THR A 100 8.97 37.78 39.76
CA THR A 100 9.88 38.06 40.90
C THR A 100 9.86 36.94 41.94
N LEU A 101 9.00 35.92 41.82
CA LEU A 101 8.78 34.93 42.91
C LEU A 101 9.83 33.81 42.85
N PHE A 102 10.55 33.63 41.74
CA PHE A 102 11.33 32.39 41.51
C PHE A 102 12.79 32.74 41.30
N THR A 103 13.68 31.96 41.92
CA THR A 103 15.14 32.18 41.89
C THR A 103 15.64 31.92 40.47
N ASP A 104 16.91 32.24 40.20
CA ASP A 104 17.55 32.00 38.88
C ASP A 104 17.56 30.49 38.64
N LEU A 105 17.89 29.70 39.68
CA LEU A 105 18.09 28.23 39.58
C LEU A 105 16.73 27.55 39.34
N GLU A 106 15.67 28.10 39.91
CA GLU A 106 14.31 27.49 39.82
C GLU A 106 13.82 27.59 38.37
N ARG A 107 14.12 28.69 37.68
CA ARG A 107 13.63 28.96 36.31
C ARG A 107 14.39 28.04 35.33
N LYS A 108 15.69 27.85 35.54
CA LYS A 108 16.56 26.86 34.83
C LYS A 108 16.05 25.43 35.05
N GLY A 109 15.83 25.04 36.31
CA GLY A 109 15.45 23.68 36.70
C GLY A 109 14.08 23.30 36.18
N LEU A 110 13.08 24.16 36.42
CA LEU A 110 11.66 23.80 36.25
C LEU A 110 11.31 23.59 34.77
N LEU A 111 11.84 24.38 33.84
CA LEU A 111 11.55 24.21 32.39
C LEU A 111 12.13 22.89 31.89
N ILE A 112 13.34 22.57 32.37
CA ILE A 112 14.05 21.29 32.08
C ILE A 112 13.27 20.17 32.77
N ALA A 113 12.86 20.37 34.02
CA ALA A 113 12.08 19.35 34.75
C ALA A 113 10.84 18.96 33.91
N CYS A 114 10.14 19.95 33.37
CA CYS A 114 8.86 19.76 32.64
C CYS A 114 9.10 19.02 31.34
N LEU A 115 10.12 19.41 30.60
CA LEU A 115 10.47 18.76 29.33
C LEU A 115 10.79 17.28 29.58
N CYS A 116 11.42 16.99 30.73
CA CYS A 116 11.96 15.63 31.04
C CYS A 116 10.98 14.78 31.86
N HIS A 117 9.82 15.30 32.25
CA HIS A 117 9.05 14.74 33.38
C HIS A 117 8.40 13.40 33.01
N ASP A 118 8.23 13.05 31.73
CA ASP A 118 7.62 11.77 31.30
C ASP A 118 8.57 10.99 30.36
N LEU A 119 9.86 11.28 30.42
CA LEU A 119 10.93 10.57 29.65
C LEU A 119 10.72 9.03 29.66
N ASP A 120 10.63 8.45 28.47
CA ASP A 120 10.59 6.99 28.26
C ASP A 120 9.29 6.41 28.82
N HIS A 121 8.23 7.20 28.88
CA HIS A 121 6.87 6.73 29.24
C HIS A 121 6.41 5.72 28.19
N ARG A 122 5.79 4.62 28.61
CA ARG A 122 5.33 3.55 27.70
CA ARG A 122 5.33 3.55 27.69
C ARG A 122 3.81 3.68 27.48
N GLY A 123 3.15 4.61 28.16
CA GLY A 123 1.71 4.89 28.06
C GLY A 123 0.91 4.15 29.11
N PHE A 124 1.59 3.64 30.15
CA PHE A 124 0.97 2.80 31.20
C PHE A 124 1.18 3.42 32.59
N SER A 125 0.20 3.23 33.46
CA SER A 125 0.20 3.78 34.84
C SER A 125 1.13 2.96 35.76
N ASN A 126 1.58 3.55 36.85
CA ASN A 126 2.36 2.86 37.91
C ASN A 126 1.64 1.56 38.27
N SER A 127 0.30 1.61 38.35
CA SER A 127 -0.58 0.50 38.77
C SER A 127 -0.41 -0.68 37.81
N TYR A 128 -0.41 -0.43 36.50
CA TYR A 128 -0.23 -1.50 35.49
C TYR A 128 1.15 -2.15 35.63
N LEU A 129 2.21 -1.35 35.82
CA LEU A 129 3.59 -1.86 36.06
C LEU A 129 3.59 -2.82 37.25
N GLN A 130 2.87 -2.48 38.33
CA GLN A 130 2.87 -3.29 39.57
C GLN A 130 2.10 -4.59 39.28
N LYS A 131 0.96 -4.53 38.64
CA LYS A 131 0.16 -5.76 38.41
C LYS A 131 0.87 -6.64 37.38
N PHE A 132 1.52 -6.05 36.39
CA PHE A 132 2.29 -6.81 35.39
C PHE A 132 3.53 -7.44 36.04
N ASP A 133 4.05 -6.82 37.09
CA ASP A 133 5.29 -7.18 37.82
C ASP A 133 6.48 -6.78 36.94
N HIS A 134 6.44 -5.56 36.37
CA HIS A 134 7.56 -4.97 35.57
C HIS A 134 8.77 -4.78 36.45
N PRO A 135 10.01 -5.06 35.98
CA PRO A 135 11.22 -4.82 36.75
C PRO A 135 11.31 -3.43 37.39
N LEU A 136 10.79 -2.39 36.73
CA LEU A 136 10.81 -1.01 37.28
C LEU A 136 10.03 -0.97 38.60
N ALA A 137 8.97 -1.77 38.74
CA ALA A 137 8.14 -1.81 39.95
C ALA A 137 8.93 -2.46 41.11
N ALA A 138 9.93 -3.30 40.81
CA ALA A 138 10.89 -3.87 41.80
C ALA A 138 11.97 -2.85 42.15
N LEU A 139 12.43 -2.06 41.19
CA LEU A 139 13.47 -1.03 41.41
C LEU A 139 12.91 0.15 42.21
N TYR A 140 11.65 0.55 41.95
CA TYR A 140 11.00 1.74 42.56
C TYR A 140 9.58 1.37 42.99
N SER A 141 9.36 1.16 44.28
CA SER A 141 8.11 0.57 44.84
C SER A 141 6.98 1.61 44.82
N THR A 142 7.28 2.90 45.00
CA THR A 142 6.31 3.99 44.79
C THR A 142 6.83 4.96 43.74
N SER A 143 5.93 5.78 43.21
CA SER A 143 6.18 6.76 42.12
C SER A 143 7.06 6.08 41.05
N THR A 144 6.66 4.90 40.57
CA THR A 144 7.56 3.99 39.80
C THR A 144 8.06 4.72 38.53
N MET A 145 7.15 5.12 37.64
CA MET A 145 7.54 5.77 36.37
C MET A 145 8.26 7.09 36.67
N GLU A 146 7.87 7.79 37.73
CA GLU A 146 8.40 9.16 37.98
C GLU A 146 9.87 9.04 38.39
N GLN A 147 10.23 8.00 39.14
CA GLN A 147 11.64 7.76 39.53
C GLN A 147 12.43 7.39 38.27
N HIS A 148 11.83 6.60 37.40
CA HIS A 148 12.40 6.23 36.09
C HIS A 148 12.62 7.50 35.27
N HIS A 149 11.63 8.40 35.21
CA HIS A 149 11.72 9.65 34.42
C HIS A 149 12.93 10.45 34.90
N PHE A 150 13.14 10.52 36.21
CA PHE A 150 14.26 11.32 36.77
C PHE A 150 15.60 10.63 36.42
N SER A 151 15.62 9.31 36.50
CA SER A 151 16.79 8.46 36.19
C SER A 151 17.24 8.74 34.76
N GLN A 152 16.28 8.79 33.82
CA GLN A 152 16.55 9.04 32.39
C GLN A 152 17.08 10.46 32.19
N THR A 153 16.58 11.41 32.96
CA THR A 153 17.00 12.82 32.88
C THR A 153 18.49 12.91 33.21
N VAL A 154 18.87 12.30 34.33
CA VAL A 154 20.29 12.29 34.83
C VAL A 154 21.18 11.59 33.79
N SER A 155 20.75 10.45 33.25
CA SER A 155 21.53 9.67 32.25
C SER A 155 21.80 10.53 31.03
N ILE A 156 20.77 11.21 30.51
CA ILE A 156 20.89 12.11 29.35
C ILE A 156 21.79 13.29 29.74
N LEU A 157 21.61 13.90 30.91
CA LEU A 157 22.54 14.99 31.36
C LEU A 157 24.01 14.52 31.28
N GLN A 158 24.27 13.23 31.52
CA GLN A 158 25.65 12.69 31.68
C GLN A 158 26.21 12.19 30.35
N LEU A 159 25.46 12.27 29.25
CA LEU A 159 26.03 12.04 27.90
C LEU A 159 27.04 13.15 27.63
N GLU A 160 28.11 12.84 26.91
CA GLU A 160 29.13 13.86 26.56
C GLU A 160 28.51 14.98 25.75
N GLY A 161 28.82 16.22 26.11
CA GLY A 161 28.33 17.43 25.44
C GLY A 161 26.89 17.77 25.79
N HIS A 162 26.28 17.06 26.76
CA HIS A 162 24.85 17.22 27.13
C HIS A 162 24.69 17.92 28.47
N ASN A 163 25.78 18.18 29.20
CA ASN A 163 25.64 18.75 30.57
C ASN A 163 25.42 20.26 30.49
N ILE A 164 24.16 20.66 30.40
CA ILE A 164 23.72 22.08 30.23
C ILE A 164 23.95 22.85 31.52
N PHE A 165 24.34 22.18 32.62
CA PHE A 165 24.51 22.80 33.96
C PHE A 165 26.00 22.89 34.32
N SER A 166 26.89 22.49 33.41
CA SER A 166 28.33 22.31 33.70
C SER A 166 28.95 23.62 34.21
N THR A 167 28.38 24.79 33.90
CA THR A 167 28.93 26.10 34.39
C THR A 167 28.30 26.51 35.73
N LEU A 168 27.47 25.67 36.36
CA LEU A 168 27.04 25.86 37.78
C LEU A 168 28.18 25.41 38.69
N SER A 169 28.31 26.00 39.88
CA SER A 169 29.15 25.49 41.01
C SER A 169 28.59 24.15 41.47
N SER A 170 29.37 23.42 42.28
CA SER A 170 29.03 22.06 42.75
C SER A 170 27.70 22.08 43.53
N SER A 171 27.43 23.14 44.31
CA SER A 171 26.25 23.23 45.22
C SER A 171 25.04 23.73 44.43
N GLU A 172 25.24 24.73 43.56
CA GLU A 172 24.23 25.20 42.58
C GLU A 172 23.78 23.99 41.73
N TYR A 173 24.71 23.14 41.32
CA TYR A 173 24.44 21.94 40.48
C TYR A 173 23.59 20.97 41.29
N GLU A 174 23.99 20.68 42.53
CA GLU A 174 23.26 19.76 43.44
C GLU A 174 21.84 20.30 43.72
N GLN A 175 21.69 21.61 43.82
CA GLN A 175 20.40 22.26 44.10
C GLN A 175 19.46 22.07 42.90
N VAL A 176 19.94 22.35 41.69
CA VAL A 176 19.08 22.31 40.47
C VAL A 176 18.64 20.86 40.25
N LEU A 177 19.51 19.85 40.45
CA LEU A 177 19.12 18.43 40.24
C LEU A 177 18.12 18.06 41.33
N GLU A 178 18.20 18.70 42.50
CA GLU A 178 17.26 18.40 43.61
C GLU A 178 15.88 19.02 43.27
N ILE A 179 15.86 20.26 42.76
CA ILE A 179 14.65 20.91 42.17
C ILE A 179 14.01 19.97 41.14
N ILE A 180 14.80 19.47 40.20
CA ILE A 180 14.31 18.63 39.06
C ILE A 180 13.75 17.31 39.61
N ARG A 181 14.47 16.65 40.54
CA ARG A 181 14.01 15.38 41.15
C ARG A 181 12.66 15.59 41.82
N LYS A 182 12.57 16.55 42.75
CA LYS A 182 11.28 16.80 43.47
C LYS A 182 10.20 17.18 42.45
N ALA A 183 10.54 17.99 41.43
CA ALA A 183 9.55 18.49 40.44
C ALA A 183 8.96 17.29 39.71
N ILE A 184 9.82 16.35 39.31
CA ILE A 184 9.38 15.19 38.49
C ILE A 184 8.59 14.21 39.36
N ILE A 185 9.08 13.92 40.57
CA ILE A 185 8.36 13.05 41.54
C ILE A 185 6.96 13.61 41.80
N ALA A 186 6.80 14.94 41.87
CA ALA A 186 5.52 15.61 42.18
C ALA A 186 4.45 15.30 41.12
N THR A 187 4.87 14.97 39.88
CA THR A 187 3.92 14.71 38.76
C THR A 187 3.28 13.34 38.95
N ASP A 188 3.65 12.61 40.00
CA ASP A 188 2.92 11.38 40.44
C ASP A 188 1.60 11.85 41.07
N LEU A 189 0.52 11.76 40.30
CA LEU A 189 -0.79 12.31 40.72
C LEU A 189 -1.22 11.72 42.08
N ALA A 190 -0.79 10.49 42.43
CA ALA A 190 -1.09 9.87 43.73
C ALA A 190 -0.58 10.81 44.83
N LEU A 191 0.52 11.54 44.62
CA LEU A 191 1.07 12.46 45.65
C LEU A 191 0.38 13.83 45.62
N TYR A 192 -0.29 14.21 44.54
CA TYR A 192 -0.94 15.55 44.39
C TYR A 192 -1.96 15.79 45.51
N PHE A 193 -2.81 14.81 45.80
CA PHE A 193 -3.99 14.98 46.69
C PHE A 193 -3.55 15.53 48.05
N GLY A 194 -2.65 14.80 48.72
CA GLY A 194 -2.04 15.20 50.01
C GLY A 194 -1.32 16.52 49.86
N ASN A 195 -0.57 16.73 48.79
CA ASN A 195 0.20 17.98 48.60
C ASN A 195 -0.77 19.18 48.60
N ARG A 196 -1.84 19.10 47.81
CA ARG A 196 -2.81 20.21 47.68
C ARG A 196 -3.54 20.43 49.03
N LYS A 197 -3.98 19.35 49.69
CA LYS A 197 -4.65 19.41 51.01
C LYS A 197 -3.78 20.22 51.98
N GLN A 198 -2.49 19.93 52.04
CA GLN A 198 -1.55 20.61 52.94
C GLN A 198 -1.42 22.07 52.55
N LEU A 199 -1.30 22.35 51.24
CA LEU A 199 -1.18 23.74 50.74
C LEU A 199 -2.46 24.51 51.07
N GLU A 200 -3.63 23.87 50.92
CA GLU A 200 -4.95 24.47 51.26
C GLU A 200 -4.88 24.90 52.73
N GLU A 201 -4.57 23.97 53.66
CA GLU A 201 -4.48 24.22 55.12
C GLU A 201 -3.51 25.39 55.38
N MET A 202 -2.29 25.33 54.84
CA MET A 202 -1.26 26.38 55.07
C MET A 202 -1.76 27.73 54.55
N TYR A 203 -2.49 27.72 53.45
CA TYR A 203 -3.03 28.98 52.87
C TYR A 203 -4.14 29.55 53.77
N GLN A 204 -5.07 28.68 54.21
CA GLN A 204 -6.25 29.02 55.07
C GLN A 204 -5.79 29.50 56.45
N THR A 205 -4.87 28.80 57.13
CA THR A 205 -4.33 29.21 58.47
C THR A 205 -3.34 30.38 58.32
N GLY A 206 -2.90 30.70 57.10
CA GLY A 206 -1.90 31.78 56.85
C GLY A 206 -0.50 31.40 57.31
N SER A 207 -0.19 30.11 57.46
CA SER A 207 1.17 29.59 57.79
C SER A 207 2.04 29.43 56.53
N LEU A 208 1.53 29.69 55.33
CA LEU A 208 2.30 29.48 54.07
C LEU A 208 3.38 30.54 53.96
N ASN A 209 4.63 30.11 53.87
CA ASN A 209 5.82 31.00 53.88
C ASN A 209 6.77 30.56 52.75
N LEU A 210 6.90 31.36 51.70
CA LEU A 210 7.71 30.97 50.50
C LEU A 210 9.21 31.03 50.82
N ASN A 211 9.62 31.53 52.00
CA ASN A 211 11.03 31.47 52.47
C ASN A 211 11.31 30.10 53.13
N ASN A 212 10.28 29.40 53.62
CA ASN A 212 10.39 28.00 54.04
C ASN A 212 10.61 27.13 52.79
N GLN A 213 11.78 26.50 52.67
CA GLN A 213 12.10 25.63 51.51
C GLN A 213 11.04 24.52 51.38
N SER A 214 10.59 23.91 52.47
CA SER A 214 9.67 22.75 52.37
C SER A 214 8.30 23.23 51.85
N HIS A 215 8.01 24.53 52.03
CA HIS A 215 6.78 25.19 51.53
C HIS A 215 6.90 25.46 50.04
N ARG A 216 8.02 26.04 49.60
CA ARG A 216 8.38 26.23 48.18
C ARG A 216 8.29 24.91 47.43
N ASP A 217 8.86 23.83 47.98
CA ASP A 217 8.83 22.50 47.37
C ASP A 217 7.38 22.14 47.08
N ARG A 218 6.50 22.34 48.07
CA ARG A 218 5.06 22.00 47.94
C ARG A 218 4.42 22.82 46.82
N VAL A 219 4.71 24.13 46.79
CA VAL A 219 4.18 25.09 45.78
C VAL A 219 4.71 24.68 44.40
N ILE A 220 5.99 24.31 44.31
CA ILE A 220 6.59 23.81 43.03
C ILE A 220 5.88 22.50 42.62
N GLY A 221 5.68 21.56 43.53
CA GLY A 221 4.90 20.34 43.22
C GLY A 221 3.54 20.65 42.62
N LEU A 222 2.82 21.62 43.16
CA LEU A 222 1.46 21.97 42.66
C LEU A 222 1.55 22.59 41.27
N MET A 223 2.51 23.48 41.03
CA MET A 223 2.79 24.04 39.68
C MET A 223 3.01 22.90 38.67
N MET A 224 3.72 21.84 39.08
CA MET A 224 3.99 20.65 38.24
C MET A 224 2.69 19.93 37.94
N THR A 225 1.84 19.66 38.95
CA THR A 225 0.51 19.07 38.70
C THR A 225 -0.26 19.98 37.72
N ALA A 226 -0.24 21.30 37.95
CA ALA A 226 -0.98 22.27 37.10
C ALA A 226 -0.46 22.23 35.66
N CYS A 227 0.85 22.28 35.44
CA CYS A 227 1.45 22.23 34.08
C CYS A 227 1.13 20.88 33.44
N ASP A 228 1.24 19.81 34.21
CA ASP A 228 1.03 18.42 33.71
C ASP A 228 -0.39 18.23 33.22
N LEU A 229 -1.37 18.85 33.90
CA LEU A 229 -2.81 18.58 33.61
C LEU A 229 -3.33 19.62 32.61
N CYS A 230 -2.46 20.47 32.05
CA CYS A 230 -2.86 21.73 31.37
C CYS A 230 -3.67 21.46 30.09
N SER A 231 -3.80 20.23 29.60
CA SER A 231 -4.66 19.97 28.42
C SER A 231 -6.11 20.38 28.76
N VAL A 232 -6.48 20.37 30.04
CA VAL A 232 -7.85 20.71 30.51
C VAL A 232 -8.01 22.24 30.60
N THR A 233 -6.98 23.04 30.31
CA THR A 233 -7.01 24.53 30.42
C THR A 233 -6.91 25.16 29.02
N LYS A 234 -7.03 24.36 27.96
CA LYS A 234 -6.93 24.87 26.57
C LYS A 234 -8.32 25.25 26.08
N LEU A 235 -8.39 25.87 24.91
CA LEU A 235 -9.68 26.05 24.21
C LEU A 235 -10.31 24.68 24.04
N TRP A 236 -11.64 24.61 24.11
CA TRP A 236 -12.44 23.37 24.10
C TRP A 236 -12.04 22.43 22.96
N PRO A 237 -11.80 22.91 21.71
CA PRO A 237 -11.41 22.00 20.63
C PRO A 237 -10.08 21.27 20.90
N VAL A 238 -9.10 21.94 21.55
CA VAL A 238 -7.79 21.33 21.91
C VAL A 238 -8.03 20.30 23.01
N THR A 239 -8.72 20.72 24.07
CA THR A 239 -9.06 19.89 25.25
C THR A 239 -9.80 18.62 24.78
N LYS A 240 -10.82 18.80 23.96
CA LYS A 240 -11.67 17.70 23.48
C LYS A 240 -10.81 16.76 22.61
N LEU A 241 -9.94 17.29 21.76
CA LEU A 241 -9.15 16.43 20.84
C LEU A 241 -8.03 15.75 21.63
N THR A 242 -7.41 16.42 22.60
CA THR A 242 -6.41 15.78 23.51
C THR A 242 -7.04 14.62 24.30
N ALA A 243 -8.30 14.72 24.71
CA ALA A 243 -8.98 13.68 25.52
C ALA A 243 -8.92 12.34 24.78
N ASN A 244 -9.04 12.37 23.45
CA ASN A 244 -8.98 11.13 22.61
C ASN A 244 -7.63 10.45 22.79
N ASP A 245 -6.55 11.23 22.78
CA ASP A 245 -5.17 10.71 22.97
C ASP A 245 -5.10 10.15 24.40
N ILE A 246 -5.64 10.89 25.36
CA ILE A 246 -5.56 10.44 26.78
C ILE A 246 -6.26 9.09 26.88
N TYR A 247 -7.44 8.96 26.30
CA TYR A 247 -8.31 7.76 26.49
C TYR A 247 -7.80 6.61 25.63
N ALA A 248 -7.12 6.89 24.51
CA ALA A 248 -6.47 5.87 23.66
C ALA A 248 -5.46 5.09 24.50
N GLU A 249 -4.70 5.77 25.37
CA GLU A 249 -3.73 5.09 26.27
C GLU A 249 -4.48 4.35 27.37
N PHE A 250 -5.46 4.98 28.00
CA PHE A 250 -6.25 4.36 29.10
C PHE A 250 -6.80 3.02 28.59
N TRP A 251 -7.44 3.05 27.43
CA TRP A 251 -8.13 1.87 26.85
C TRP A 251 -7.12 0.79 26.46
N ALA A 252 -5.93 1.16 25.95
CA ALA A 252 -4.83 0.20 25.69
C ALA A 252 -4.40 -0.43 27.02
N GLU A 253 -4.31 0.35 28.08
CA GLU A 253 -3.98 -0.19 29.44
C GLU A 253 -5.10 -1.13 29.88
N GLY A 254 -6.35 -0.75 29.62
CA GLY A 254 -7.53 -1.57 29.96
C GLY A 254 -7.43 -2.94 29.33
N ASP A 255 -7.02 -2.95 28.06
CA ASP A 255 -6.85 -4.17 27.25
C ASP A 255 -5.78 -5.05 27.90
N GLU A 256 -4.67 -4.44 28.31
CA GLU A 256 -3.51 -5.16 28.90
C GLU A 256 -3.89 -5.71 30.28
N MET A 257 -4.75 -5.01 31.03
CA MET A 257 -5.33 -5.50 32.31
C MET A 257 -6.16 -6.77 32.01
N LYS A 258 -7.05 -6.73 31.02
CA LYS A 258 -7.91 -7.89 30.70
C LYS A 258 -7.02 -9.07 30.31
N LYS A 259 -5.91 -8.81 29.64
CA LYS A 259 -4.90 -9.83 29.30
C LYS A 259 -4.26 -10.44 30.56
N LEU A 260 -4.10 -9.68 31.65
CA LEU A 260 -3.62 -10.24 32.95
C LEU A 260 -4.77 -10.92 33.71
N GLY A 261 -5.98 -11.00 33.14
CA GLY A 261 -7.16 -11.58 33.80
C GLY A 261 -7.74 -10.67 34.88
N ILE A 262 -7.66 -9.35 34.69
CA ILE A 262 -8.19 -8.32 35.64
C ILE A 262 -9.21 -7.43 34.91
N GLN A 263 -10.41 -7.28 35.45
CA GLN A 263 -11.38 -6.26 34.99
C GLN A 263 -10.77 -4.91 35.30
N PRO A 264 -10.57 -4.04 34.29
CA PRO A 264 -10.03 -2.72 34.57
C PRO A 264 -11.13 -1.81 35.14
N ILE A 265 -10.73 -0.77 35.88
CA ILE A 265 -11.64 0.34 36.28
C ILE A 265 -12.32 0.84 35.01
N PRO A 266 -13.57 1.35 35.07
CA PRO A 266 -14.30 1.79 33.88
C PRO A 266 -13.60 2.85 33.01
N MET A 267 -12.83 3.76 33.62
CA MET A 267 -12.04 4.81 32.92
C MET A 267 -11.22 4.18 31.77
N MET A 268 -10.71 2.96 31.97
CA MET A 268 -9.77 2.25 31.07
C MET A 268 -10.50 1.16 30.26
N ASP A 269 -11.80 0.95 30.47
CA ASP A 269 -12.54 -0.09 29.71
C ASP A 269 -13.15 0.57 28.48
N ARG A 270 -12.75 0.14 27.28
CA ARG A 270 -13.23 0.74 26.01
C ARG A 270 -14.66 0.29 25.74
N ASP A 271 -15.19 -0.66 26.51
CA ASP A 271 -16.62 -1.05 26.45
C ASP A 271 -17.47 0.00 27.16
N LYS A 272 -16.88 0.75 28.10
CA LYS A 272 -17.60 1.76 28.92
C LYS A 272 -17.27 3.17 28.39
N LYS A 273 -17.14 3.28 27.06
CA LYS A 273 -16.77 4.52 26.33
C LYS A 273 -17.85 5.59 26.48
N ASP A 274 -19.12 5.19 26.58
CA ASP A 274 -20.32 6.03 26.90
C ASP A 274 -20.12 6.83 28.21
N GLU A 275 -19.39 6.29 29.20
CA GLU A 275 -19.27 6.85 30.58
C GLU A 275 -18.20 7.94 30.66
N VAL A 276 -17.51 8.21 29.55
CA VAL A 276 -16.32 9.11 29.51
C VAL A 276 -16.75 10.51 29.92
N PRO A 277 -17.84 11.08 29.36
CA PRO A 277 -18.26 12.43 29.77
C PRO A 277 -18.47 12.58 31.29
N GLN A 278 -19.08 11.60 31.96
CA GLN A 278 -19.31 11.65 33.43
C GLN A 278 -17.96 11.51 34.16
N GLY A 279 -17.07 10.63 33.68
CA GLY A 279 -15.71 10.42 34.24
C GLY A 279 -14.83 11.67 34.15
N GLN A 280 -14.96 12.46 33.09
CA GLN A 280 -14.31 13.80 32.94
C GLN A 280 -14.84 14.78 33.98
N LEU A 281 -16.16 14.83 34.22
CA LEU A 281 -16.75 15.65 35.32
C LEU A 281 -16.03 15.31 36.64
N GLY A 282 -15.96 14.01 36.98
CA GLY A 282 -15.36 13.53 38.23
C GLY A 282 -13.93 14.02 38.35
N PHE A 283 -13.17 13.87 37.25
CA PHE A 283 -11.75 14.32 37.14
C PHE A 283 -11.64 15.84 37.31
N TYR A 284 -12.50 16.62 36.62
CA TYR A 284 -12.51 18.10 36.77
C TYR A 284 -12.84 18.45 38.22
N ASN A 285 -13.87 17.80 38.80
CA ASN A 285 -14.37 18.11 40.17
C ASN A 285 -13.37 17.61 41.22
N ALA A 286 -12.85 16.39 41.10
CA ALA A 286 -11.96 15.77 42.11
C ALA A 286 -10.52 16.29 42.02
N VAL A 287 -10.03 16.62 40.83
CA VAL A 287 -8.56 16.81 40.60
C VAL A 287 -8.29 18.21 40.04
N ALA A 288 -8.75 18.49 38.82
CA ALA A 288 -8.34 19.67 38.02
C ALA A 288 -8.76 20.97 38.72
N ILE A 289 -10.06 21.13 39.03
CA ILE A 289 -10.58 22.42 39.59
C ILE A 289 -9.88 22.71 40.92
N PRO A 290 -9.86 21.77 41.88
CA PRO A 290 -9.14 21.99 43.14
C PRO A 290 -7.68 22.40 42.96
N CYS A 291 -6.99 21.78 41.99
CA CYS A 291 -5.58 22.05 41.68
C CYS A 291 -5.42 23.53 41.28
N TYR A 292 -6.20 23.99 40.32
CA TYR A 292 -6.09 25.37 39.78
C TYR A 292 -6.62 26.41 40.79
N THR A 293 -7.65 26.06 41.57
CA THR A 293 -8.16 26.91 42.69
C THR A 293 -6.98 27.22 43.64
N THR A 294 -6.34 26.19 44.19
CA THR A 294 -5.25 26.36 45.20
C THR A 294 -4.07 27.09 44.54
N LEU A 295 -3.82 26.85 43.24
CA LEU A 295 -2.69 27.53 42.55
C LEU A 295 -3.03 29.00 42.40
N THR A 296 -4.29 29.32 42.12
CA THR A 296 -4.76 30.72 41.98
C THR A 296 -4.67 31.42 43.35
N GLN A 297 -5.04 30.73 44.43
CA GLN A 297 -4.92 31.28 45.81
C GLN A 297 -3.46 31.62 46.11
N ILE A 298 -2.52 30.74 45.77
CA ILE A 298 -1.08 30.92 46.10
C ILE A 298 -0.46 31.89 45.09
N LEU A 299 -0.74 31.73 43.78
CA LEU A 299 -0.17 32.61 42.71
C LEU A 299 -1.30 33.25 41.91
N PRO A 300 -1.82 34.41 42.37
CA PRO A 300 -3.00 35.00 41.74
C PRO A 300 -2.94 35.11 40.22
N PRO A 301 -1.82 35.50 39.60
CA PRO A 301 -1.77 35.59 38.14
C PRO A 301 -1.94 34.30 37.31
N THR A 302 -2.20 33.13 37.92
CA THR A 302 -2.46 31.86 37.19
C THR A 302 -3.97 31.62 37.08
N GLU A 303 -4.76 32.67 37.37
CA GLU A 303 -6.24 32.57 37.40
C GLU A 303 -6.76 32.14 36.04
N PRO A 304 -6.16 32.58 34.90
CA PRO A 304 -6.63 32.18 33.57
C PRO A 304 -6.71 30.65 33.42
N LEU A 305 -5.85 29.88 34.11
CA LEU A 305 -5.85 28.39 34.08
C LEU A 305 -7.13 27.91 34.74
N LEU A 306 -7.51 28.49 35.89
CA LEU A 306 -8.79 28.14 36.60
C LEU A 306 -10.00 28.48 35.73
N LYS A 307 -10.01 29.68 35.15
CA LYS A 307 -11.14 30.16 34.32
C LYS A 307 -11.33 29.21 33.11
N ALA A 308 -10.23 28.88 32.42
CA ALA A 308 -10.23 27.99 31.25
C ALA A 308 -10.69 26.58 31.68
N CYS A 309 -10.16 26.10 32.80
CA CYS A 309 -10.56 24.78 33.35
C CYS A 309 -12.08 24.76 33.60
N ARG A 310 -12.61 25.79 34.28
CA ARG A 310 -14.08 25.89 34.57
C ARG A 310 -14.90 25.88 33.27
N ASP A 311 -14.44 26.62 32.25
CA ASP A 311 -15.15 26.70 30.93
C ASP A 311 -15.28 25.29 30.34
N ASN A 312 -14.20 24.49 30.42
CA ASN A 312 -14.15 23.11 29.89
C ASN A 312 -15.04 22.19 30.74
N LEU A 313 -15.08 22.37 32.06
CA LEU A 313 -16.06 21.62 32.90
C LEU A 313 -17.45 21.88 32.32
N SER A 314 -17.76 23.15 32.07
CA SER A 314 -19.09 23.55 31.54
C SER A 314 -19.31 22.86 30.19
N GLN A 315 -18.28 22.78 29.34
CA GLN A 315 -18.39 22.14 27.99
C GLN A 315 -18.73 20.65 28.17
N TRP A 316 -18.13 19.96 29.14
CA TRP A 316 -18.40 18.53 29.41
C TRP A 316 -19.82 18.37 29.97
N GLU A 317 -20.26 19.29 30.80
CA GLU A 317 -21.66 19.27 31.31
C GLU A 317 -22.63 19.33 30.12
N LYS A 318 -22.37 20.23 29.16
CA LYS A 318 -23.14 20.36 27.90
C LYS A 318 -23.08 19.06 27.12
N VAL A 319 -21.97 18.31 27.11
CA VAL A 319 -21.90 17.00 26.42
C VAL A 319 -22.94 16.05 27.04
N ILE A 320 -22.95 15.93 28.37
CA ILE A 320 -23.84 15.01 29.14
C ILE A 320 -25.30 15.36 28.84
N ARG A 321 -25.64 16.66 28.85
CA ARG A 321 -27.03 17.17 28.66
C ARG A 321 -27.43 17.06 27.18
N GLY A 322 -26.69 16.27 26.38
CA GLY A 322 -27.01 16.00 24.96
C GLY A 322 -26.77 17.18 24.03
N GLU A 323 -26.44 18.38 24.55
CA GLU A 323 -26.27 19.63 23.75
C GLU A 323 -24.99 19.59 22.88
N GLU A 324 -24.13 18.58 23.07
CA GLU A 324 -23.00 18.21 22.17
C GLU A 324 -22.41 16.87 22.60
N GLN B 11 28.22 -1.95 -17.55
CA GLN B 11 27.01 -1.77 -16.67
C GLN B 11 26.44 -0.35 -16.83
N GLY B 12 25.97 0.01 -18.04
CA GLY B 12 26.03 -0.80 -19.25
C GLY B 12 24.69 -0.85 -19.97
N LEU B 13 24.42 -2.00 -20.60
CA LEU B 13 23.13 -2.32 -21.29
C LEU B 13 22.20 -3.03 -20.29
N MET B 14 21.83 -2.30 -19.23
CA MET B 14 21.15 -2.83 -18.03
C MET B 14 19.74 -2.26 -17.96
N GLN B 15 18.78 -2.89 -18.62
CA GLN B 15 17.37 -2.45 -18.57
C GLN B 15 16.80 -2.92 -17.24
N PHE B 16 16.13 -2.03 -16.50
CA PHE B 16 15.22 -2.43 -15.41
C PHE B 16 14.06 -3.18 -16.05
N THR B 17 13.67 -4.29 -15.42
CA THR B 17 12.58 -5.19 -15.91
C THR B 17 11.60 -5.42 -14.76
N LEU B 18 10.32 -5.55 -15.08
CA LEU B 18 9.27 -5.74 -14.06
C LEU B 18 8.65 -7.12 -14.24
N PRO B 19 8.08 -7.69 -13.16
CA PRO B 19 7.28 -8.91 -13.28
C PRO B 19 6.28 -8.73 -14.42
N VAL B 20 5.90 -9.82 -15.06
CA VAL B 20 5.05 -9.83 -16.29
C VAL B 20 3.87 -8.88 -16.07
N ARG B 21 3.06 -9.10 -15.03
CA ARG B 21 1.75 -8.41 -14.82
C ARG B 21 1.95 -6.89 -14.72
N LEU B 22 3.01 -6.44 -14.05
CA LEU B 22 3.27 -4.98 -13.87
C LEU B 22 3.67 -4.43 -15.24
N CYS B 23 4.50 -5.18 -15.95
CA CYS B 23 5.10 -4.78 -17.25
C CYS B 23 3.99 -4.36 -18.21
N LYS B 24 2.86 -5.08 -18.20
CA LYS B 24 1.72 -4.86 -19.12
C LYS B 24 0.75 -3.83 -18.52
N GLU B 25 0.58 -3.83 -17.20
CA GLU B 25 -0.46 -3.03 -16.52
C GLU B 25 0.02 -1.57 -16.45
N ILE B 26 1.33 -1.34 -16.43
CA ILE B 26 1.95 -0.01 -16.15
C ILE B 26 1.66 0.92 -17.32
N GLU B 27 1.39 0.34 -18.50
CA GLU B 27 1.11 1.11 -19.75
C GLU B 27 -0.32 1.64 -19.68
N LEU B 28 -1.17 1.04 -18.85
CA LEU B 28 -2.55 1.51 -18.61
C LEU B 28 -2.54 2.68 -17.63
N PHE B 29 -3.37 3.69 -17.90
CA PHE B 29 -3.53 4.93 -17.09
C PHE B 29 -4.02 4.55 -15.68
N HIS B 30 -4.79 3.49 -15.51
CA HIS B 30 -5.46 3.17 -14.22
C HIS B 30 -4.56 2.27 -13.36
N PHE B 31 -3.33 2.02 -13.80
CA PHE B 31 -2.32 1.24 -13.06
C PHE B 31 -2.24 1.72 -11.60
N ASP B 32 -2.24 0.78 -10.65
CA ASP B 32 -1.91 1.02 -9.22
C ASP B 32 -0.51 0.46 -8.97
N ILE B 33 0.40 1.23 -8.37
CA ILE B 33 1.82 0.80 -8.18
C ILE B 33 1.94 -0.23 -7.05
N GLY B 34 0.86 -0.51 -6.33
CA GLY B 34 0.83 -1.59 -5.33
C GLY B 34 1.39 -1.18 -3.98
N PRO B 35 1.29 -2.10 -2.99
CA PRO B 35 1.66 -1.81 -1.60
C PRO B 35 3.09 -2.21 -1.18
N PHE B 36 3.94 -2.59 -2.13
CA PHE B 36 5.35 -2.97 -1.84
C PHE B 36 6.23 -1.74 -2.10
N GLU B 37 6.42 -0.91 -1.07
CA GLU B 37 7.21 0.34 -1.11
C GLU B 37 8.52 0.12 -1.86
N ASN B 38 9.17 -1.02 -1.62
CA ASN B 38 10.57 -1.31 -2.00
C ASN B 38 10.63 -1.56 -3.52
N MET B 39 9.49 -1.82 -4.17
CA MET B 39 9.39 -1.90 -5.65
C MET B 39 9.17 -0.53 -6.32
N TRP B 40 8.86 0.55 -5.59
CA TRP B 40 8.46 1.83 -6.24
C TRP B 40 9.64 2.45 -6.97
N PRO B 41 10.86 2.51 -6.39
CA PRO B 41 12.01 3.11 -7.07
C PRO B 41 12.31 2.44 -8.41
N GLY B 42 12.21 1.12 -8.45
CA GLY B 42 12.45 0.33 -9.66
C GLY B 42 11.43 0.65 -10.72
N ILE B 43 10.19 0.85 -10.29
CA ILE B 43 9.03 1.21 -11.16
C ILE B 43 9.33 2.58 -11.79
N PHE B 44 9.79 3.53 -10.99
CA PHE B 44 10.06 4.90 -11.51
C PHE B 44 11.19 4.83 -12.55
N VAL B 45 12.32 4.21 -12.20
CA VAL B 45 13.52 4.07 -13.07
C VAL B 45 13.12 3.39 -14.39
N TYR B 46 12.33 2.34 -14.32
CA TYR B 46 11.78 1.66 -15.51
C TYR B 46 11.05 2.67 -16.40
N MET B 47 10.20 3.50 -15.78
CA MET B 47 9.37 4.49 -16.51
C MET B 47 10.30 5.52 -17.17
N VAL B 48 11.37 5.94 -16.50
CA VAL B 48 12.38 6.87 -17.07
C VAL B 48 13.06 6.22 -18.27
N HIS B 49 13.55 5.00 -18.12
CA HIS B 49 14.32 4.26 -19.17
C HIS B 49 13.46 4.14 -20.42
N ARG B 50 12.20 3.71 -20.28
CA ARG B 50 11.28 3.51 -21.44
C ARG B 50 10.78 4.86 -21.95
N SER B 51 10.76 5.89 -21.11
CA SER B 51 10.14 7.19 -21.48
C SER B 51 11.15 8.04 -22.25
N CYS B 52 12.42 8.05 -21.83
CA CYS B 52 13.41 8.92 -22.52
C CYS B 52 14.78 8.26 -22.72
N GLY B 53 14.98 6.99 -22.31
CA GLY B 53 16.19 6.21 -22.64
C GLY B 53 17.02 5.82 -21.43
N THR B 54 17.84 4.78 -21.59
CA THR B 54 18.80 4.26 -20.58
C THR B 54 19.91 5.27 -20.30
N SER B 55 20.15 6.19 -21.23
CA SER B 55 21.29 7.14 -21.22
C SER B 55 20.84 8.54 -20.76
N CYS B 56 19.54 8.73 -20.50
CA CYS B 56 18.95 10.01 -20.02
C CYS B 56 19.67 10.46 -18.75
N PHE B 57 20.01 9.51 -17.86
CA PHE B 57 20.59 9.74 -16.52
C PHE B 57 21.63 8.65 -16.21
N GLU B 58 22.76 9.02 -15.60
CA GLU B 58 23.68 8.04 -15.00
C GLU B 58 22.87 7.34 -13.89
N LEU B 59 22.73 6.01 -13.97
CA LEU B 59 21.93 5.20 -13.03
C LEU B 59 22.37 5.45 -11.59
N GLU B 60 23.68 5.51 -11.32
CA GLU B 60 24.21 5.67 -9.94
C GLU B 60 23.63 6.96 -9.36
N LYS B 61 23.76 8.10 -10.06
CA LYS B 61 23.25 9.43 -9.62
C LYS B 61 21.71 9.40 -9.46
N LEU B 62 20.99 8.81 -10.42
CA LEU B 62 19.51 8.75 -10.45
C LEU B 62 19.00 7.99 -9.21
N CME B 63 19.54 6.81 -8.93
CA CME B 63 19.16 5.98 -7.77
CB CME B 63 19.80 4.60 -7.79
SG CME B 63 19.06 3.45 -8.98
SD CME B 63 17.28 2.93 -8.09
CE CME B 63 17.73 1.58 -6.95
CZ CME B 63 17.58 0.24 -7.60
OH CME B 63 18.40 -0.73 -6.99
C CME B 63 19.45 6.76 -6.49
O CME B 63 18.62 6.71 -5.57
N ARG B 64 20.55 7.48 -6.44
CA ARG B 64 20.92 8.31 -5.27
C ARG B 64 19.87 9.43 -5.09
N PHE B 65 19.44 10.04 -6.21
CA PHE B 65 18.44 11.12 -6.26
C PHE B 65 17.11 10.61 -5.70
N ILE B 66 16.61 9.51 -6.29
CA ILE B 66 15.33 8.84 -5.92
C ILE B 66 15.31 8.56 -4.41
N MET B 67 16.39 8.02 -3.85
CA MET B 67 16.41 7.62 -2.42
C MET B 67 16.43 8.88 -1.54
N SER B 68 17.14 9.93 -1.92
CA SER B 68 17.08 11.22 -1.16
C SER B 68 15.66 11.81 -1.26
N VAL B 69 15.02 11.70 -2.43
CA VAL B 69 13.65 12.22 -2.65
C VAL B 69 12.71 11.43 -1.73
N LYS B 70 12.75 10.09 -1.77
CA LYS B 70 11.91 9.24 -0.88
C LYS B 70 12.06 9.71 0.57
N LYS B 71 13.30 9.92 0.98
CA LYS B 71 13.67 10.28 2.37
C LYS B 71 12.99 11.59 2.77
N ASN B 72 12.67 12.46 1.82
CA ASN B 72 12.15 13.84 2.10
C ASN B 72 10.63 13.92 1.91
N TYR B 73 9.97 12.79 1.70
CA TYR B 73 8.51 12.61 1.87
C TYR B 73 8.24 12.06 3.27
N ARG B 74 7.17 12.53 3.89
CA ARG B 74 6.85 12.27 5.32
C ARG B 74 5.84 11.14 5.37
N ARG B 75 5.69 10.54 6.53
CA ARG B 75 4.77 9.39 6.70
C ARG B 75 3.39 9.95 7.03
N VAL B 76 2.75 10.56 6.03
CA VAL B 76 1.41 11.18 6.14
C VAL B 76 0.44 10.32 5.33
N PRO B 77 -0.87 10.42 5.60
CA PRO B 77 -1.82 9.49 5.00
C PRO B 77 -1.88 9.53 3.46
N TYR B 78 -1.67 10.68 2.84
CA TYR B 78 -1.86 10.79 1.36
C TYR B 78 -0.66 11.43 0.65
N HIS B 79 -0.20 12.59 1.12
CA HIS B 79 0.85 13.42 0.47
C HIS B 79 2.22 12.84 0.78
N ASN B 80 2.39 11.56 0.43
CA ASN B 80 3.53 10.71 0.81
C ASN B 80 4.25 10.21 -0.46
N TRP B 81 5.29 9.40 -0.26
CA TRP B 81 6.13 8.83 -1.34
C TRP B 81 5.27 8.12 -2.39
N LYS B 82 4.21 7.42 -1.97
CA LYS B 82 3.37 6.61 -2.88
C LYS B 82 2.65 7.54 -3.86
N HIS B 83 2.14 8.67 -3.38
CA HIS B 83 1.46 9.70 -4.19
C HIS B 83 2.46 10.21 -5.24
N ALA B 84 3.69 10.51 -4.83
CA ALA B 84 4.74 11.04 -5.72
C ALA B 84 4.93 10.09 -6.89
N VAL B 85 5.12 8.81 -6.61
CA VAL B 85 5.38 7.79 -7.67
C VAL B 85 4.12 7.66 -8.51
N THR B 86 2.95 7.68 -7.88
CA THR B 86 1.65 7.51 -8.57
C THR B 86 1.46 8.64 -9.59
N VAL B 87 1.84 9.86 -9.20
CA VAL B 87 1.73 11.05 -10.08
C VAL B 87 2.78 10.88 -11.21
N ALA B 88 3.99 10.43 -10.92
CA ALA B 88 5.00 10.22 -11.98
C ALA B 88 4.45 9.20 -12.97
N HIS B 89 3.78 8.16 -12.48
CA HIS B 89 3.25 7.11 -13.40
C HIS B 89 2.22 7.71 -14.35
N CYS B 90 1.27 8.53 -13.86
CA CYS B 90 0.23 9.12 -14.74
C CYS B 90 0.95 9.96 -15.82
N MET B 91 1.99 10.69 -15.46
CA MET B 91 2.73 11.52 -16.43
C MET B 91 3.38 10.57 -17.43
N TYR B 92 3.95 9.47 -16.95
CA TYR B 92 4.54 8.42 -17.81
C TYR B 92 3.49 7.98 -18.86
N ALA B 93 2.27 7.64 -18.43
CA ALA B 93 1.19 7.15 -19.33
C ALA B 93 0.83 8.21 -20.38
N ILE B 94 0.79 9.49 -20.00
CA ILE B 94 0.54 10.63 -20.94
C ILE B 94 1.70 10.74 -21.94
N LEU B 95 2.93 10.82 -21.46
CA LEU B 95 4.13 10.92 -22.33
C LEU B 95 4.18 9.75 -23.31
N GLN B 96 3.87 8.54 -22.87
CA GLN B 96 3.98 7.32 -23.71
C GLN B 96 2.90 7.36 -24.82
N ASN B 97 1.74 7.97 -24.58
CA ASN B 97 0.64 8.07 -25.57
C ASN B 97 0.71 9.39 -26.36
N ASN B 98 1.73 10.22 -26.18
CA ASN B 98 1.88 11.52 -26.89
C ASN B 98 3.36 11.78 -27.11
N HIS B 99 4.11 10.76 -27.53
CA HIS B 99 5.59 10.75 -27.39
C HIS B 99 6.24 11.78 -28.34
N THR B 100 5.70 12.03 -29.54
CA THR B 100 6.32 12.98 -30.51
C THR B 100 6.04 14.44 -30.15
N LEU B 101 5.09 14.70 -29.23
CA LEU B 101 4.69 16.08 -28.87
C LEU B 101 5.71 16.75 -27.95
N PHE B 102 6.45 16.01 -27.12
CA PHE B 102 7.34 16.58 -26.09
C PHE B 102 8.80 16.38 -26.47
N THR B 103 9.65 17.36 -26.16
CA THR B 103 11.11 17.28 -26.38
C THR B 103 11.73 16.27 -25.40
N ASP B 104 13.00 15.94 -25.63
CA ASP B 104 13.84 15.10 -24.73
C ASP B 104 13.88 15.77 -23.37
N LEU B 105 14.16 17.08 -23.34
CA LEU B 105 14.24 17.88 -22.09
C LEU B 105 12.94 17.74 -21.32
N GLU B 106 11.81 17.94 -21.98
CA GLU B 106 10.47 17.91 -21.35
C GLU B 106 10.24 16.52 -20.77
N ARG B 107 10.54 15.45 -21.51
CA ARG B 107 10.32 14.08 -20.98
C ARG B 107 11.18 13.89 -19.72
N LYS B 108 12.42 14.39 -19.73
CA LYS B 108 13.38 14.30 -18.59
C LYS B 108 12.79 15.05 -17.39
N GLY B 109 12.42 16.31 -17.60
CA GLY B 109 12.00 17.27 -16.55
C GLY B 109 10.70 16.87 -15.86
N LEU B 110 9.72 16.40 -16.62
CA LEU B 110 8.34 16.21 -16.16
C LEU B 110 8.21 14.96 -15.27
N LEU B 111 8.89 13.86 -15.57
CA LEU B 111 8.83 12.69 -14.66
C LEU B 111 9.49 13.08 -13.33
N ILE B 112 10.58 13.84 -13.39
CA ILE B 112 11.30 14.33 -12.18
C ILE B 112 10.41 15.34 -11.45
N ALA B 113 9.67 16.17 -12.17
CA ALA B 113 8.83 17.20 -11.53
C ALA B 113 7.69 16.49 -10.77
N CYS B 114 7.11 15.46 -11.35
CA CYS B 114 6.00 14.69 -10.71
C CYS B 114 6.51 14.02 -9.43
N LEU B 115 7.68 13.41 -9.50
CA LEU B 115 8.27 12.69 -8.35
C LEU B 115 8.53 13.65 -7.19
N CYS B 116 8.93 14.88 -7.48
CA CYS B 116 9.35 15.89 -6.47
C CYS B 116 8.21 16.86 -6.10
N HIS B 117 7.04 16.79 -6.77
CA HIS B 117 6.05 17.89 -6.79
C HIS B 117 5.44 18.14 -5.41
N ASP B 118 5.53 17.19 -4.47
CA ASP B 118 4.99 17.36 -3.11
C ASP B 118 6.08 17.18 -2.04
N LEU B 119 7.36 17.32 -2.38
CA LEU B 119 8.48 17.08 -1.43
C LEU B 119 8.21 17.79 -0.11
N ASP B 120 8.29 17.02 0.99
CA ASP B 120 8.35 17.52 2.38
C ASP B 120 6.99 18.12 2.74
N HIS B 121 5.92 17.56 2.15
CA HIS B 121 4.51 17.88 2.47
C HIS B 121 4.22 17.43 3.89
N ARG B 122 3.47 18.23 4.64
CA ARG B 122 3.13 17.93 6.06
C ARG B 122 1.68 17.47 6.14
N GLY B 123 0.98 17.41 5.00
CA GLY B 123 -0.45 17.01 4.93
C GLY B 123 -1.40 18.18 5.17
N PHE B 124 -0.90 19.42 5.13
CA PHE B 124 -1.69 20.65 5.37
C PHE B 124 -1.67 21.55 4.13
N SER B 125 -2.82 22.15 3.83
CA SER B 125 -3.00 23.11 2.70
C SER B 125 -2.22 24.40 2.96
N ASN B 126 -2.01 25.18 1.91
CA ASN B 126 -1.44 26.55 1.96
C ASN B 126 -2.25 27.44 2.91
N SER B 127 -3.57 27.32 2.87
CA SER B 127 -4.52 28.06 3.73
C SER B 127 -4.20 27.78 5.19
N TYR B 128 -3.99 26.52 5.59
CA TYR B 128 -3.69 26.19 7.01
C TYR B 128 -2.34 26.84 7.36
N LEU B 129 -1.31 26.66 6.52
CA LEU B 129 0.05 27.23 6.77
C LEU B 129 -0.09 28.76 6.95
N GLN B 130 -1.01 29.41 6.24
CA GLN B 130 -1.24 30.88 6.32
C GLN B 130 -1.89 31.21 7.67
N LYS B 131 -2.94 30.51 8.06
CA LYS B 131 -3.68 30.83 9.31
C LYS B 131 -2.83 30.47 10.52
N PHE B 132 -1.95 29.48 10.42
CA PHE B 132 -1.07 29.08 11.54
C PHE B 132 0.06 30.12 11.72
N ASP B 133 0.38 30.81 10.62
CA ASP B 133 1.53 31.74 10.52
C ASP B 133 2.80 30.87 10.58
N HIS B 134 2.85 29.81 9.75
CA HIS B 134 4.06 28.96 9.56
C HIS B 134 5.18 29.77 8.91
N PRO B 135 6.46 29.59 9.31
CA PRO B 135 7.57 30.27 8.64
C PRO B 135 7.46 30.23 7.11
N LEU B 136 7.04 29.10 6.53
CA LEU B 136 6.98 28.96 5.06
C LEU B 136 5.99 29.99 4.47
N ALA B 137 4.92 30.36 5.18
CA ALA B 137 3.93 31.35 4.68
C ALA B 137 4.58 32.74 4.57
N ALA B 138 5.52 33.08 5.48
CA ALA B 138 6.29 34.35 5.41
C ALA B 138 7.22 34.33 4.21
N LEU B 139 7.86 33.20 3.98
CA LEU B 139 8.87 33.03 2.90
C LEU B 139 8.18 33.03 1.52
N TYR B 140 7.01 32.42 1.40
CA TYR B 140 6.33 32.16 0.11
C TYR B 140 4.86 32.61 0.24
N SER B 141 4.55 33.84 -0.16
CA SER B 141 3.24 34.47 0.14
C SER B 141 2.14 33.77 -0.64
N THR B 142 2.43 33.24 -1.84
CA THR B 142 1.47 32.43 -2.65
C THR B 142 2.13 31.13 -3.09
N SER B 143 1.30 30.14 -3.39
CA SER B 143 1.73 28.78 -3.75
C SER B 143 2.78 28.31 -2.72
N THR B 144 2.48 28.48 -1.43
CA THR B 144 3.47 28.40 -0.32
C THR B 144 4.16 27.05 -0.37
N MET B 145 3.38 25.96 -0.29
CA MET B 145 3.98 24.61 -0.26
C MET B 145 4.71 24.35 -1.58
N GLU B 146 4.17 24.82 -2.70
CA GLU B 146 4.67 24.44 -4.03
C GLU B 146 6.01 25.13 -4.25
N GLN B 147 6.18 26.37 -3.83
CA GLN B 147 7.52 26.99 -3.87
C GLN B 147 8.47 26.19 -2.96
N HIS B 148 7.97 25.71 -1.81
CA HIS B 148 8.75 24.86 -0.89
C HIS B 148 9.15 23.58 -1.62
N HIS B 149 8.21 22.92 -2.30
CA HIS B 149 8.50 21.64 -2.99
C HIS B 149 9.64 21.86 -3.98
N PHE B 150 9.59 22.97 -4.74
CA PHE B 150 10.59 23.26 -5.78
C PHE B 150 11.96 23.45 -5.12
N SER B 151 11.95 24.20 -4.03
CA SER B 151 13.13 24.54 -3.22
C SER B 151 13.81 23.26 -2.73
N GLN B 152 13.02 22.29 -2.26
CA GLN B 152 13.53 20.99 -1.78
C GLN B 152 14.15 20.23 -2.95
N THR B 153 13.56 20.35 -4.13
CA THR B 153 14.01 19.66 -5.37
C THR B 153 15.41 20.15 -5.75
N VAL B 154 15.62 21.46 -5.69
CA VAL B 154 16.93 22.09 -6.02
C VAL B 154 17.96 21.70 -4.94
N SER B 155 17.57 21.65 -3.67
CA SER B 155 18.47 21.28 -2.54
C SER B 155 18.99 19.85 -2.74
N ILE B 156 18.12 18.93 -3.16
CA ILE B 156 18.50 17.51 -3.36
C ILE B 156 19.40 17.40 -4.60
N LEU B 157 19.10 18.14 -5.68
CA LEU B 157 19.93 18.09 -6.92
C LEU B 157 21.36 18.53 -6.59
N GLN B 158 21.53 19.44 -5.63
CA GLN B 158 22.84 20.06 -5.30
C GLN B 158 23.61 19.21 -4.28
N LEU B 159 22.99 18.19 -3.70
CA LEU B 159 23.69 17.22 -2.82
C LEU B 159 24.82 16.56 -3.62
N GLU B 160 25.85 16.10 -2.92
CA GLU B 160 27.05 15.45 -3.51
C GLU B 160 26.60 14.24 -4.34
N GLY B 161 26.93 14.23 -5.62
CA GLY B 161 26.67 13.09 -6.52
C GLY B 161 25.19 12.88 -6.80
N HIS B 162 24.34 13.89 -6.54
CA HIS B 162 22.87 13.83 -6.79
C HIS B 162 22.44 14.59 -8.05
N ASN B 163 23.35 15.26 -8.78
CA ASN B 163 22.95 16.11 -9.93
C ASN B 163 22.77 15.26 -11.19
N ILE B 164 21.56 14.71 -11.34
CA ILE B 164 21.13 13.82 -12.46
C ILE B 164 21.16 14.56 -13.80
N PHE B 165 21.29 15.88 -13.80
CA PHE B 165 21.33 16.71 -15.02
C PHE B 165 22.76 17.17 -15.29
N SER B 166 23.75 16.46 -14.75
CA SER B 166 25.17 16.89 -14.79
C SER B 166 25.62 17.00 -16.26
N THR B 167 25.11 16.15 -17.16
CA THR B 167 25.58 16.02 -18.57
C THR B 167 25.03 17.17 -19.45
N LEU B 168 23.89 17.77 -19.11
CA LEU B 168 23.24 18.87 -19.89
C LEU B 168 24.16 20.09 -19.97
N SER B 169 24.16 20.80 -21.09
CA SER B 169 24.80 22.15 -21.22
C SER B 169 24.17 23.10 -20.19
N SER B 170 24.84 24.20 -19.90
CA SER B 170 24.36 25.27 -19.00
C SER B 170 22.96 25.75 -19.45
N SER B 171 22.70 25.80 -20.76
CA SER B 171 21.40 26.26 -21.32
C SER B 171 20.33 25.20 -21.14
N GLU B 172 20.62 23.95 -21.50
CA GLU B 172 19.67 22.83 -21.26
C GLU B 172 19.36 22.73 -19.76
N TYR B 173 20.38 22.78 -18.90
CA TYR B 173 20.21 22.69 -17.43
C TYR B 173 19.17 23.72 -17.02
N GLU B 174 19.38 24.96 -17.42
CA GLU B 174 18.51 26.09 -17.01
C GLU B 174 17.09 25.85 -17.53
N GLN B 175 16.93 25.40 -18.76
CA GLN B 175 15.57 25.16 -19.32
C GLN B 175 14.89 24.08 -18.47
N VAL B 176 15.59 22.99 -18.14
CA VAL B 176 14.96 21.81 -17.49
C VAL B 176 14.54 22.22 -16.07
N LEU B 177 15.33 23.06 -15.40
CA LEU B 177 14.99 23.52 -14.05
C LEU B 177 13.76 24.43 -14.15
N GLU B 178 13.64 25.16 -15.26
CA GLU B 178 12.51 26.10 -15.47
C GLU B 178 11.23 25.29 -15.82
N ILE B 179 11.40 24.20 -16.53
CA ILE B 179 10.28 23.25 -16.77
C ILE B 179 9.79 22.72 -15.40
N ILE B 180 10.71 22.28 -14.53
CA ILE B 180 10.39 21.62 -13.23
C ILE B 180 9.72 22.65 -12.32
N ARG B 181 10.23 23.89 -12.28
CA ARG B 181 9.66 24.95 -11.43
C ARG B 181 8.20 25.19 -11.87
N LYS B 182 7.96 25.53 -13.13
CA LYS B 182 6.58 25.85 -13.57
C LYS B 182 5.69 24.63 -13.38
N ALA B 183 6.20 23.42 -13.63
CA ALA B 183 5.36 22.20 -13.51
C ALA B 183 4.92 22.06 -12.06
N ILE B 184 5.81 22.31 -11.09
CA ILE B 184 5.53 22.11 -9.64
C ILE B 184 4.59 23.21 -9.14
N ILE B 185 4.82 24.46 -9.54
CA ILE B 185 3.91 25.58 -9.18
C ILE B 185 2.50 25.29 -9.70
N ALA B 186 2.36 24.72 -10.91
CA ALA B 186 1.05 24.45 -11.56
C ALA B 186 0.23 23.45 -10.71
N THR B 187 0.86 22.66 -9.85
CA THR B 187 0.16 21.68 -9.00
C THR B 187 -0.55 22.38 -7.84
N ASP B 188 -0.38 23.70 -7.67
CA ASP B 188 -1.19 24.53 -6.75
C ASP B 188 -2.58 24.64 -7.37
N LEU B 189 -3.57 23.91 -6.86
CA LEU B 189 -4.91 23.78 -7.47
C LEU B 189 -5.58 25.16 -7.61
N ALA B 190 -5.23 26.17 -6.80
CA ALA B 190 -5.72 27.57 -6.93
C ALA B 190 -5.41 28.12 -8.33
N LEU B 191 -4.30 27.70 -8.94
CA LEU B 191 -3.89 28.17 -10.29
C LEU B 191 -4.55 27.34 -11.38
N TYR B 192 -5.05 26.15 -11.07
CA TYR B 192 -5.63 25.28 -12.12
C TYR B 192 -6.85 25.97 -12.79
N PHE B 193 -7.73 26.62 -12.03
CA PHE B 193 -9.02 27.12 -12.58
C PHE B 193 -8.77 28.09 -13.75
N GLY B 194 -7.92 29.10 -13.50
CA GLY B 194 -7.49 30.08 -14.50
C GLY B 194 -6.81 29.39 -15.67
N ASN B 195 -5.90 28.46 -15.37
CA ASN B 195 -5.11 27.79 -16.43
C ASN B 195 -6.07 27.02 -17.34
N ARG B 196 -6.92 26.15 -16.78
CA ARG B 196 -7.90 25.39 -17.56
C ARG B 196 -8.81 26.33 -18.35
N LYS B 197 -9.24 27.45 -17.75
CA LYS B 197 -10.17 28.39 -18.43
C LYS B 197 -9.49 28.95 -19.69
N GLN B 198 -8.28 29.48 -19.59
CA GLN B 198 -7.51 29.96 -20.77
C GLN B 198 -7.33 28.85 -21.83
N LEU B 199 -7.14 27.60 -21.44
CA LEU B 199 -6.81 26.52 -22.42
C LEU B 199 -8.08 26.11 -23.16
N GLU B 200 -9.19 25.98 -22.44
CA GLU B 200 -10.54 25.68 -22.99
C GLU B 200 -10.87 26.75 -24.03
N GLU B 201 -10.52 28.00 -23.76
CA GLU B 201 -10.85 29.14 -24.65
C GLU B 201 -9.95 29.13 -25.87
N MET B 202 -8.63 28.97 -25.69
CA MET B 202 -7.65 28.90 -26.80
C MET B 202 -7.97 27.70 -27.68
N TYR B 203 -8.32 26.56 -27.08
CA TYR B 203 -8.61 25.33 -27.86
C TYR B 203 -9.86 25.56 -28.69
N GLN B 204 -10.94 25.99 -28.05
CA GLN B 204 -12.27 25.99 -28.69
C GLN B 204 -12.36 27.09 -29.74
N THR B 205 -11.45 28.06 -29.76
CA THR B 205 -11.34 29.04 -30.86
C THR B 205 -10.30 28.61 -31.90
N GLY B 206 -9.51 27.56 -31.63
CA GLY B 206 -8.39 27.13 -32.49
C GLY B 206 -7.23 28.11 -32.47
N SER B 207 -7.04 28.87 -31.41
CA SER B 207 -5.82 29.72 -31.21
C SER B 207 -4.72 28.96 -30.44
N LEU B 208 -4.97 27.73 -29.98
CA LEU B 208 -3.97 26.98 -29.18
C LEU B 208 -2.83 26.55 -30.11
N ASN B 209 -1.61 26.87 -29.72
CA ASN B 209 -0.39 26.67 -30.55
C ASN B 209 0.72 26.06 -29.69
N LEU B 210 0.97 24.76 -29.84
CA LEU B 210 1.99 24.01 -29.07
C LEU B 210 3.42 24.51 -29.39
N ASN B 211 3.64 25.33 -30.41
CA ASN B 211 4.99 25.91 -30.70
C ASN B 211 5.13 27.25 -29.99
N ASN B 212 4.05 27.74 -29.39
CA ASN B 212 4.08 28.92 -28.50
C ASN B 212 4.49 28.42 -27.09
N GLN B 213 5.65 28.83 -26.59
CA GLN B 213 6.20 28.34 -25.29
C GLN B 213 5.19 28.64 -24.18
N SER B 214 4.54 29.78 -24.28
CA SER B 214 3.48 30.26 -23.35
C SER B 214 2.29 29.27 -23.38
N HIS B 215 1.97 28.70 -24.54
CA HIS B 215 0.87 27.71 -24.65
C HIS B 215 1.37 26.34 -24.18
N ARG B 216 2.64 26.00 -24.44
CA ARG B 216 3.23 24.73 -23.96
C ARG B 216 3.17 24.73 -22.44
N ASP B 217 3.68 25.79 -21.82
CA ASP B 217 3.68 26.01 -20.36
C ASP B 217 2.28 25.71 -19.81
N ARG B 218 1.23 26.24 -20.43
CA ARG B 218 -0.14 26.09 -19.92
C ARG B 218 -0.55 24.62 -20.04
N VAL B 219 -0.28 24.00 -21.19
CA VAL B 219 -0.65 22.58 -21.45
C VAL B 219 0.09 21.70 -20.45
N ILE B 220 1.36 22.03 -20.14
CA ILE B 220 2.14 21.23 -19.16
C ILE B 220 1.49 21.40 -17.79
N GLY B 221 1.14 22.64 -17.42
CA GLY B 221 0.42 22.95 -16.18
C GLY B 221 -0.78 22.04 -16.05
N LEU B 222 -1.58 21.91 -17.12
CA LEU B 222 -2.83 21.14 -17.06
C LEU B 222 -2.47 19.66 -16.94
N MET B 223 -1.39 19.22 -17.58
CA MET B 223 -0.93 17.80 -17.44
C MET B 223 -0.58 17.51 -15.97
N MET B 224 0.06 18.45 -15.30
CA MET B 224 0.45 18.32 -13.88
C MET B 224 -0.82 18.21 -13.01
N THR B 225 -1.82 19.07 -13.21
CA THR B 225 -3.11 18.91 -12.51
C THR B 225 -3.68 17.50 -12.73
N ALA B 226 -3.74 17.03 -13.98
CA ALA B 226 -4.32 15.72 -14.35
C ALA B 226 -3.60 14.59 -13.61
N CYS B 227 -2.27 14.57 -13.66
CA CYS B 227 -1.43 13.56 -12.94
C CYS B 227 -1.68 13.69 -11.43
N ASP B 228 -1.65 14.91 -10.93
CA ASP B 228 -1.84 15.20 -9.49
C ASP B 228 -3.20 14.64 -9.01
N LEU B 229 -4.27 14.76 -9.81
CA LEU B 229 -5.64 14.36 -9.38
C LEU B 229 -5.95 12.91 -9.76
N CYS B 230 -4.97 12.18 -10.29
CA CYS B 230 -5.19 10.92 -11.08
C CYS B 230 -5.80 9.83 -10.22
N SER B 231 -5.83 10.00 -8.90
CA SER B 231 -6.53 9.05 -7.99
CA SER B 231 -6.51 9.00 -8.04
C SER B 231 -8.00 8.93 -8.42
N VAL B 232 -8.58 10.01 -8.95
CA VAL B 232 -10.03 10.00 -9.37
C VAL B 232 -10.19 9.26 -10.69
N THR B 233 -9.08 8.90 -11.38
CA THR B 233 -9.08 8.22 -12.70
C THR B 233 -8.70 6.74 -12.55
N LYS B 234 -8.67 6.22 -11.32
CA LYS B 234 -8.36 4.78 -11.11
C LYS B 234 -9.69 4.03 -11.14
N LEU B 235 -9.63 2.70 -11.15
CA LEU B 235 -10.83 1.85 -10.97
C LEU B 235 -11.43 2.10 -9.59
N TRP B 236 -12.74 1.93 -9.47
CA TRP B 236 -13.53 2.39 -8.31
C TRP B 236 -12.89 1.97 -6.98
N PRO B 237 -12.51 0.69 -6.78
CA PRO B 237 -11.98 0.26 -5.48
C PRO B 237 -10.72 1.01 -5.04
N VAL B 238 -9.82 1.32 -5.96
CA VAL B 238 -8.61 2.16 -5.70
C VAL B 238 -9.04 3.61 -5.36
N THR B 239 -9.92 4.19 -6.17
CA THR B 239 -10.42 5.59 -6.03
C THR B 239 -11.07 5.74 -4.65
N LYS B 240 -11.96 4.82 -4.28
CA LYS B 240 -12.70 4.79 -2.98
C LYS B 240 -11.71 4.75 -1.81
N LEU B 241 -10.78 3.79 -1.80
CA LEU B 241 -9.76 3.62 -0.71
C LEU B 241 -8.80 4.82 -0.67
N THR B 242 -8.43 5.41 -1.80
CA THR B 242 -7.57 6.61 -1.81
C THR B 242 -8.33 7.80 -1.18
N ALA B 243 -9.64 7.89 -1.35
CA ALA B 243 -10.44 8.99 -0.75
C ALA B 243 -10.40 8.90 0.78
N ASN B 244 -10.26 7.72 1.37
CA ASN B 244 -10.09 7.60 2.85
C ASN B 244 -8.81 8.33 3.26
N ASP B 245 -7.73 8.17 2.50
CA ASP B 245 -6.41 8.77 2.81
C ASP B 245 -6.51 10.29 2.67
N ILE B 246 -7.10 10.75 1.56
CA ILE B 246 -7.25 12.20 1.27
C ILE B 246 -7.99 12.86 2.45
N TYR B 247 -9.06 12.24 2.95
CA TYR B 247 -9.96 12.83 3.97
C TYR B 247 -9.33 12.68 5.35
N ALA B 248 -8.51 11.64 5.61
CA ALA B 248 -7.71 11.54 6.85
C ALA B 248 -6.88 12.82 6.97
N GLU B 249 -6.27 13.29 5.88
CA GLU B 249 -5.48 14.56 5.92
C GLU B 249 -6.43 15.75 6.09
N PHE B 250 -7.51 15.81 5.34
CA PHE B 250 -8.45 16.95 5.38
C PHE B 250 -8.97 17.10 6.81
N TRP B 251 -9.35 16.00 7.44
CA TRP B 251 -9.97 15.98 8.79
C TRP B 251 -8.96 16.42 9.85
N ALA B 252 -7.71 15.95 9.75
CA ALA B 252 -6.61 16.36 10.64
C ALA B 252 -6.35 17.85 10.46
N GLU B 253 -6.39 18.38 9.23
CA GLU B 253 -6.26 19.85 8.99
C GLU B 253 -7.44 20.56 9.66
N GLY B 254 -8.66 20.07 9.43
CA GLY B 254 -9.90 20.60 10.07
C GLY B 254 -9.78 20.66 11.59
N ASP B 255 -9.23 19.61 12.21
CA ASP B 255 -8.99 19.54 13.67
C ASP B 255 -8.00 20.65 14.05
N GLU B 256 -6.98 20.87 13.22
CA GLU B 256 -5.94 21.90 13.52
C GLU B 256 -6.52 23.29 13.33
N MET B 257 -7.46 23.48 12.39
CA MET B 257 -8.19 24.75 12.21
C MET B 257 -9.02 25.04 13.46
N LYS B 258 -9.78 24.05 13.95
CA LYS B 258 -10.59 24.14 15.19
C LYS B 258 -9.69 24.52 16.35
N LYS B 259 -8.48 23.97 16.43
CA LYS B 259 -7.50 24.29 17.51
C LYS B 259 -7.08 25.76 17.44
N LEU B 260 -7.08 26.38 16.25
CA LEU B 260 -6.76 27.83 16.11
C LEU B 260 -7.99 28.67 16.41
N GLY B 261 -9.15 28.06 16.67
CA GLY B 261 -10.41 28.77 16.91
C GLY B 261 -11.09 29.17 15.62
N ILE B 262 -10.92 28.40 14.55
CA ILE B 262 -11.51 28.70 13.20
C ILE B 262 -12.39 27.52 12.80
N GLN B 263 -13.66 27.76 12.50
CA GLN B 263 -14.55 26.69 11.97
C GLN B 263 -13.99 26.32 10.62
N PRO B 264 -13.63 25.04 10.37
CA PRO B 264 -13.09 24.68 9.06
C PRO B 264 -14.26 24.54 8.09
N ILE B 265 -13.98 24.58 6.80
CA ILE B 265 -14.97 24.27 5.73
C ILE B 265 -15.42 22.83 5.92
N PRO B 266 -16.65 22.47 5.48
CA PRO B 266 -17.23 21.15 5.74
C PRO B 266 -16.38 19.96 5.27
N MET B 267 -15.70 20.12 4.14
CA MET B 267 -14.82 19.11 3.53
C MET B 267 -13.78 18.62 4.55
N MET B 268 -13.32 19.49 5.45
CA MET B 268 -12.24 19.23 6.44
C MET B 268 -12.80 18.93 7.83
N ASP B 269 -14.12 18.98 8.00
CA ASP B 269 -14.81 18.80 9.30
C ASP B 269 -15.18 17.32 9.46
N ARG B 270 -14.49 16.61 10.34
CA ARG B 270 -14.74 15.16 10.54
C ARG B 270 -16.16 14.97 11.10
N ASP B 271 -16.79 16.01 11.66
CA ASP B 271 -18.19 15.94 12.12
C ASP B 271 -19.13 15.90 10.92
N LYS B 272 -18.70 16.31 9.72
CA LYS B 272 -19.55 16.37 8.50
C LYS B 272 -19.18 15.25 7.52
N LYS B 273 -18.88 14.06 8.04
CA LYS B 273 -18.42 12.85 7.30
C LYS B 273 -19.55 12.29 6.40
N ASP B 274 -20.81 12.47 6.79
CA ASP B 274 -22.00 12.00 6.02
C ASP B 274 -22.11 12.76 4.69
N GLU B 275 -21.48 13.94 4.56
CA GLU B 275 -21.52 14.81 3.34
C GLU B 275 -20.42 14.48 2.33
N VAL B 276 -19.56 13.49 2.58
CA VAL B 276 -18.37 13.21 1.73
C VAL B 276 -18.79 12.84 0.29
N PRO B 277 -19.82 11.97 0.08
CA PRO B 277 -20.20 11.58 -1.27
C PRO B 277 -20.67 12.81 -2.07
N GLN B 278 -21.46 13.70 -1.48
CA GLN B 278 -21.92 14.95 -2.14
C GLN B 278 -20.72 15.85 -2.42
N GLY B 279 -19.73 15.90 -1.52
CA GLY B 279 -18.47 16.66 -1.68
C GLY B 279 -17.59 16.08 -2.79
N GLN B 280 -17.51 14.75 -2.91
CA GLN B 280 -16.87 14.07 -4.07
C GLN B 280 -17.59 14.47 -5.37
N LEU B 281 -18.93 14.40 -5.39
CA LEU B 281 -19.76 14.81 -6.55
C LEU B 281 -19.41 16.27 -6.92
N GLY B 282 -19.23 17.14 -5.93
CA GLY B 282 -18.93 18.55 -6.20
C GLY B 282 -17.56 18.69 -6.82
N PHE B 283 -16.58 17.98 -6.26
CA PHE B 283 -15.17 18.04 -6.72
C PHE B 283 -15.06 17.57 -8.18
N TYR B 284 -15.74 16.48 -8.54
CA TYR B 284 -15.72 15.94 -9.92
C TYR B 284 -16.35 16.95 -10.88
N ASN B 285 -17.54 17.47 -10.58
CA ASN B 285 -18.27 18.39 -11.49
C ASN B 285 -17.48 19.70 -11.63
N ALA B 286 -16.86 20.21 -10.56
CA ALA B 286 -16.24 21.55 -10.51
C ALA B 286 -14.77 21.51 -10.93
N VAL B 287 -14.06 20.38 -10.77
CA VAL B 287 -12.58 20.31 -10.99
C VAL B 287 -12.21 19.13 -11.89
N ALA B 288 -12.49 17.89 -11.47
CA ALA B 288 -11.97 16.66 -12.12
C ALA B 288 -12.49 16.53 -13.56
N ILE B 289 -13.80 16.54 -13.80
CA ILE B 289 -14.38 16.33 -15.16
C ILE B 289 -13.89 17.44 -16.10
N PRO B 290 -13.98 18.73 -15.74
CA PRO B 290 -13.44 19.80 -16.58
C PRO B 290 -11.93 19.63 -16.90
N CYS B 291 -11.16 19.17 -15.93
CA CYS B 291 -9.70 18.95 -16.09
C CYS B 291 -9.45 17.94 -17.22
N TYR B 292 -10.02 16.74 -17.11
CA TYR B 292 -9.84 15.60 -18.05
C TYR B 292 -10.60 15.82 -19.37
N THR B 293 -11.71 16.58 -19.37
CA THR B 293 -12.39 16.97 -20.63
C THR B 293 -11.40 17.85 -21.41
N THR B 294 -10.90 18.93 -20.82
CA THR B 294 -9.99 19.84 -21.54
C THR B 294 -8.72 19.08 -21.97
N LEU B 295 -8.18 18.18 -21.14
CA LEU B 295 -6.93 17.46 -21.43
C LEU B 295 -7.19 16.54 -22.64
N THR B 296 -8.35 15.91 -22.71
CA THR B 296 -8.76 14.98 -23.81
C THR B 296 -8.89 15.76 -25.12
N GLN B 297 -9.45 16.96 -25.08
CA GLN B 297 -9.55 17.86 -26.26
C GLN B 297 -8.14 18.21 -26.76
N ILE B 298 -7.22 18.58 -25.89
CA ILE B 298 -5.87 19.01 -26.34
C ILE B 298 -5.03 17.76 -26.70
N LEU B 299 -5.17 16.67 -25.95
CA LEU B 299 -4.36 15.43 -26.10
C LEU B 299 -5.31 14.24 -26.10
N PRO B 300 -5.99 13.98 -27.24
CA PRO B 300 -6.96 12.89 -27.35
C PRO B 300 -6.59 11.51 -26.80
N PRO B 301 -5.32 11.05 -26.88
CA PRO B 301 -4.93 9.79 -26.26
C PRO B 301 -5.07 9.76 -24.72
N THR B 302 -5.26 10.91 -24.05
CA THR B 302 -5.55 10.97 -22.58
C THR B 302 -6.99 10.56 -22.26
N GLU B 303 -7.76 10.18 -23.27
CA GLU B 303 -9.21 9.85 -23.20
C GLU B 303 -9.54 8.96 -22.00
N PRO B 304 -8.78 7.88 -21.75
CA PRO B 304 -9.11 6.93 -20.68
C PRO B 304 -9.16 7.56 -19.27
N LEU B 305 -8.48 8.70 -19.08
CA LEU B 305 -8.52 9.44 -17.80
C LEU B 305 -9.95 9.98 -17.61
N LEU B 306 -10.48 10.60 -18.64
CA LEU B 306 -11.86 11.18 -18.62
C LEU B 306 -12.85 10.05 -18.42
N LYS B 307 -12.71 8.97 -19.19
CA LYS B 307 -13.65 7.82 -19.11
C LYS B 307 -13.68 7.28 -17.67
N ALA B 308 -12.53 6.98 -17.09
CA ALA B 308 -12.41 6.49 -15.69
C ALA B 308 -13.01 7.50 -14.71
N CYS B 309 -12.70 8.78 -14.91
CA CYS B 309 -13.21 9.86 -14.04
C CYS B 309 -14.74 9.89 -14.10
N ARG B 310 -15.33 9.74 -15.30
CA ARG B 310 -16.80 9.67 -15.52
C ARG B 310 -17.36 8.41 -14.82
N ASP B 311 -16.70 7.27 -14.92
CA ASP B 311 -17.17 6.05 -14.20
C ASP B 311 -17.19 6.28 -12.68
N ASN B 312 -16.15 6.90 -12.12
CA ASN B 312 -16.06 7.17 -10.67
C ASN B 312 -17.15 8.17 -10.26
N LEU B 313 -17.45 9.15 -11.11
CA LEU B 313 -18.52 10.16 -10.81
C LEU B 313 -19.84 9.40 -10.65
N SER B 314 -20.10 8.48 -11.56
CA SER B 314 -21.27 7.56 -11.55
C SER B 314 -21.30 6.73 -10.24
N GLN B 315 -20.18 6.13 -9.84
CA GLN B 315 -20.10 5.34 -8.56
C GLN B 315 -20.47 6.25 -7.38
N TRP B 316 -20.01 7.50 -7.34
CA TRP B 316 -20.31 8.44 -6.22
C TRP B 316 -21.80 8.75 -6.19
N GLU B 317 -22.43 8.89 -7.37
CA GLU B 317 -23.90 9.09 -7.50
C GLU B 317 -24.60 7.85 -6.93
N LYS B 318 -24.14 6.64 -7.26
CA LYS B 318 -24.70 5.38 -6.69
C LYS B 318 -24.59 5.42 -5.16
N VAL B 319 -23.46 5.85 -4.61
CA VAL B 319 -23.28 5.95 -3.12
C VAL B 319 -24.29 6.95 -2.57
N ILE B 320 -24.43 8.14 -3.18
CA ILE B 320 -25.38 9.18 -2.70
C ILE B 320 -26.80 8.62 -2.66
N ARG B 321 -27.25 7.95 -3.72
CA ARG B 321 -28.62 7.37 -3.86
C ARG B 321 -28.80 6.22 -2.87
N GLY B 322 -27.72 5.62 -2.37
CA GLY B 322 -27.74 4.51 -1.39
C GLY B 322 -27.54 3.15 -2.04
N GLU B 323 -27.30 3.11 -3.36
CA GLU B 323 -27.17 1.87 -4.18
C GLU B 323 -25.73 1.32 -4.09
N GLU B 324 -24.86 1.94 -3.31
CA GLU B 324 -23.60 1.28 -2.85
C GLU B 324 -23.13 1.83 -1.49
N THR B 325 -22.52 0.96 -0.67
CA THR B 325 -21.78 1.29 0.57
C THR B 325 -20.33 1.66 0.20
N GLY C 12 28.51 -19.81 30.28
CA GLY C 12 27.13 -19.32 30.57
C GLY C 12 27.02 -18.71 31.96
N LEU C 13 27.97 -17.85 32.34
CA LEU C 13 28.01 -17.17 33.67
C LEU C 13 26.83 -16.20 33.84
N MET C 14 26.47 -15.43 32.80
CA MET C 14 25.28 -14.53 32.80
C MET C 14 24.04 -15.37 32.45
N GLN C 15 23.05 -15.38 33.33
CA GLN C 15 21.71 -15.97 33.09
C GLN C 15 20.66 -14.86 33.17
N PHE C 16 19.42 -15.20 32.81
CA PHE C 16 18.29 -14.25 32.83
C PHE C 16 17.35 -14.73 33.92
N THR C 17 16.86 -13.80 34.76
CA THR C 17 15.77 -14.07 35.72
C THR C 17 14.61 -13.18 35.29
N LEU C 18 13.39 -13.71 35.40
CA LEU C 18 12.14 -12.98 35.15
C LEU C 18 11.54 -12.58 36.50
N PRO C 19 10.88 -11.42 36.58
CA PRO C 19 10.04 -11.11 37.72
C PRO C 19 9.22 -12.35 38.07
N VAL C 20 8.90 -12.51 39.36
CA VAL C 20 8.19 -13.69 39.91
C VAL C 20 6.98 -14.06 39.04
N ARG C 21 6.07 -13.12 38.74
CA ARG C 21 4.81 -13.46 38.00
C ARG C 21 5.17 -14.08 36.65
N LEU C 22 6.16 -13.54 35.92
CA LEU C 22 6.55 -14.04 34.58
C LEU C 22 7.20 -15.42 34.72
N CYS C 23 8.18 -15.49 35.62
CA CYS C 23 8.92 -16.70 36.00
C CYS C 23 7.93 -17.85 36.19
N LYS C 24 6.81 -17.57 36.85
CA LYS C 24 5.80 -18.60 37.19
C LYS C 24 4.90 -18.84 35.97
N GLU C 25 4.38 -17.76 35.39
CA GLU C 25 3.38 -17.78 34.28
C GLU C 25 4.02 -18.30 32.97
N ILE C 26 5.31 -18.10 32.74
CA ILE C 26 5.94 -18.45 31.42
C ILE C 26 5.87 -19.97 31.19
N GLU C 27 5.76 -20.76 32.26
CA GLU C 27 5.73 -22.24 32.17
C GLU C 27 4.36 -22.69 31.64
N LEU C 28 3.35 -21.82 31.70
CA LEU C 28 1.97 -22.13 31.23
C LEU C 28 1.87 -21.90 29.71
N PHE C 29 1.17 -22.79 29.02
CA PHE C 29 0.92 -22.69 27.57
C PHE C 29 0.25 -21.35 27.23
N HIS C 30 -0.61 -20.80 28.10
CA HIS C 30 -1.46 -19.62 27.77
C HIS C 30 -0.77 -18.30 28.13
N PHE C 31 0.46 -18.34 28.62
CA PHE C 31 1.23 -17.10 28.91
C PHE C 31 1.12 -16.13 27.72
N ASP C 32 0.92 -14.85 28.02
CA ASP C 32 1.01 -13.70 27.08
C ASP C 32 2.33 -12.95 27.37
N ILE C 33 3.13 -12.61 26.37
CA ILE C 33 4.50 -12.05 26.62
C ILE C 33 4.43 -10.59 27.08
N GLY C 34 3.26 -9.96 27.04
CA GLY C 34 3.07 -8.57 27.54
C GLY C 34 3.45 -7.50 26.53
N PRO C 35 3.11 -6.22 26.81
CA PRO C 35 3.30 -5.11 25.87
C PRO C 35 4.65 -4.39 25.96
N PHE C 36 5.58 -4.87 26.79
CA PHE C 36 6.93 -4.29 26.93
C PHE C 36 7.89 -4.97 25.95
N GLU C 37 8.00 -4.44 24.73
CA GLU C 37 8.87 -4.98 23.65
C GLU C 37 10.29 -5.24 24.16
N ASN C 38 10.83 -4.33 24.96
CA ASN C 38 12.25 -4.34 25.37
C ASN C 38 12.51 -5.52 26.31
N MET C 39 11.46 -6.16 26.81
CA MET C 39 11.59 -7.37 27.67
C MET C 39 11.67 -8.65 26.84
N TRP C 40 11.17 -8.65 25.60
CA TRP C 40 10.95 -9.90 24.81
C TRP C 40 12.27 -10.62 24.50
N PRO C 41 13.38 -9.90 24.16
CA PRO C 41 14.63 -10.57 23.83
C PRO C 41 15.11 -11.40 25.01
N GLY C 42 15.07 -10.82 26.20
CA GLY C 42 15.48 -11.49 27.45
C GLY C 42 14.57 -12.67 27.80
N ILE C 43 13.27 -12.52 27.59
CA ILE C 43 12.29 -13.63 27.76
C ILE C 43 12.69 -14.78 26.81
N PHE C 44 13.08 -14.45 25.58
CA PHE C 44 13.53 -15.47 24.58
C PHE C 44 14.79 -16.17 25.08
N VAL C 45 15.78 -15.41 25.57
CA VAL C 45 17.07 -15.97 26.05
C VAL C 45 16.80 -16.87 27.26
N TYR C 46 15.94 -16.42 28.17
CA TYR C 46 15.53 -17.21 29.36
C TYR C 46 15.02 -18.59 28.90
N MET C 47 14.19 -18.58 27.87
CA MET C 47 13.59 -19.82 27.33
C MET C 47 14.67 -20.65 26.64
N VAL C 48 15.61 -20.04 25.92
CA VAL C 48 16.74 -20.79 25.31
C VAL C 48 17.60 -21.41 26.44
N HIS C 49 17.90 -20.69 27.52
CA HIS C 49 18.78 -21.18 28.62
C HIS C 49 18.14 -22.40 29.33
N ARG C 50 16.86 -22.32 29.64
CA ARG C 50 16.12 -23.39 30.36
C ARG C 50 15.82 -24.56 29.42
N SER C 51 15.65 -24.27 28.14
CA SER C 51 15.08 -25.17 27.10
C SER C 51 16.21 -26.00 26.50
N CYS C 52 17.32 -25.33 26.23
CA CYS C 52 18.48 -25.84 25.47
C CYS C 52 19.62 -26.06 26.45
N GLY C 53 19.96 -25.02 27.22
CA GLY C 53 21.07 -24.97 28.19
C GLY C 53 21.81 -23.66 28.04
N THR C 54 22.48 -23.22 29.10
CA THR C 54 23.24 -21.94 29.14
C THR C 54 24.49 -22.02 28.25
N SER C 55 24.80 -23.20 27.74
CA SER C 55 26.01 -23.50 26.94
C SER C 55 25.64 -23.91 25.50
N CYS C 56 24.40 -23.72 25.07
CA CYS C 56 23.95 -24.00 23.69
C CYS C 56 24.53 -22.97 22.71
N PHE C 57 24.61 -21.70 23.15
CA PHE C 57 24.91 -20.53 22.29
C PHE C 57 25.81 -19.56 23.05
N GLU C 58 26.71 -18.88 22.34
CA GLU C 58 27.52 -17.79 22.92
C GLU C 58 26.57 -16.61 23.09
N LEU C 59 26.38 -16.11 24.32
CA LEU C 59 25.39 -15.04 24.64
C LEU C 59 25.61 -13.81 23.76
N GLU C 60 26.85 -13.36 23.55
CA GLU C 60 27.20 -12.23 22.65
C GLU C 60 26.58 -12.49 21.27
N LYS C 61 26.85 -13.66 20.67
CA LYS C 61 26.42 -14.04 19.30
C LYS C 61 24.89 -14.12 19.24
N LEU C 62 24.28 -14.74 20.27
CA LEU C 62 22.81 -14.92 20.38
C LEU C 62 22.12 -13.55 20.44
N CME C 63 22.63 -12.61 21.22
CA CME C 63 22.00 -11.27 21.41
CB CME C 63 22.57 -10.54 22.62
SG CME C 63 21.74 -11.00 24.17
SD CME C 63 19.82 -10.35 23.81
CE CME C 63 19.32 -9.37 25.26
CZ CME C 63 18.87 -8.01 24.83
OH CME C 63 18.46 -7.23 25.93
C CME C 63 22.06 -10.50 20.11
O CME C 63 21.07 -9.84 19.79
N ARG C 64 23.16 -10.57 19.35
CA ARG C 64 23.24 -9.77 18.10
C ARG C 64 22.43 -10.48 17.02
N PHE C 65 22.31 -11.81 17.06
CA PHE C 65 21.40 -12.57 16.15
C PHE C 65 19.96 -12.11 16.39
N ILE C 66 19.53 -12.15 17.66
CA ILE C 66 18.16 -11.76 18.14
C ILE C 66 17.85 -10.34 17.66
N MET C 67 18.80 -9.41 17.77
CA MET C 67 18.51 -7.97 17.50
C MET C 67 18.46 -7.75 15.99
N SER C 68 19.21 -8.54 15.23
CA SER C 68 19.17 -8.52 13.74
C SER C 68 17.83 -9.10 13.25
N VAL C 69 17.39 -10.21 13.84
CA VAL C 69 16.09 -10.85 13.51
C VAL C 69 14.96 -9.84 13.77
N LYS C 70 14.92 -9.21 14.94
CA LYS C 70 13.93 -8.17 15.33
C LYS C 70 13.87 -7.04 14.28
N LYS C 71 15.05 -6.54 13.90
CA LYS C 71 15.25 -5.48 12.87
C LYS C 71 14.56 -5.88 11.56
N ASN C 72 14.45 -7.17 11.27
CA ASN C 72 13.95 -7.68 9.96
C ASN C 72 12.49 -8.12 10.08
N TYR C 73 11.84 -7.90 11.22
CA TYR C 73 10.36 -7.96 11.36
C TYR C 73 9.78 -6.56 11.14
N ARG C 74 8.66 -6.46 10.43
CA ARG C 74 8.04 -5.16 10.06
C ARG C 74 6.96 -4.75 11.06
N ARG C 75 6.59 -3.46 11.02
CA ARG C 75 5.56 -2.86 11.90
C ARG C 75 4.21 -3.08 11.23
N VAL C 76 3.83 -4.34 11.14
CA VAL C 76 2.53 -4.83 10.63
C VAL C 76 1.70 -5.16 11.87
N PRO C 77 0.36 -5.26 11.74
CA PRO C 77 -0.48 -5.43 12.93
C PRO C 77 -0.33 -6.76 13.69
N TYR C 78 -0.08 -7.85 12.98
CA TYR C 78 -0.07 -9.20 13.60
C TYR C 78 1.26 -9.93 13.32
N HIS C 79 1.71 -9.96 12.06
CA HIS C 79 2.91 -10.76 11.64
C HIS C 79 4.19 -10.01 11.98
N ASN C 80 4.35 -9.64 13.25
CA ASN C 80 5.39 -8.70 13.74
C ASN C 80 6.29 -9.45 14.73
N TRP C 81 7.24 -8.74 15.33
CA TRP C 81 8.20 -9.25 16.36
C TRP C 81 7.46 -9.97 17.49
N LYS C 82 6.33 -9.41 17.94
CA LYS C 82 5.57 -9.95 19.09
C LYS C 82 5.05 -11.35 18.73
N HIS C 83 4.59 -11.56 17.50
CA HIS C 83 4.14 -12.89 17.00
C HIS C 83 5.32 -13.87 17.02
N ALA C 84 6.50 -13.42 16.62
CA ALA C 84 7.72 -14.26 16.57
C ALA C 84 8.05 -14.79 17.98
N VAL C 85 8.07 -13.93 18.99
CA VAL C 85 8.41 -14.36 20.37
C VAL C 85 7.25 -15.19 20.94
N THR C 86 6.01 -14.88 20.62
CA THR C 86 4.80 -15.62 21.11
C THR C 86 4.88 -17.06 20.56
N VAL C 87 5.30 -17.22 19.31
CA VAL C 87 5.43 -18.58 18.68
C VAL C 87 6.60 -19.33 19.32
N ALA C 88 7.72 -18.67 19.59
CA ALA C 88 8.87 -19.29 20.28
C ALA C 88 8.44 -19.78 21.68
N HIS C 89 7.63 -18.99 22.38
CA HIS C 89 7.21 -19.31 23.77
C HIS C 89 6.34 -20.58 23.77
N CYS C 90 5.40 -20.69 22.83
CA CYS C 90 4.56 -21.90 22.70
C CYS C 90 5.47 -23.10 22.48
N MET C 91 6.46 -22.97 21.58
CA MET C 91 7.48 -24.02 21.35
C MET C 91 8.27 -24.30 22.64
N TYR C 92 8.61 -23.27 23.42
CA TYR C 92 9.28 -23.47 24.75
C TYR C 92 8.44 -24.42 25.63
N ALA C 93 7.14 -24.13 25.76
CA ALA C 93 6.20 -24.91 26.57
C ALA C 93 6.10 -26.35 26.03
N ILE C 94 5.97 -26.54 24.73
CA ILE C 94 5.89 -27.92 24.17
C ILE C 94 7.16 -28.69 24.58
N LEU C 95 8.35 -28.09 24.41
CA LEU C 95 9.66 -28.73 24.67
C LEU C 95 9.83 -29.08 26.15
N GLN C 96 9.48 -28.16 27.06
CA GLN C 96 9.69 -28.35 28.53
C GLN C 96 8.75 -29.45 29.04
N ASN C 97 7.58 -29.62 28.43
CA ASN C 97 6.56 -30.60 28.85
C ASN C 97 6.77 -31.92 28.11
N ASN C 98 7.82 -32.03 27.29
CA ASN C 98 8.13 -33.23 26.48
C ASN C 98 9.65 -33.39 26.37
N HIS C 99 10.41 -33.09 27.43
CA HIS C 99 11.87 -32.83 27.33
C HIS C 99 12.64 -34.10 26.91
N THR C 100 12.16 -35.30 27.27
CA THR C 100 12.83 -36.58 26.92
C THR C 100 12.70 -36.89 25.42
N LEU C 101 11.83 -36.22 24.67
CA LEU C 101 11.47 -36.66 23.30
C LEU C 101 12.35 -36.01 22.21
N PHE C 102 13.10 -34.94 22.50
CA PHE C 102 13.83 -34.17 21.47
C PHE C 102 15.34 -34.15 21.74
N THR C 103 16.10 -34.13 20.65
CA THR C 103 17.58 -34.10 20.64
C THR C 103 18.06 -32.70 21.05
N ASP C 104 19.36 -32.56 21.30
CA ASP C 104 20.04 -31.26 21.56
C ASP C 104 19.88 -30.35 20.34
N LEU C 105 20.13 -30.88 19.14
CA LEU C 105 20.08 -30.13 17.86
C LEU C 105 18.68 -29.60 17.66
N GLU C 106 17.67 -30.47 17.79
CA GLU C 106 16.25 -30.08 17.68
C GLU C 106 15.96 -28.92 18.64
N ARG C 107 16.40 -29.01 19.89
CA ARG C 107 16.10 -28.00 20.94
C ARG C 107 16.67 -26.65 20.51
N LYS C 108 17.92 -26.63 20.07
CA LYS C 108 18.63 -25.46 19.52
C LYS C 108 17.85 -24.90 18.33
N GLY C 109 17.49 -25.80 17.40
CA GLY C 109 16.91 -25.47 16.08
C GLY C 109 15.52 -24.87 16.18
N LEU C 110 14.63 -25.46 16.97
CA LEU C 110 13.18 -25.19 16.89
C LEU C 110 12.86 -23.80 17.45
N LEU C 111 13.51 -23.39 18.52
CA LEU C 111 13.28 -22.06 19.15
C LEU C 111 13.72 -20.99 18.16
N ILE C 112 14.87 -21.19 17.53
CA ILE C 112 15.40 -20.28 16.48
C ILE C 112 14.42 -20.26 15.30
N ALA C 113 13.98 -21.42 14.83
CA ALA C 113 13.05 -21.50 13.68
C ALA C 113 11.79 -20.71 14.01
N CYS C 114 11.23 -20.88 15.22
CA CYS C 114 10.02 -20.14 15.67
C CYS C 114 10.28 -18.64 15.69
N LEU C 115 11.42 -18.22 16.25
CA LEU C 115 11.77 -16.77 16.28
C LEU C 115 11.83 -16.23 14.85
N CYS C 116 12.29 -17.05 13.89
CA CYS C 116 12.62 -16.58 12.51
C CYS C 116 11.51 -16.88 11.49
N HIS C 117 10.40 -17.49 11.87
CA HIS C 117 9.53 -18.23 10.92
C HIS C 117 8.70 -17.28 10.06
N ASP C 118 8.54 -16.01 10.47
CA ASP C 118 7.80 -14.99 9.68
C ASP C 118 8.72 -13.79 9.37
N LEU C 119 10.02 -14.02 9.27
CA LEU C 119 11.02 -12.94 9.04
C LEU C 119 10.64 -12.17 7.78
N ASP C 120 10.57 -10.85 7.90
CA ASP C 120 10.36 -9.92 6.77
C ASP C 120 8.95 -10.06 6.17
N HIS C 121 7.98 -10.55 6.95
CA HIS C 121 6.56 -10.66 6.53
C HIS C 121 6.00 -9.27 6.25
N ARG C 122 5.18 -9.12 5.20
CA ARG C 122 4.59 -7.80 4.84
CA ARG C 122 4.57 -7.83 4.78
C ARG C 122 3.10 -7.77 5.21
N GLY C 123 2.58 -8.80 5.87
CA GLY C 123 1.16 -8.92 6.24
C GLY C 123 0.29 -9.44 5.09
N PHE C 124 0.89 -10.00 4.04
CA PHE C 124 0.17 -10.52 2.86
C PHE C 124 0.44 -12.02 2.71
N SER C 125 -0.56 -12.76 2.28
CA SER C 125 -0.50 -14.22 2.07
C SER C 125 0.22 -14.54 0.76
N ASN C 126 0.57 -15.80 0.58
CA ASN C 126 1.17 -16.34 -0.66
C ASN C 126 0.21 -16.08 -1.84
N SER C 127 -1.10 -16.24 -1.65
CA SER C 127 -2.11 -15.98 -2.71
C SER C 127 -1.94 -14.57 -3.26
N TYR C 128 -1.89 -13.57 -2.38
CA TYR C 128 -1.77 -12.17 -2.82
C TYR C 128 -0.47 -11.98 -3.58
N LEU C 129 0.67 -12.44 -3.05
CA LEU C 129 1.98 -12.25 -3.70
C LEU C 129 1.92 -12.83 -5.11
N GLN C 130 1.18 -13.92 -5.26
CA GLN C 130 1.09 -14.70 -6.51
C GLN C 130 0.26 -13.88 -7.50
N LYS C 131 -0.94 -13.50 -7.08
CA LYS C 131 -1.88 -12.68 -7.90
C LYS C 131 -1.25 -11.32 -8.25
N PHE C 132 -0.44 -10.75 -7.35
CA PHE C 132 0.24 -9.46 -7.58
C PHE C 132 1.36 -9.66 -8.60
N ASP C 133 1.84 -10.91 -8.70
CA ASP C 133 3.04 -11.27 -9.50
C ASP C 133 4.27 -10.63 -8.84
N HIS C 134 4.47 -10.91 -7.54
CA HIS C 134 5.60 -10.38 -6.75
C HIS C 134 6.86 -11.10 -7.16
N PRO C 135 8.03 -10.42 -7.25
CA PRO C 135 9.29 -11.10 -7.55
C PRO C 135 9.55 -12.40 -6.75
N LEU C 136 9.19 -12.42 -5.46
CA LEU C 136 9.33 -13.60 -4.56
C LEU C 136 8.52 -14.78 -5.13
N ALA C 137 7.36 -14.51 -5.73
CA ALA C 137 6.44 -15.53 -6.28
C ALA C 137 7.07 -16.20 -7.51
N ALA C 138 7.96 -15.52 -8.25
CA ALA C 138 8.77 -16.11 -9.34
C ALA C 138 9.90 -16.95 -8.73
N LEU C 139 10.65 -16.38 -7.80
CA LEU C 139 11.78 -17.03 -7.06
C LEU C 139 11.27 -18.28 -6.30
N TYR C 140 10.07 -18.24 -5.72
CA TYR C 140 9.54 -19.30 -4.84
C TYR C 140 8.13 -19.64 -5.28
N SER C 141 7.97 -20.65 -6.12
CA SER C 141 6.69 -20.96 -6.79
C SER C 141 5.67 -21.43 -5.76
N THR C 142 6.09 -22.20 -4.74
CA THR C 142 5.23 -22.64 -3.60
C THR C 142 5.84 -22.25 -2.25
N SER C 143 5.00 -22.24 -1.21
CA SER C 143 5.37 -21.73 0.14
C SER C 143 6.22 -20.47 -0.03
N THR C 144 5.78 -19.53 -0.87
CA THR C 144 6.57 -18.35 -1.30
C THR C 144 7.17 -17.61 -0.10
N MET C 145 6.33 -17.17 0.85
CA MET C 145 6.79 -16.32 1.98
C MET C 145 7.70 -17.18 2.88
N GLU C 146 7.41 -18.48 3.01
CA GLU C 146 8.09 -19.36 3.98
C GLU C 146 9.49 -19.68 3.46
N GLN C 147 9.64 -19.88 2.16
CA GLN C 147 10.98 -20.00 1.54
C GLN C 147 11.77 -18.69 1.77
N HIS C 148 11.09 -17.53 1.76
CA HIS C 148 11.75 -16.23 2.00
C HIS C 148 12.20 -16.13 3.47
N HIS C 149 11.36 -16.58 4.41
CA HIS C 149 11.63 -16.49 5.84
C HIS C 149 12.92 -17.25 6.13
N PHE C 150 13.03 -18.48 5.61
CA PHE C 150 14.23 -19.33 5.78
C PHE C 150 15.45 -18.65 5.15
N SER C 151 15.26 -18.11 3.96
CA SER C 151 16.33 -17.40 3.22
C SER C 151 16.81 -16.19 4.04
N GLN C 152 15.88 -15.39 4.60
CA GLN C 152 16.20 -14.24 5.48
C GLN C 152 16.99 -14.73 6.71
N THR C 153 16.62 -15.89 7.25
CA THR C 153 17.27 -16.58 8.40
C THR C 153 18.73 -16.87 8.06
N VAL C 154 19.00 -17.50 6.91
CA VAL C 154 20.38 -17.82 6.43
C VAL C 154 21.16 -16.50 6.24
N SER C 155 20.57 -15.47 5.64
CA SER C 155 21.22 -14.13 5.48
C SER C 155 21.71 -13.62 6.84
N ILE C 156 20.88 -13.68 7.89
CA ILE C 156 21.25 -13.17 9.24
C ILE C 156 22.40 -14.03 9.79
N LEU C 157 22.29 -15.36 9.70
CA LEU C 157 23.33 -16.30 10.22
C LEU C 157 24.69 -16.05 9.57
N GLN C 158 24.72 -15.53 8.34
CA GLN C 158 26.00 -15.31 7.58
C GLN C 158 26.55 -13.90 7.81
N LEU C 159 25.83 -13.04 8.54
CA LEU C 159 26.34 -11.72 8.96
C LEU C 159 27.52 -11.96 9.91
N GLU C 160 28.50 -11.04 9.90
CA GLU C 160 29.70 -11.16 10.76
C GLU C 160 29.26 -11.15 12.22
N GLY C 161 29.78 -12.08 13.03
CA GLY C 161 29.48 -12.21 14.46
C GLY C 161 28.09 -12.79 14.74
N HIS C 162 27.31 -13.15 13.73
CA HIS C 162 25.89 -13.60 13.88
C HIS C 162 25.77 -15.12 13.85
N ASN C 163 26.80 -15.88 13.48
CA ASN C 163 26.64 -17.36 13.34
C ASN C 163 26.58 -18.02 14.72
N ILE C 164 25.38 -18.10 15.29
CA ILE C 164 25.11 -18.69 16.62
C ILE C 164 25.42 -20.19 16.61
N PHE C 165 25.70 -20.78 15.45
CA PHE C 165 25.96 -22.24 15.31
C PHE C 165 27.44 -22.48 14.93
N SER C 166 28.32 -21.51 15.16
CA SER C 166 29.75 -21.60 14.73
C SER C 166 30.49 -22.73 15.46
N THR C 167 30.02 -23.22 16.60
CA THR C 167 30.72 -24.29 17.38
C THR C 167 30.28 -25.69 16.91
N LEU C 168 29.15 -25.82 16.23
CA LEU C 168 28.69 -27.15 15.74
C LEU C 168 29.74 -27.66 14.76
N SER C 169 29.77 -28.97 14.52
CA SER C 169 30.52 -29.61 13.41
C SER C 169 29.80 -29.28 12.10
N SER C 170 30.47 -29.44 10.96
CA SER C 170 29.86 -29.23 9.63
C SER C 170 28.56 -30.06 9.51
N SER C 171 28.55 -31.25 10.11
CA SER C 171 27.45 -32.26 10.01
C SER C 171 26.25 -31.78 10.80
N GLU C 172 26.49 -31.40 12.06
CA GLU C 172 25.51 -30.85 13.00
C GLU C 172 24.98 -29.52 12.45
N TYR C 173 25.84 -28.71 11.82
CA TYR C 173 25.46 -27.40 11.25
C TYR C 173 24.44 -27.63 10.13
N GLU C 174 24.72 -28.55 9.22
CA GLU C 174 23.83 -28.88 8.08
CA GLU C 174 23.79 -28.80 8.08
C GLU C 174 22.53 -29.49 8.61
N GLN C 175 22.62 -30.22 9.72
CA GLN C 175 21.41 -30.88 10.31
C GLN C 175 20.48 -29.81 10.89
N VAL C 176 21.02 -28.90 11.69
CA VAL C 176 20.23 -27.87 12.40
C VAL C 176 19.62 -26.93 11.34
N LEU C 177 20.35 -26.61 10.26
CA LEU C 177 19.83 -25.75 9.16
C LEU C 177 18.69 -26.49 8.46
N GLU C 178 18.81 -27.80 8.32
CA GLU C 178 17.74 -28.62 7.70
C GLU C 178 16.52 -28.70 8.64
N ILE C 179 16.73 -28.80 9.95
CA ILE C 179 15.63 -28.80 10.96
C ILE C 179 14.86 -27.46 10.84
N ILE C 180 15.59 -26.35 10.79
CA ILE C 180 15.02 -24.97 10.73
C ILE C 180 14.26 -24.82 9.41
N ARG C 181 14.88 -25.13 8.28
CA ARG C 181 14.23 -25.01 6.94
C ARG C 181 12.89 -25.75 6.97
N LYS C 182 12.89 -27.04 7.29
CA LYS C 182 11.67 -27.88 7.23
C LYS C 182 10.60 -27.32 8.18
N ALA C 183 11.00 -26.88 9.37
CA ALA C 183 10.11 -26.31 10.40
C ALA C 183 9.47 -25.02 9.86
N ILE C 184 10.24 -24.15 9.19
CA ILE C 184 9.73 -22.84 8.70
C ILE C 184 8.78 -23.08 7.52
N ILE C 185 9.16 -23.95 6.59
CA ILE C 185 8.30 -24.38 5.44
C ILE C 185 7.00 -24.98 6.00
N ALA C 186 7.08 -25.72 7.12
CA ALA C 186 5.90 -26.37 7.73
C ALA C 186 4.82 -25.36 8.17
N THR C 187 5.21 -24.09 8.47
CA THR C 187 4.28 -23.02 8.89
C THR C 187 3.48 -22.51 7.69
N ASP C 188 3.75 -22.99 6.47
CA ASP C 188 2.85 -22.77 5.33
C ASP C 188 1.57 -23.57 5.59
N LEU C 189 0.49 -22.87 5.91
CA LEU C 189 -0.77 -23.50 6.39
C LEU C 189 -1.36 -24.40 5.29
N ALA C 190 -0.99 -24.18 4.00
CA ALA C 190 -1.44 -25.03 2.88
C ALA C 190 -0.83 -26.43 3.00
N LEU C 191 0.34 -26.54 3.63
CA LEU C 191 1.03 -27.85 3.80
C LEU C 191 0.48 -28.57 5.04
N TYR C 192 -0.09 -27.83 5.99
CA TYR C 192 -0.58 -28.37 7.28
C TYR C 192 -1.64 -29.45 7.03
N PHE C 193 -2.60 -29.20 6.14
CA PHE C 193 -3.78 -30.10 5.93
C PHE C 193 -3.29 -31.51 5.60
N GLY C 194 -2.36 -31.60 4.65
CA GLY C 194 -1.73 -32.85 4.18
C GLY C 194 -0.91 -33.51 5.27
N ASN C 195 -0.13 -32.69 5.99
CA ASN C 195 0.79 -33.16 7.05
C ASN C 195 -0.02 -33.84 8.16
N ARG C 196 -1.04 -33.12 8.66
CA ARG C 196 -1.86 -33.58 9.80
C ARG C 196 -2.58 -34.87 9.41
N LYS C 197 -3.05 -34.95 8.17
CA LYS C 197 -3.81 -36.13 7.67
C LYS C 197 -2.85 -37.32 7.61
N GLN C 198 -1.63 -37.15 7.12
CA GLN C 198 -0.61 -38.24 7.12
C GLN C 198 -0.29 -38.63 8.56
N LEU C 199 -0.09 -37.66 9.43
CA LEU C 199 0.29 -37.90 10.85
C LEU C 199 -0.81 -38.67 11.56
N GLU C 200 -2.05 -38.23 11.35
CA GLU C 200 -3.27 -38.83 11.95
C GLU C 200 -3.33 -40.30 11.56
N GLU C 201 -3.13 -40.63 10.29
CA GLU C 201 -3.11 -42.03 9.81
C GLU C 201 -1.97 -42.79 10.52
N MET C 202 -0.79 -42.20 10.64
CA MET C 202 0.38 -42.90 11.24
C MET C 202 0.07 -43.22 12.70
N TYR C 203 -0.50 -42.27 13.43
CA TYR C 203 -0.81 -42.44 14.87
C TYR C 203 -1.86 -43.55 15.03
N GLN C 204 -2.94 -43.47 14.28
CA GLN C 204 -4.11 -44.38 14.41
C GLN C 204 -3.74 -45.81 13.98
N THR C 205 -2.85 -46.00 13.00
CA THR C 205 -2.44 -47.35 12.51
C THR C 205 -1.35 -47.90 13.42
N GLY C 206 -0.76 -47.08 14.28
CA GLY C 206 0.33 -47.49 15.18
C GLY C 206 1.67 -47.57 14.45
N SER C 207 1.75 -47.08 13.21
CA SER C 207 2.99 -47.06 12.40
C SER C 207 3.88 -45.87 12.78
N LEU C 208 3.36 -44.91 13.57
CA LEU C 208 4.13 -43.70 13.94
C LEU C 208 5.36 -44.08 14.75
N ASN C 209 6.54 -43.58 14.38
CA ASN C 209 7.85 -44.06 14.90
C ASN C 209 8.79 -42.86 15.02
N LEU C 210 9.03 -42.38 16.23
CA LEU C 210 9.90 -41.19 16.47
C LEU C 210 11.38 -41.48 16.15
N ASN C 211 11.76 -42.72 15.87
CA ASN C 211 13.11 -43.10 15.40
C ASN C 211 13.22 -42.90 13.88
N ASN C 212 12.09 -42.78 13.18
CA ASN C 212 12.06 -42.57 11.71
C ASN C 212 12.08 -41.05 11.46
N GLN C 213 13.12 -40.54 10.76
CA GLN C 213 13.38 -39.08 10.58
C GLN C 213 12.21 -38.42 9.85
N SER C 214 11.66 -39.06 8.84
CA SER C 214 10.52 -38.46 8.09
C SER C 214 9.27 -38.39 9.00
N HIS C 215 9.14 -39.30 9.98
CA HIS C 215 8.07 -39.22 11.00
C HIS C 215 8.37 -38.05 11.96
N ARG C 216 9.61 -37.94 12.41
CA ARG C 216 10.02 -36.84 13.32
C ARG C 216 9.70 -35.51 12.64
N ASP C 217 10.00 -35.39 11.34
CA ASP C 217 9.79 -34.16 10.53
C ASP C 217 8.32 -33.78 10.51
N ARG C 218 7.44 -34.75 10.27
CA ARG C 218 5.98 -34.52 10.28
C ARG C 218 5.56 -34.00 11.66
N VAL C 219 6.01 -34.66 12.72
CA VAL C 219 5.64 -34.26 14.12
C VAL C 219 6.11 -32.81 14.34
N ILE C 220 7.35 -32.50 13.96
CA ILE C 220 7.91 -31.14 14.16
C ILE C 220 7.04 -30.17 13.37
N GLY C 221 6.61 -30.56 12.18
CA GLY C 221 5.70 -29.75 11.35
C GLY C 221 4.41 -29.39 12.07
N LEU C 222 3.77 -30.37 12.69
CA LEU C 222 2.51 -30.16 13.40
C LEU C 222 2.76 -29.24 14.61
N MET C 223 3.88 -29.47 15.29
CA MET C 223 4.32 -28.61 16.43
C MET C 223 4.40 -27.17 15.95
N MET C 224 4.98 -26.95 14.76
CA MET C 224 5.18 -25.60 14.17
C MET C 224 3.79 -24.98 13.89
N THR C 225 2.89 -25.77 13.30
CA THR C 225 1.51 -25.28 13.04
C THR C 225 0.93 -24.85 14.39
N ALA C 226 1.04 -25.74 15.38
CA ALA C 226 0.40 -25.57 16.70
C ALA C 226 0.93 -24.27 17.31
N CYS C 227 2.25 -24.05 17.28
CA CYS C 227 2.88 -22.83 17.87
C CYS C 227 2.43 -21.57 17.10
N ASP C 228 2.40 -21.67 15.76
CA ASP C 228 2.02 -20.56 14.85
C ASP C 228 0.60 -20.08 15.16
N LEU C 229 -0.32 -21.04 15.38
CA LEU C 229 -1.76 -20.76 15.61
C LEU C 229 -2.05 -20.44 17.08
N CYS C 230 -1.05 -20.41 17.96
CA CYS C 230 -1.23 -20.50 19.43
C CYS C 230 -2.03 -19.30 19.98
N SER C 231 -2.25 -18.24 19.22
CA SER C 231 -3.07 -17.09 19.70
C SER C 231 -4.51 -17.56 19.95
N VAL C 232 -4.95 -18.65 19.31
CA VAL C 232 -6.30 -19.26 19.55
C VAL C 232 -6.29 -20.15 20.80
N THR C 233 -5.18 -20.25 21.54
CA THR C 233 -5.05 -21.07 22.77
C THR C 233 -4.78 -20.20 24.00
N LYS C 234 -4.92 -18.89 23.88
CA LYS C 234 -4.75 -17.93 25.00
C LYS C 234 -6.09 -17.83 25.75
N LEU C 235 -6.06 -17.13 26.88
CA LEU C 235 -7.29 -16.76 27.64
C LEU C 235 -8.08 -15.80 26.76
N TRP C 236 -9.40 -15.82 26.91
CA TRP C 236 -10.34 -15.26 25.90
C TRP C 236 -10.00 -13.81 25.56
N PRO C 237 -9.69 -12.94 26.55
CA PRO C 237 -9.42 -11.53 26.26
C PRO C 237 -8.19 -11.35 25.34
N VAL C 238 -7.16 -12.19 25.53
CA VAL C 238 -5.95 -12.16 24.65
C VAL C 238 -6.37 -12.60 23.24
N THR C 239 -7.10 -13.71 23.13
CA THR C 239 -7.50 -14.34 21.85
C THR C 239 -8.34 -13.34 21.04
N LYS C 240 -9.30 -12.73 21.72
CA LYS C 240 -10.25 -11.74 21.15
C LYS C 240 -9.47 -10.53 20.63
N LEU C 241 -8.48 -10.05 21.37
CA LEU C 241 -7.72 -8.83 20.96
C LEU C 241 -6.75 -9.19 19.84
N THR C 242 -6.10 -10.36 19.88
CA THR C 242 -5.21 -10.80 18.78
C THR C 242 -6.02 -10.93 17.49
N ALA C 243 -7.28 -11.36 17.54
CA ALA C 243 -8.14 -11.54 16.35
C ALA C 243 -8.36 -10.20 15.65
N ASN C 244 -8.47 -9.09 16.39
CA ASN C 244 -8.49 -7.72 15.81
C ASN C 244 -7.24 -7.49 14.94
N ASP C 245 -6.06 -7.88 15.43
CA ASP C 245 -4.76 -7.69 14.73
C ASP C 245 -4.68 -8.62 13.50
N ILE C 246 -5.10 -9.88 13.61
CA ILE C 246 -5.16 -10.85 12.48
C ILE C 246 -6.07 -10.28 11.38
N TYR C 247 -7.25 -9.81 11.73
CA TYR C 247 -8.26 -9.36 10.74
C TYR C 247 -7.84 -8.02 10.12
N ALA C 248 -7.18 -7.14 10.87
CA ALA C 248 -6.66 -5.86 10.34
C ALA C 248 -5.78 -6.17 9.11
N GLU C 249 -4.93 -7.19 9.21
CA GLU C 249 -4.07 -7.64 8.08
C GLU C 249 -4.94 -8.24 6.98
N PHE C 250 -5.83 -9.18 7.32
CA PHE C 250 -6.80 -9.77 6.37
C PHE C 250 -7.51 -8.67 5.56
N TRP C 251 -8.05 -7.66 6.25
CA TRP C 251 -8.82 -6.56 5.60
C TRP C 251 -7.90 -5.73 4.68
N ALA C 252 -6.66 -5.46 5.07
CA ALA C 252 -5.71 -4.71 4.22
C ALA C 252 -5.40 -5.53 2.97
N GLU C 253 -5.25 -6.85 3.11
CA GLU C 253 -4.98 -7.74 1.94
C GLU C 253 -6.22 -7.72 1.04
N GLY C 254 -7.41 -7.79 1.62
CA GLY C 254 -8.67 -7.66 0.87
C GLY C 254 -8.70 -6.38 0.06
N ASP C 255 -8.39 -5.25 0.71
CA ASP C 255 -8.32 -3.92 0.06
C ASP C 255 -7.39 -4.04 -1.14
N GLU C 256 -6.24 -4.69 -0.97
CA GLU C 256 -5.21 -4.75 -2.04
C GLU C 256 -5.71 -5.67 -3.17
N MET C 257 -6.49 -6.69 -2.84
CA MET C 257 -7.09 -7.63 -3.82
C MET C 257 -8.09 -6.85 -4.69
N LYS C 258 -8.91 -6.00 -4.06
CA LYS C 258 -9.89 -5.13 -4.75
C LYS C 258 -9.17 -4.20 -5.73
N LYS C 259 -7.98 -3.73 -5.35
CA LYS C 259 -7.18 -2.80 -6.18
C LYS C 259 -6.58 -3.55 -7.38
N LEU C 260 -6.39 -4.85 -7.28
CA LEU C 260 -5.95 -5.72 -8.41
C LEU C 260 -7.16 -6.03 -9.29
N GLY C 261 -8.37 -5.78 -8.82
CA GLY C 261 -9.63 -6.04 -9.55
C GLY C 261 -10.17 -7.44 -9.27
N ILE C 262 -9.85 -8.02 -8.11
CA ILE C 262 -10.27 -9.39 -7.70
C ILE C 262 -11.10 -9.26 -6.42
N GLN C 263 -12.34 -9.74 -6.42
CA GLN C 263 -13.18 -9.75 -5.20
C GLN C 263 -12.47 -10.67 -4.22
N PRO C 264 -12.12 -10.21 -3.00
CA PRO C 264 -11.43 -11.08 -2.06
C PRO C 264 -12.46 -12.07 -1.54
N ILE C 265 -12.01 -13.18 -0.96
CA ILE C 265 -12.86 -14.08 -0.16
C ILE C 265 -13.43 -13.26 1.00
N PRO C 266 -14.60 -13.61 1.56
CA PRO C 266 -15.23 -12.80 2.61
C PRO C 266 -14.39 -12.57 3.89
N MET C 267 -13.50 -13.50 4.21
CA MET C 267 -12.58 -13.40 5.37
C MET C 267 -11.76 -12.10 5.26
N MET C 268 -11.41 -11.69 4.04
CA MET C 268 -10.48 -10.55 3.79
C MET C 268 -11.25 -9.31 3.32
N ASP C 269 -12.59 -9.36 3.35
CA ASP C 269 -13.46 -8.25 2.90
C ASP C 269 -13.89 -7.49 4.13
N ARG C 270 -13.48 -6.22 4.28
CA ARG C 270 -13.81 -5.42 5.50
C ARG C 270 -15.29 -5.02 5.48
N ASP C 271 -15.97 -5.08 4.34
CA ASP C 271 -17.43 -4.88 4.23
C ASP C 271 -18.22 -6.06 4.83
N LYS C 272 -17.59 -7.23 4.99
CA LYS C 272 -18.27 -8.45 5.48
C LYS C 272 -17.77 -8.76 6.89
N LYS C 273 -17.65 -7.72 7.71
CA LYS C 273 -17.15 -7.75 9.12
C LYS C 273 -18.11 -8.54 10.01
N ASP C 274 -19.41 -8.52 9.70
CA ASP C 274 -20.48 -9.19 10.51
C ASP C 274 -20.31 -10.72 10.44
N GLU C 275 -19.60 -11.26 9.44
CA GLU C 275 -19.42 -12.73 9.22
C GLU C 275 -18.15 -13.25 9.90
N VAL C 276 -17.49 -12.46 10.74
CA VAL C 276 -16.22 -12.84 11.42
C VAL C 276 -16.51 -13.96 12.43
N PRO C 277 -17.49 -13.81 13.36
CA PRO C 277 -17.77 -14.89 14.31
C PRO C 277 -17.96 -16.25 13.63
N GLN C 278 -18.87 -16.32 12.66
CA GLN C 278 -19.08 -17.54 11.82
C GLN C 278 -17.72 -17.98 11.24
N GLY C 279 -16.90 -17.02 10.78
CA GLY C 279 -15.60 -17.24 10.13
C GLY C 279 -14.61 -17.92 11.05
N GLN C 280 -14.61 -17.53 12.32
CA GLN C 280 -13.72 -18.09 13.38
C GLN C 280 -14.17 -19.52 13.71
N LEU C 281 -15.46 -19.73 13.99
CA LEU C 281 -16.04 -21.09 14.15
C LEU C 281 -15.47 -22.01 13.07
N GLY C 282 -15.66 -21.64 11.81
CA GLY C 282 -15.18 -22.41 10.66
C GLY C 282 -13.70 -22.72 10.77
N PHE C 283 -12.89 -21.73 11.14
CA PHE C 283 -11.42 -21.88 11.25
C PHE C 283 -11.07 -22.84 12.39
N TYR C 284 -11.72 -22.68 13.55
CA TYR C 284 -11.48 -23.56 14.72
C TYR C 284 -11.87 -25.00 14.35
N ASN C 285 -13.03 -25.17 13.69
CA ASN C 285 -13.61 -26.49 13.33
C ASN C 285 -12.70 -27.15 12.30
N ALA C 286 -12.27 -26.40 11.30
CA ALA C 286 -11.58 -26.96 10.11
C ALA C 286 -10.06 -27.02 10.32
N VAL C 287 -9.48 -26.23 11.24
CA VAL C 287 -8.00 -26.07 11.31
C VAL C 287 -7.49 -26.29 12.73
N ALA C 288 -7.88 -25.44 13.66
CA ALA C 288 -7.26 -25.32 14.99
C ALA C 288 -7.60 -26.56 15.84
N ILE C 289 -8.87 -26.94 15.93
CA ILE C 289 -9.29 -28.08 16.77
C ILE C 289 -8.60 -29.34 16.24
N PRO C 290 -8.72 -29.71 14.94
CA PRO C 290 -8.01 -30.88 14.42
C PRO C 290 -6.51 -30.88 14.69
N CYS C 291 -5.91 -29.68 14.62
CA CYS C 291 -4.46 -29.46 14.80
C CYS C 291 -4.07 -29.83 16.24
N TYR C 292 -4.72 -29.21 17.21
CA TYR C 292 -4.41 -29.46 18.64
C TYR C 292 -4.90 -30.85 19.06
N THR C 293 -5.85 -31.45 18.34
CA THR C 293 -6.37 -32.80 18.64
C THR C 293 -5.29 -33.84 18.33
N THR C 294 -4.76 -33.82 17.10
CA THR C 294 -3.64 -34.67 16.64
C THR C 294 -2.41 -34.43 17.52
N LEU C 295 -2.08 -33.18 17.86
CA LEU C 295 -0.88 -32.88 18.67
C LEU C 295 -1.02 -33.51 20.07
N THR C 296 -2.21 -33.43 20.67
CA THR C 296 -2.47 -34.01 22.03
C THR C 296 -2.38 -35.53 21.95
N GLN C 297 -2.83 -36.14 20.86
CA GLN C 297 -2.71 -37.61 20.64
C GLN C 297 -1.24 -38.00 20.59
N ILE C 298 -0.39 -37.24 19.89
CA ILE C 298 1.05 -37.59 19.74
C ILE C 298 1.79 -37.13 20.99
N LEU C 299 1.49 -35.93 21.51
CA LEU C 299 2.13 -35.36 22.73
C LEU C 299 1.07 -35.05 23.78
N PRO C 300 0.63 -36.04 24.60
CA PRO C 300 -0.38 -35.82 25.63
C PRO C 300 -0.16 -34.61 26.54
N PRO C 301 1.07 -34.26 26.98
CA PRO C 301 1.28 -33.03 27.76
C PRO C 301 0.95 -31.67 27.08
N THR C 302 0.55 -31.65 25.81
CA THR C 302 0.16 -30.41 25.07
C THR C 302 -1.34 -30.18 25.24
N GLU C 303 -2.00 -31.08 25.97
CA GLU C 303 -3.46 -31.10 26.30
C GLU C 303 -3.99 -29.70 26.58
N PRO C 304 -3.33 -28.88 27.43
CA PRO C 304 -3.84 -27.53 27.70
C PRO C 304 -4.13 -26.67 26.46
N LEU C 305 -3.41 -26.85 25.35
CA LEU C 305 -3.61 -26.08 24.09
C LEU C 305 -4.98 -26.43 23.51
N LEU C 306 -5.29 -27.73 23.41
CA LEU C 306 -6.60 -28.20 22.93
C LEU C 306 -7.69 -27.64 23.84
N LYS C 307 -7.52 -27.77 25.16
CA LYS C 307 -8.54 -27.34 26.15
C LYS C 307 -8.81 -25.84 25.93
N ALA C 308 -7.76 -25.01 25.84
CA ALA C 308 -7.91 -23.54 25.71
C ALA C 308 -8.59 -23.19 24.38
N CYS C 309 -8.22 -23.90 23.32
CA CYS C 309 -8.80 -23.75 21.96
C CYS C 309 -10.31 -24.08 22.01
N ARG C 310 -10.70 -25.20 22.65
CA ARG C 310 -12.14 -25.56 22.82
CA ARG C 310 -12.14 -25.56 22.84
C ARG C 310 -12.85 -24.46 23.62
N ASP C 311 -12.22 -23.94 24.68
CA ASP C 311 -12.83 -22.84 25.48
C ASP C 311 -13.11 -21.63 24.57
N ASN C 312 -12.13 -21.22 23.76
CA ASN C 312 -12.28 -20.08 22.81
C ASN C 312 -13.35 -20.42 21.76
N LEU C 313 -13.44 -21.66 21.26
CA LEU C 313 -14.50 -22.07 20.28
C LEU C 313 -15.86 -21.79 20.92
N SER C 314 -15.98 -22.05 22.21
CA SER C 314 -17.23 -21.87 22.99
C SER C 314 -17.51 -20.36 23.18
N GLN C 315 -16.48 -19.54 23.32
CA GLN C 315 -16.62 -18.06 23.40
C GLN C 315 -17.14 -17.54 22.06
N TRP C 316 -16.65 -18.06 20.93
CA TRP C 316 -17.08 -17.61 19.59
C TRP C 316 -18.54 -18.00 19.35
N GLU C 317 -18.98 -19.15 19.86
CA GLU C 317 -20.39 -19.59 19.75
C GLU C 317 -21.28 -18.64 20.57
N LYS C 318 -20.81 -18.18 21.74
CA LYS C 318 -21.53 -17.22 22.62
C LYS C 318 -21.67 -15.89 21.89
N VAL C 319 -20.63 -15.48 21.15
CA VAL C 319 -20.63 -14.22 20.35
C VAL C 319 -21.61 -14.40 19.18
N ILE C 320 -21.69 -15.60 18.58
CA ILE C 320 -22.64 -15.85 17.46
C ILE C 320 -24.08 -15.83 18.01
N ARG C 321 -24.29 -16.21 19.27
CA ARG C 321 -25.64 -16.22 19.90
C ARG C 321 -25.97 -14.83 20.45
N GLY C 322 -25.07 -13.85 20.33
CA GLY C 322 -25.30 -12.46 20.81
C GLY C 322 -25.19 -12.32 22.32
N GLU C 323 -24.58 -13.28 23.03
CA GLU C 323 -24.32 -13.24 24.50
C GLU C 323 -22.98 -12.53 24.78
N GLU C 324 -22.22 -12.21 23.73
CA GLU C 324 -21.02 -11.32 23.78
C GLU C 324 -20.73 -10.80 22.37
N LEU D 13 5.14 -42.12 -38.49
CA LEU D 13 4.05 -41.24 -39.04
C LEU D 13 4.67 -39.89 -39.49
N MET D 14 4.04 -39.29 -40.49
CA MET D 14 4.54 -38.07 -41.15
C MET D 14 4.17 -36.85 -40.33
N GLN D 15 5.17 -36.01 -40.06
CA GLN D 15 5.00 -34.66 -39.49
C GLN D 15 5.58 -33.68 -40.50
N PHE D 16 5.13 -32.44 -40.45
CA PHE D 16 5.66 -31.35 -41.30
C PHE D 16 6.81 -30.71 -40.54
N THR D 17 7.88 -30.37 -41.26
CA THR D 17 9.09 -29.69 -40.73
C THR D 17 9.37 -28.50 -41.64
N LEU D 18 9.23 -27.30 -41.10
CA LEU D 18 9.54 -26.05 -41.82
C LEU D 18 11.05 -25.88 -41.85
N PRO D 19 11.58 -25.13 -42.84
CA PRO D 19 12.98 -24.69 -42.77
C PRO D 19 13.28 -23.94 -41.46
N VAL D 20 14.55 -23.98 -41.05
CA VAL D 20 15.01 -23.51 -39.73
C VAL D 20 14.36 -22.15 -39.42
N ARG D 21 14.57 -21.14 -40.27
CA ARG D 21 14.14 -19.74 -39.95
C ARG D 21 12.64 -19.68 -39.70
N LEU D 22 11.83 -20.31 -40.58
CA LEU D 22 10.34 -20.36 -40.45
C LEU D 22 9.98 -21.07 -39.15
N CYS D 23 10.56 -22.25 -38.95
CA CYS D 23 10.33 -23.14 -37.79
C CYS D 23 10.54 -22.34 -36.50
N LYS D 24 11.52 -21.44 -36.48
CA LYS D 24 11.81 -20.57 -35.31
C LYS D 24 10.90 -19.34 -35.31
N GLU D 25 10.66 -18.69 -36.46
CA GLU D 25 9.97 -17.37 -36.47
C GLU D 25 8.45 -17.58 -36.40
N ILE D 26 7.95 -18.75 -36.79
CA ILE D 26 6.47 -19.04 -36.80
C ILE D 26 5.93 -18.92 -35.38
N GLU D 27 6.79 -19.03 -34.37
CA GLU D 27 6.41 -18.94 -32.93
C GLU D 27 6.23 -17.47 -32.54
N LEU D 28 6.72 -16.51 -33.31
CA LEU D 28 6.54 -15.06 -33.03
C LEU D 28 5.17 -14.56 -33.53
N PHE D 29 4.50 -13.68 -32.79
CA PHE D 29 3.20 -13.10 -33.22
C PHE D 29 3.34 -12.39 -34.58
N HIS D 30 4.47 -11.75 -34.88
CA HIS D 30 4.66 -10.84 -36.05
C HIS D 30 5.12 -11.61 -37.30
N PHE D 31 5.27 -12.93 -37.20
CA PHE D 31 5.63 -13.80 -38.36
C PHE D 31 4.78 -13.44 -39.59
N ASP D 32 5.45 -13.34 -40.74
CA ASP D 32 4.82 -13.22 -42.08
C ASP D 32 5.01 -14.57 -42.77
N ILE D 33 3.94 -15.15 -43.33
CA ILE D 33 3.97 -16.52 -43.95
C ILE D 33 4.70 -16.52 -45.31
N GLY D 34 5.02 -15.34 -45.85
CA GLY D 34 5.87 -15.22 -47.05
C GLY D 34 5.09 -15.27 -48.36
N PRO D 35 5.78 -15.06 -49.51
CA PRO D 35 5.11 -14.97 -50.81
C PRO D 35 4.97 -16.29 -51.59
N PHE D 36 5.44 -17.42 -51.03
CA PHE D 36 5.33 -18.76 -51.66
C PHE D 36 4.01 -19.45 -51.27
N GLU D 37 2.95 -19.23 -52.03
CA GLU D 37 1.58 -19.79 -51.86
C GLU D 37 1.63 -21.29 -51.56
N ASN D 38 2.51 -22.02 -52.23
CA ASN D 38 2.54 -23.50 -52.25
C ASN D 38 3.10 -24.02 -50.91
N MET D 39 3.69 -23.17 -50.07
CA MET D 39 4.08 -23.53 -48.68
C MET D 39 2.96 -23.28 -47.65
N TRP D 40 1.94 -22.48 -47.95
CA TRP D 40 0.95 -22.06 -46.91
C TRP D 40 0.19 -23.27 -46.38
N PRO D 41 -0.28 -24.23 -47.21
CA PRO D 41 -0.93 -25.42 -46.66
C PRO D 41 -0.07 -26.15 -45.64
N GLY D 42 1.20 -26.41 -45.95
CA GLY D 42 2.16 -27.10 -45.06
C GLY D 42 2.39 -26.32 -43.77
N ILE D 43 2.48 -24.99 -43.85
CA ILE D 43 2.57 -24.10 -42.67
C ILE D 43 1.31 -24.28 -41.83
N PHE D 44 0.12 -24.39 -42.44
CA PHE D 44 -1.15 -24.57 -41.70
C PHE D 44 -1.15 -25.93 -41.00
N VAL D 45 -0.87 -27.02 -41.72
CA VAL D 45 -0.84 -28.39 -41.14
C VAL D 45 0.16 -28.41 -40.00
N TYR D 46 1.34 -27.77 -40.17
CA TYR D 46 2.39 -27.71 -39.12
C TYR D 46 1.79 -27.13 -37.85
N MET D 47 1.02 -26.04 -38.00
CA MET D 47 0.44 -25.28 -36.87
C MET D 47 -0.64 -26.14 -36.21
N VAL D 48 -1.48 -26.80 -37.00
CA VAL D 48 -2.55 -27.71 -36.49
C VAL D 48 -1.89 -28.85 -35.67
N HIS D 49 -0.74 -29.37 -36.10
CA HIS D 49 -0.03 -30.49 -35.41
C HIS D 49 0.54 -30.03 -34.06
N ARG D 50 1.18 -28.87 -33.99
CA ARG D 50 1.79 -28.37 -32.73
C ARG D 50 0.71 -27.86 -31.77
N SER D 51 -0.45 -27.46 -32.31
CA SER D 51 -1.49 -26.66 -31.63
C SER D 51 -2.43 -27.58 -30.86
N CYS D 52 -2.78 -28.74 -31.41
CA CYS D 52 -3.74 -29.68 -30.76
C CYS D 52 -3.45 -31.13 -31.12
N GLY D 53 -2.18 -31.47 -31.40
CA GLY D 53 -1.69 -32.85 -31.52
C GLY D 53 -1.71 -33.34 -32.96
N THR D 54 -0.80 -34.24 -33.32
CA THR D 54 -0.61 -34.75 -34.70
C THR D 54 -1.81 -35.60 -35.15
N SER D 55 -2.60 -36.09 -34.21
CA SER D 55 -3.62 -37.14 -34.42
C SER D 55 -5.04 -36.54 -34.35
N CYS D 56 -5.17 -35.23 -34.17
CA CYS D 56 -6.49 -34.58 -33.97
C CYS D 56 -7.31 -34.63 -35.28
N PHE D 57 -6.65 -34.66 -36.45
CA PHE D 57 -7.29 -34.79 -37.79
C PHE D 57 -6.57 -35.88 -38.60
N GLU D 58 -7.32 -36.64 -39.40
CA GLU D 58 -6.77 -37.56 -40.43
C GLU D 58 -6.16 -36.69 -41.52
N LEU D 59 -4.88 -36.87 -41.86
CA LEU D 59 -4.13 -35.95 -42.78
C LEU D 59 -4.77 -35.93 -44.18
N GLU D 60 -5.27 -37.05 -44.70
CA GLU D 60 -5.90 -37.15 -46.05
C GLU D 60 -7.07 -36.17 -46.13
N LYS D 61 -7.98 -36.22 -45.16
CA LYS D 61 -9.19 -35.37 -45.08
C LYS D 61 -8.79 -33.91 -44.91
N LEU D 62 -7.84 -33.63 -44.01
CA LEU D 62 -7.38 -32.26 -43.69
C LEU D 62 -6.79 -31.63 -44.96
N CME D 63 -5.97 -32.37 -45.70
CA CME D 63 -5.30 -31.85 -46.93
CB CME D 63 -4.15 -32.72 -47.42
SG CME D 63 -2.57 -32.46 -46.52
SD CME D 63 -1.94 -30.58 -47.04
CE CME D 63 -1.57 -30.65 -48.82
CZ CME D 63 -0.19 -30.16 -49.13
OH CME D 63 0.01 -30.00 -50.54
C CME D 63 -6.36 -31.56 -47.99
O CME D 63 -6.26 -30.47 -48.59
N ARG D 64 -7.37 -32.41 -48.18
CA ARG D 64 -8.40 -32.12 -49.22
C ARG D 64 -9.40 -31.07 -48.71
N PHE D 65 -9.58 -30.95 -47.39
CA PHE D 65 -10.34 -29.83 -46.79
C PHE D 65 -9.62 -28.50 -47.09
N ILE D 66 -8.31 -28.43 -46.86
CA ILE D 66 -7.50 -27.18 -47.02
C ILE D 66 -7.54 -26.72 -48.49
N MET D 67 -7.45 -27.67 -49.43
CA MET D 67 -7.35 -27.35 -50.88
C MET D 67 -8.74 -26.96 -51.41
N SER D 68 -9.82 -27.52 -50.86
CA SER D 68 -11.20 -27.03 -51.16
C SER D 68 -11.40 -25.61 -50.60
N VAL D 69 -10.91 -25.33 -49.40
CA VAL D 69 -11.00 -23.98 -48.76
C VAL D 69 -10.23 -22.98 -49.62
N LYS D 70 -8.95 -23.24 -49.89
CA LYS D 70 -8.11 -22.44 -50.82
C LYS D 70 -8.89 -22.13 -52.10
N LYS D 71 -9.49 -23.16 -52.70
CA LYS D 71 -10.17 -23.05 -54.03
C LYS D 71 -11.36 -22.09 -53.89
N ASN D 72 -11.94 -21.94 -52.69
CA ASN D 72 -13.17 -21.14 -52.48
C ASN D 72 -12.82 -19.76 -51.93
N TYR D 73 -11.53 -19.42 -51.84
CA TYR D 73 -11.06 -18.02 -51.67
C TYR D 73 -10.80 -17.45 -53.07
N ARG D 74 -11.12 -16.18 -53.26
CA ARG D 74 -11.07 -15.53 -54.60
C ARG D 74 -9.78 -14.74 -54.71
N ARG D 75 -9.44 -14.36 -55.93
CA ARG D 75 -8.18 -13.64 -56.25
C ARG D 75 -8.47 -12.16 -56.08
N VAL D 76 -8.78 -11.76 -54.85
CA VAL D 76 -9.05 -10.36 -54.49
C VAL D 76 -7.79 -9.80 -53.84
N PRO D 77 -7.59 -8.47 -53.80
CA PRO D 77 -6.34 -7.91 -53.28
C PRO D 77 -6.00 -8.26 -51.82
N TYR D 78 -6.99 -8.43 -50.95
CA TYR D 78 -6.73 -8.58 -49.49
C TYR D 78 -7.49 -9.77 -48.89
N HIS D 79 -8.80 -9.89 -49.10
CA HIS D 79 -9.66 -10.94 -48.48
C HIS D 79 -9.47 -12.26 -49.24
N ASN D 80 -8.24 -12.79 -49.22
CA ASN D 80 -7.76 -13.87 -50.10
C ASN D 80 -7.14 -14.97 -49.25
N TRP D 81 -6.65 -16.03 -49.89
CA TRP D 81 -6.10 -17.25 -49.24
C TRP D 81 -5.00 -16.87 -48.25
N LYS D 82 -4.18 -15.89 -48.60
CA LYS D 82 -3.05 -15.44 -47.74
C LYS D 82 -3.59 -14.86 -46.44
N HIS D 83 -4.68 -14.08 -46.51
CA HIS D 83 -5.33 -13.50 -45.31
C HIS D 83 -5.84 -14.64 -44.42
N ALA D 84 -6.48 -15.66 -44.98
CA ALA D 84 -7.00 -16.84 -44.26
C ALA D 84 -5.89 -17.48 -43.41
N VAL D 85 -4.73 -17.77 -44.02
CA VAL D 85 -3.59 -18.48 -43.37
C VAL D 85 -2.93 -17.55 -42.36
N THR D 86 -2.87 -16.25 -42.62
CA THR D 86 -2.27 -15.22 -41.71
C THR D 86 -3.11 -15.11 -40.44
N VAL D 87 -4.43 -15.04 -40.57
CA VAL D 87 -5.36 -14.98 -39.40
C VAL D 87 -5.21 -16.27 -38.58
N ALA D 88 -5.14 -17.42 -39.24
CA ALA D 88 -4.94 -18.72 -38.58
C ALA D 88 -3.59 -18.78 -37.86
N HIS D 89 -2.54 -18.14 -38.39
CA HIS D 89 -1.22 -18.13 -37.73
C HIS D 89 -1.30 -17.31 -36.42
N CYS D 90 -2.05 -16.21 -36.42
CA CYS D 90 -2.25 -15.36 -35.21
C CYS D 90 -2.94 -16.21 -34.12
N MET D 91 -4.02 -16.90 -34.47
CA MET D 91 -4.74 -17.83 -33.55
C MET D 91 -3.75 -18.88 -33.04
N TYR D 92 -2.93 -19.45 -33.93
CA TYR D 92 -1.87 -20.43 -33.57
C TYR D 92 -1.00 -19.84 -32.45
N ALA D 93 -0.46 -18.64 -32.66
CA ALA D 93 0.39 -17.89 -31.71
C ALA D 93 -0.35 -17.70 -30.39
N ILE D 94 -1.62 -17.26 -30.43
CA ILE D 94 -2.47 -17.04 -29.23
C ILE D 94 -2.60 -18.38 -28.49
N LEU D 95 -2.99 -19.44 -29.19
CA LEU D 95 -3.26 -20.76 -28.57
C LEU D 95 -1.99 -21.31 -27.93
N GLN D 96 -0.84 -21.18 -28.59
CA GLN D 96 0.43 -21.75 -28.08
C GLN D 96 0.87 -21.04 -26.78
N ASN D 97 0.49 -19.77 -26.59
CA ASN D 97 1.02 -18.92 -25.50
C ASN D 97 -0.05 -18.82 -24.38
N ASN D 98 -1.16 -19.54 -24.55
CA ASN D 98 -2.26 -19.65 -23.56
C ASN D 98 -2.76 -21.10 -23.52
N HIS D 99 -1.86 -22.07 -23.68
CA HIS D 99 -2.21 -23.50 -23.99
C HIS D 99 -2.95 -24.17 -22.83
N THR D 100 -2.90 -23.66 -21.60
CA THR D 100 -3.65 -24.24 -20.46
C THR D 100 -5.12 -23.77 -20.47
N LEU D 101 -5.45 -22.68 -21.16
CA LEU D 101 -6.78 -22.00 -21.06
C LEU D 101 -7.85 -22.64 -21.98
N PHE D 102 -7.46 -23.37 -23.03
CA PHE D 102 -8.41 -23.77 -24.11
C PHE D 102 -8.60 -25.29 -24.13
N THR D 103 -9.84 -25.69 -24.38
CA THR D 103 -10.25 -27.10 -24.49
C THR D 103 -9.75 -27.67 -25.82
N ASP D 104 -9.75 -28.99 -25.95
CA ASP D 104 -9.24 -29.72 -27.14
C ASP D 104 -10.13 -29.40 -28.34
N LEU D 105 -11.44 -29.25 -28.10
CA LEU D 105 -12.47 -28.89 -29.11
C LEU D 105 -12.26 -27.44 -29.59
N GLU D 106 -11.94 -26.53 -28.66
CA GLU D 106 -11.70 -25.10 -29.01
C GLU D 106 -10.47 -24.99 -29.89
N ARG D 107 -9.41 -25.74 -29.55
CA ARG D 107 -8.15 -25.77 -30.31
C ARG D 107 -8.46 -26.24 -31.73
N LYS D 108 -9.10 -27.41 -31.88
CA LYS D 108 -9.51 -28.01 -33.18
C LYS D 108 -10.31 -26.99 -33.98
N GLY D 109 -11.30 -26.37 -33.34
CA GLY D 109 -12.29 -25.46 -33.95
C GLY D 109 -11.71 -24.13 -34.42
N LEU D 110 -10.84 -23.48 -33.63
CA LEU D 110 -10.48 -22.04 -33.83
C LEU D 110 -9.53 -21.85 -35.01
N LEU D 111 -8.55 -22.74 -35.20
CA LEU D 111 -7.66 -22.70 -36.39
C LEU D 111 -8.51 -22.89 -37.65
N ILE D 112 -9.40 -23.88 -37.67
CA ILE D 112 -10.32 -24.12 -38.81
C ILE D 112 -11.17 -22.86 -39.00
N ALA D 113 -11.71 -22.27 -37.94
CA ALA D 113 -12.59 -21.10 -38.04
C ALA D 113 -11.80 -19.97 -38.71
N CYS D 114 -10.54 -19.76 -38.30
CA CYS D 114 -9.69 -18.66 -38.85
C CYS D 114 -9.43 -18.91 -40.33
N LEU D 115 -9.11 -20.15 -40.71
CA LEU D 115 -8.86 -20.49 -42.13
C LEU D 115 -10.12 -20.24 -42.95
N CYS D 116 -11.29 -20.50 -42.37
CA CYS D 116 -12.57 -20.45 -43.11
C CYS D 116 -13.27 -19.08 -42.95
N HIS D 117 -12.75 -18.16 -42.15
CA HIS D 117 -13.57 -17.02 -41.63
C HIS D 117 -14.00 -16.06 -42.73
N ASP D 118 -13.33 -16.04 -43.89
CA ASP D 118 -13.65 -15.09 -45.00
C ASP D 118 -13.93 -15.85 -46.31
N LEU D 119 -14.28 -17.14 -46.26
CA LEU D 119 -14.60 -17.97 -47.46
C LEU D 119 -15.52 -17.20 -48.44
N ASP D 120 -15.08 -17.10 -49.70
CA ASP D 120 -15.88 -16.63 -50.85
C ASP D 120 -16.17 -15.13 -50.72
N HIS D 121 -15.23 -14.40 -50.14
CA HIS D 121 -15.24 -12.91 -50.07
C HIS D 121 -14.97 -12.34 -51.46
N ARG D 122 -15.78 -11.38 -51.90
CA ARG D 122 -15.59 -10.64 -53.18
C ARG D 122 -14.87 -9.32 -52.90
N GLY D 123 -14.51 -9.05 -51.63
CA GLY D 123 -13.80 -7.83 -51.21
C GLY D 123 -14.75 -6.66 -51.05
N PHE D 124 -16.03 -6.94 -50.85
CA PHE D 124 -17.08 -5.93 -50.57
C PHE D 124 -17.60 -6.16 -49.14
N SER D 125 -17.91 -5.06 -48.45
CA SER D 125 -18.49 -5.01 -47.08
C SER D 125 -19.99 -5.36 -47.13
N ASN D 126 -20.52 -5.77 -45.98
CA ASN D 126 -21.98 -5.94 -45.72
C ASN D 126 -22.76 -4.71 -46.22
N SER D 127 -22.26 -3.50 -45.92
CA SER D 127 -22.90 -2.21 -46.32
C SER D 127 -23.21 -2.24 -47.81
N TYR D 128 -22.18 -2.55 -48.62
CA TYR D 128 -22.26 -2.48 -50.09
C TYR D 128 -23.28 -3.53 -50.56
N LEU D 129 -23.25 -4.76 -50.01
CA LEU D 129 -24.20 -5.81 -50.44
C LEU D 129 -25.63 -5.29 -50.22
N GLN D 130 -25.86 -4.64 -49.07
CA GLN D 130 -27.20 -4.12 -48.68
C GLN D 130 -27.62 -3.01 -49.65
N LYS D 131 -26.73 -2.10 -50.02
CA LYS D 131 -27.04 -0.95 -50.94
C LYS D 131 -27.15 -1.40 -52.39
N PHE D 132 -26.36 -2.41 -52.78
CA PHE D 132 -26.49 -3.09 -54.09
C PHE D 132 -27.82 -3.84 -54.15
N ASP D 133 -28.31 -4.34 -53.00
CA ASP D 133 -29.49 -5.25 -52.89
C ASP D 133 -29.05 -6.62 -53.43
N HIS D 134 -27.88 -7.08 -52.98
CA HIS D 134 -27.33 -8.42 -53.32
C HIS D 134 -28.22 -9.49 -52.68
N PRO D 135 -28.55 -10.58 -53.41
CA PRO D 135 -29.34 -11.67 -52.85
C PRO D 135 -28.89 -12.10 -51.45
N LEU D 136 -27.60 -12.04 -51.15
CA LEU D 136 -27.08 -12.46 -49.81
C LEU D 136 -27.65 -11.55 -48.71
N ALA D 137 -27.86 -10.25 -48.99
CA ALA D 137 -28.48 -9.29 -48.05
C ALA D 137 -29.96 -9.66 -47.82
N ALA D 138 -30.63 -10.25 -48.81
CA ALA D 138 -32.00 -10.78 -48.62
C ALA D 138 -31.93 -11.98 -47.67
N LEU D 139 -30.95 -12.85 -47.88
CA LEU D 139 -30.84 -14.16 -47.18
C LEU D 139 -30.36 -13.99 -45.74
N TYR D 140 -29.51 -12.99 -45.49
CA TYR D 140 -28.83 -12.74 -44.17
C TYR D 140 -28.85 -11.24 -43.93
N SER D 141 -29.84 -10.77 -43.15
CA SER D 141 -30.13 -9.33 -42.92
C SER D 141 -29.02 -8.72 -42.06
N THR D 142 -28.30 -9.55 -41.31
CA THR D 142 -27.24 -9.12 -40.38
C THR D 142 -26.01 -10.02 -40.52
N SER D 143 -24.82 -9.45 -40.31
CA SER D 143 -23.52 -10.15 -40.45
C SER D 143 -23.51 -10.94 -41.77
N THR D 144 -23.89 -10.25 -42.85
CA THR D 144 -24.29 -10.87 -44.14
C THR D 144 -23.16 -11.78 -44.64
N MET D 145 -22.00 -11.18 -44.94
CA MET D 145 -20.85 -11.94 -45.49
C MET D 145 -20.50 -13.06 -44.51
N GLU D 146 -20.62 -12.83 -43.20
CA GLU D 146 -20.12 -13.76 -42.14
C GLU D 146 -21.06 -14.96 -42.04
N GLN D 147 -22.36 -14.76 -42.17
CA GLN D 147 -23.27 -15.93 -42.21
C GLN D 147 -22.95 -16.75 -43.48
N HIS D 148 -22.67 -16.08 -44.59
CA HIS D 148 -22.23 -16.75 -45.85
C HIS D 148 -20.93 -17.52 -45.63
N HIS D 149 -19.94 -16.96 -44.93
CA HIS D 149 -18.64 -17.64 -44.65
C HIS D 149 -18.90 -18.95 -43.92
N PHE D 150 -19.72 -18.91 -42.87
CA PHE D 150 -20.09 -20.13 -42.09
C PHE D 150 -20.79 -21.14 -43.01
N SER D 151 -21.69 -20.66 -43.87
CA SER D 151 -22.48 -21.53 -44.79
C SER D 151 -21.53 -22.28 -45.74
N GLN D 152 -20.56 -21.56 -46.33
CA GLN D 152 -19.49 -22.12 -47.21
C GLN D 152 -18.67 -23.16 -46.43
N THR D 153 -18.28 -22.84 -45.19
CA THR D 153 -17.50 -23.73 -44.30
C THR D 153 -18.24 -25.06 -44.17
N VAL D 154 -19.56 -25.02 -43.94
CA VAL D 154 -20.40 -26.24 -43.72
C VAL D 154 -20.50 -27.01 -45.04
N SER D 155 -20.80 -26.32 -46.14
CA SER D 155 -20.84 -26.95 -47.49
C SER D 155 -19.59 -27.81 -47.69
N ILE D 156 -18.42 -27.23 -47.41
CA ILE D 156 -17.11 -27.87 -47.70
C ILE D 156 -16.95 -29.09 -46.78
N LEU D 157 -17.34 -29.00 -45.51
CA LEU D 157 -17.22 -30.14 -44.54
C LEU D 157 -18.08 -31.31 -44.99
N GLN D 158 -19.14 -31.03 -45.74
CA GLN D 158 -20.13 -32.05 -46.16
C GLN D 158 -19.72 -32.63 -47.51
N LEU D 159 -18.86 -31.93 -48.26
CA LEU D 159 -18.17 -32.51 -49.45
C LEU D 159 -17.61 -33.88 -49.06
N GLU D 160 -17.60 -34.81 -50.02
CA GLU D 160 -17.15 -36.20 -49.83
C GLU D 160 -15.68 -36.24 -49.45
N GLY D 161 -15.34 -36.97 -48.38
CA GLY D 161 -13.96 -37.14 -47.91
C GLY D 161 -13.39 -35.91 -47.21
N HIS D 162 -14.23 -34.90 -46.91
CA HIS D 162 -13.78 -33.59 -46.38
C HIS D 162 -14.13 -33.42 -44.90
N ASN D 163 -14.92 -34.31 -44.30
CA ASN D 163 -15.31 -34.10 -42.87
C ASN D 163 -14.16 -34.49 -41.96
N ILE D 164 -13.37 -33.49 -41.57
CA ILE D 164 -12.19 -33.59 -40.67
C ILE D 164 -12.65 -33.82 -39.23
N PHE D 165 -13.95 -33.75 -38.96
CA PHE D 165 -14.50 -33.88 -37.58
C PHE D 165 -15.22 -35.23 -37.40
N SER D 166 -14.99 -36.18 -38.31
CA SER D 166 -15.74 -37.46 -38.38
C SER D 166 -15.43 -38.35 -37.16
N THR D 167 -14.22 -38.30 -36.58
CA THR D 167 -13.87 -39.11 -35.38
C THR D 167 -14.37 -38.47 -34.06
N LEU D 168 -15.13 -37.36 -34.13
CA LEU D 168 -15.76 -36.74 -32.93
C LEU D 168 -17.08 -37.48 -32.67
N SER D 169 -17.48 -37.59 -31.39
CA SER D 169 -18.86 -37.95 -30.98
C SER D 169 -19.82 -36.97 -31.68
N SER D 170 -21.12 -37.16 -31.56
CA SER D 170 -22.16 -36.32 -32.21
C SER D 170 -22.33 -35.01 -31.42
N SER D 171 -22.19 -35.06 -30.10
CA SER D 171 -22.26 -33.86 -29.21
C SER D 171 -21.02 -32.99 -29.37
N GLU D 172 -19.84 -33.62 -29.49
CA GLU D 172 -18.55 -32.92 -29.70
C GLU D 172 -18.60 -32.24 -31.08
N TYR D 173 -19.17 -32.93 -32.06
CA TYR D 173 -19.33 -32.41 -33.45
C TYR D 173 -20.19 -31.15 -33.41
N GLU D 174 -21.39 -31.22 -32.84
CA GLU D 174 -22.31 -30.06 -32.88
C GLU D 174 -21.67 -28.95 -32.04
N GLN D 175 -20.85 -29.32 -31.05
CA GLN D 175 -20.14 -28.36 -30.18
C GLN D 175 -19.06 -27.62 -30.99
N VAL D 176 -18.19 -28.34 -31.69
CA VAL D 176 -17.11 -27.70 -32.49
C VAL D 176 -17.73 -26.82 -33.59
N LEU D 177 -18.81 -27.29 -34.23
CA LEU D 177 -19.45 -26.52 -35.34
C LEU D 177 -20.00 -25.21 -34.78
N GLU D 178 -20.50 -25.26 -33.55
CA GLU D 178 -21.05 -24.07 -32.84
C GLU D 178 -19.92 -23.11 -32.45
N ILE D 179 -18.78 -23.62 -31.99
CA ILE D 179 -17.54 -22.81 -31.75
C ILE D 179 -17.19 -22.06 -33.05
N ILE D 180 -17.19 -22.77 -34.18
CA ILE D 180 -16.76 -22.22 -35.50
C ILE D 180 -17.75 -21.14 -35.92
N ARG D 181 -19.05 -21.38 -35.77
CA ARG D 181 -20.10 -20.42 -36.19
C ARG D 181 -19.94 -19.11 -35.39
N LYS D 182 -19.85 -19.20 -34.08
CA LYS D 182 -19.78 -17.99 -33.22
C LYS D 182 -18.48 -17.27 -33.56
N ALA D 183 -17.41 -18.03 -33.74
CA ALA D 183 -16.08 -17.50 -34.07
C ALA D 183 -16.17 -16.71 -35.38
N ILE D 184 -16.80 -17.27 -36.41
CA ILE D 184 -16.83 -16.64 -37.76
C ILE D 184 -17.75 -15.42 -37.69
N ILE D 185 -18.90 -15.54 -37.03
CA ILE D 185 -19.85 -14.41 -36.90
C ILE D 185 -19.14 -13.26 -36.16
N ALA D 186 -18.30 -13.56 -35.17
CA ALA D 186 -17.62 -12.54 -34.33
C ALA D 186 -16.66 -11.67 -35.16
N THR D 187 -16.23 -12.14 -36.34
CA THR D 187 -15.30 -11.39 -37.25
C THR D 187 -16.04 -10.26 -37.98
N ASP D 188 -17.35 -10.13 -37.75
CA ASP D 188 -18.15 -8.92 -38.13
C ASP D 188 -17.73 -7.77 -37.21
N LEU D 189 -16.95 -6.83 -37.71
CA LEU D 189 -16.41 -5.70 -36.91
C LEU D 189 -17.57 -4.92 -36.28
N ALA D 190 -18.74 -4.88 -36.89
CA ALA D 190 -19.90 -4.16 -36.32
C ALA D 190 -20.18 -4.70 -34.90
N LEU D 191 -19.98 -6.01 -34.68
CA LEU D 191 -20.27 -6.71 -33.40
C LEU D 191 -19.12 -6.53 -32.39
N TYR D 192 -17.90 -6.23 -32.84
CA TYR D 192 -16.68 -6.20 -31.99
C TYR D 192 -16.78 -5.07 -30.94
N PHE D 193 -17.34 -3.90 -31.28
CA PHE D 193 -17.40 -2.71 -30.38
C PHE D 193 -18.21 -3.05 -29.12
N GLY D 194 -19.42 -3.59 -29.28
CA GLY D 194 -20.28 -4.11 -28.19
C GLY D 194 -19.56 -5.17 -27.35
N ASN D 195 -18.91 -6.15 -28.00
CA ASN D 195 -18.22 -7.29 -27.35
C ASN D 195 -17.01 -6.80 -26.53
N ARG D 196 -16.27 -5.82 -27.02
CA ARG D 196 -15.07 -5.30 -26.31
C ARG D 196 -15.51 -4.53 -25.05
N LYS D 197 -16.54 -3.68 -25.15
CA LYS D 197 -17.07 -2.84 -24.04
C LYS D 197 -17.57 -3.73 -22.90
N GLN D 198 -18.38 -4.76 -23.22
CA GLN D 198 -18.81 -5.82 -22.27
C GLN D 198 -17.60 -6.46 -21.58
N LEU D 199 -16.65 -7.03 -22.33
CA LEU D 199 -15.47 -7.75 -21.77
C LEU D 199 -14.66 -6.80 -20.88
N GLU D 200 -14.57 -5.52 -21.27
CA GLU D 200 -13.76 -4.53 -20.54
C GLU D 200 -14.35 -4.39 -19.13
N GLU D 201 -15.64 -4.12 -19.07
CA GLU D 201 -16.48 -4.06 -17.84
C GLU D 201 -16.23 -5.31 -17.00
N MET D 202 -16.48 -6.49 -17.57
CA MET D 202 -16.37 -7.79 -16.83
C MET D 202 -14.97 -7.90 -16.25
N TYR D 203 -13.91 -7.75 -17.05
CA TYR D 203 -12.51 -7.96 -16.60
C TYR D 203 -12.16 -6.98 -15.48
N GLN D 204 -12.35 -5.68 -15.73
CA GLN D 204 -11.96 -4.59 -14.78
C GLN D 204 -12.72 -4.69 -13.45
N THR D 205 -14.00 -5.08 -13.47
CA THR D 205 -14.84 -5.20 -12.24
C THR D 205 -14.76 -6.62 -11.64
N GLY D 206 -13.79 -7.44 -12.08
CA GLY D 206 -13.50 -8.77 -11.51
C GLY D 206 -14.52 -9.86 -11.82
N SER D 207 -15.63 -9.56 -12.52
CA SER D 207 -16.73 -10.53 -12.78
C SER D 207 -16.44 -11.46 -13.98
N LEU D 208 -15.34 -11.31 -14.73
CA LEU D 208 -15.04 -12.20 -15.90
C LEU D 208 -14.66 -13.61 -15.40
N ASN D 209 -15.29 -14.64 -15.97
CA ASN D 209 -15.16 -16.06 -15.52
C ASN D 209 -15.10 -17.00 -16.74
N LEU D 210 -13.97 -17.65 -16.95
CA LEU D 210 -13.73 -18.56 -18.11
C LEU D 210 -14.50 -19.88 -17.96
N ASN D 211 -15.12 -20.12 -16.81
CA ASN D 211 -15.99 -21.31 -16.59
C ASN D 211 -17.41 -21.01 -17.08
N ASN D 212 -17.70 -19.75 -17.35
CA ASN D 212 -19.00 -19.30 -17.89
C ASN D 212 -18.90 -19.35 -19.42
N GLN D 213 -19.70 -20.20 -20.09
CA GLN D 213 -19.62 -20.40 -21.57
C GLN D 213 -19.91 -19.08 -22.31
N SER D 214 -20.86 -18.29 -21.78
CA SER D 214 -21.23 -16.95 -22.27
C SER D 214 -19.98 -16.06 -22.31
N HIS D 215 -19.13 -16.22 -21.30
CA HIS D 215 -17.89 -15.44 -21.10
C HIS D 215 -16.81 -15.93 -22.07
N ARG D 216 -16.70 -17.25 -22.28
CA ARG D 216 -15.72 -17.86 -23.20
C ARG D 216 -15.99 -17.37 -24.63
N ASP D 217 -17.26 -17.36 -25.03
CA ASP D 217 -17.70 -16.94 -26.39
C ASP D 217 -17.25 -15.51 -26.68
N ARG D 218 -17.36 -14.63 -25.68
CA ARG D 218 -16.94 -13.21 -25.80
C ARG D 218 -15.42 -13.13 -25.96
N VAL D 219 -14.67 -13.81 -25.11
CA VAL D 219 -13.18 -13.83 -25.19
C VAL D 219 -12.77 -14.40 -26.55
N ILE D 220 -13.36 -15.53 -26.96
CA ILE D 220 -13.09 -16.14 -28.29
C ILE D 220 -13.47 -15.15 -29.40
N GLY D 221 -14.59 -14.46 -29.25
CA GLY D 221 -15.00 -13.39 -30.17
C GLY D 221 -13.93 -12.32 -30.29
N LEU D 222 -13.40 -11.84 -29.17
CA LEU D 222 -12.35 -10.80 -29.17
C LEU D 222 -11.09 -11.38 -29.80
N MET D 223 -10.75 -12.63 -29.48
CA MET D 223 -9.56 -13.31 -30.09
C MET D 223 -9.70 -13.32 -31.62
N MET D 224 -10.90 -13.60 -32.14
CA MET D 224 -11.18 -13.64 -33.61
C MET D 224 -10.92 -12.25 -34.22
N THR D 225 -11.43 -11.18 -33.63
CA THR D 225 -11.16 -9.79 -34.07
C THR D 225 -9.65 -9.55 -34.07
N ALA D 226 -8.97 -9.86 -32.96
CA ALA D 226 -7.52 -9.65 -32.77
C ALA D 226 -6.76 -10.31 -33.93
N CYS D 227 -7.03 -11.58 -34.18
CA CYS D 227 -6.43 -12.37 -35.29
C CYS D 227 -6.77 -11.72 -36.64
N ASP D 228 -8.03 -11.32 -36.79
CA ASP D 228 -8.56 -10.80 -38.08
C ASP D 228 -7.84 -9.50 -38.42
N LEU D 229 -7.54 -8.65 -37.44
CA LEU D 229 -6.91 -7.32 -37.68
C LEU D 229 -5.39 -7.43 -37.62
N CYS D 230 -4.82 -8.64 -37.61
CA CYS D 230 -3.42 -8.87 -37.16
C CYS D 230 -2.38 -8.30 -38.16
N SER D 231 -2.79 -7.77 -39.31
CA SER D 231 -1.87 -7.09 -40.27
C SER D 231 -1.29 -5.81 -39.63
N VAL D 232 -2.01 -5.17 -38.72
CA VAL D 232 -1.56 -3.97 -37.95
C VAL D 232 -0.61 -4.36 -36.80
N THR D 233 -0.37 -5.65 -36.55
CA THR D 233 0.55 -6.14 -35.48
C THR D 233 1.84 -6.70 -36.09
N LYS D 234 2.03 -6.50 -37.39
CA LYS D 234 3.24 -6.98 -38.09
C LYS D 234 4.30 -5.88 -38.00
N LEU D 235 5.53 -6.24 -38.35
CA LEU D 235 6.64 -5.26 -38.49
C LEU D 235 6.22 -4.25 -39.55
N TRP D 236 6.67 -3.00 -39.40
CA TRP D 236 6.16 -1.85 -40.17
C TRP D 236 6.16 -2.12 -41.68
N PRO D 237 7.22 -2.69 -42.28
CA PRO D 237 7.23 -2.93 -43.72
C PRO D 237 6.06 -3.81 -44.18
N VAL D 238 5.74 -4.86 -43.40
CA VAL D 238 4.60 -5.80 -43.74
C VAL D 238 3.27 -5.05 -43.56
N THR D 239 3.12 -4.27 -42.50
CA THR D 239 1.85 -3.55 -42.19
C THR D 239 1.57 -2.51 -43.28
N LYS D 240 2.60 -1.76 -43.66
CA LYS D 240 2.45 -0.66 -44.65
C LYS D 240 2.06 -1.29 -46.00
N LEU D 241 2.77 -2.34 -46.41
CA LEU D 241 2.49 -3.03 -47.69
C LEU D 241 1.10 -3.68 -47.65
N THR D 242 0.66 -4.26 -46.54
CA THR D 242 -0.69 -4.88 -46.42
C THR D 242 -1.76 -3.78 -46.54
N ALA D 243 -1.50 -2.59 -45.99
CA ALA D 243 -2.43 -1.44 -46.04
C ALA D 243 -2.83 -1.14 -47.49
N ASN D 244 -1.89 -1.29 -48.43
CA ASN D 244 -2.13 -1.05 -49.89
C ASN D 244 -3.16 -2.06 -50.43
N ASP D 245 -3.01 -3.33 -50.07
CA ASP D 245 -3.97 -4.38 -50.46
C ASP D 245 -5.35 -4.01 -49.88
N ILE D 246 -5.42 -3.66 -48.60
CA ILE D 246 -6.68 -3.36 -47.88
C ILE D 246 -7.36 -2.17 -48.56
N TYR D 247 -6.61 -1.13 -48.93
CA TYR D 247 -7.16 0.12 -49.50
C TYR D 247 -7.53 -0.11 -50.98
N ALA D 248 -6.81 -0.99 -51.68
CA ALA D 248 -7.14 -1.38 -53.07
C ALA D 248 -8.60 -1.86 -53.07
N GLU D 249 -8.99 -2.64 -52.06
CA GLU D 249 -10.39 -3.13 -51.93
C GLU D 249 -11.34 -1.99 -51.56
N PHE D 250 -11.01 -1.20 -50.54
CA PHE D 250 -11.81 -0.03 -50.08
C PHE D 250 -12.14 0.84 -51.29
N TRP D 251 -11.14 1.11 -52.14
CA TRP D 251 -11.31 2.03 -53.30
C TRP D 251 -12.18 1.39 -54.38
N ALA D 252 -12.04 0.09 -54.64
CA ALA D 252 -12.91 -0.68 -55.57
C ALA D 252 -14.36 -0.57 -55.09
N GLU D 253 -14.61 -0.65 -53.78
CA GLU D 253 -15.98 -0.56 -53.19
C GLU D 253 -16.48 0.89 -53.29
N GLY D 254 -15.65 1.86 -52.97
CA GLY D 254 -16.00 3.29 -53.15
C GLY D 254 -16.40 3.56 -54.58
N ASP D 255 -15.71 2.95 -55.55
CA ASP D 255 -16.02 3.06 -57.00
C ASP D 255 -17.43 2.49 -57.24
N GLU D 256 -17.72 1.31 -56.70
CA GLU D 256 -19.04 0.66 -56.87
C GLU D 256 -20.13 1.49 -56.17
N MET D 257 -19.79 2.18 -55.08
CA MET D 257 -20.74 3.07 -54.36
C MET D 257 -21.05 4.25 -55.29
N LYS D 258 -20.04 4.84 -55.92
CA LYS D 258 -20.22 5.93 -56.92
C LYS D 258 -21.05 5.43 -58.11
N LYS D 259 -20.92 4.15 -58.47
CA LYS D 259 -21.67 3.54 -59.59
C LYS D 259 -23.13 3.37 -59.17
N LEU D 260 -23.43 3.34 -57.87
CA LEU D 260 -24.82 3.24 -57.33
C LEU D 260 -25.41 4.65 -57.09
N GLY D 261 -24.68 5.72 -57.40
CA GLY D 261 -25.13 7.10 -57.19
C GLY D 261 -24.94 7.55 -55.75
N ILE D 262 -24.09 6.87 -54.99
CA ILE D 262 -23.84 7.14 -53.54
C ILE D 262 -22.40 7.62 -53.35
N GLN D 263 -22.22 8.75 -52.67
CA GLN D 263 -20.90 9.29 -52.30
C GLN D 263 -20.37 8.43 -51.15
N PRO D 264 -19.30 7.65 -51.32
CA PRO D 264 -18.83 6.78 -50.25
C PRO D 264 -18.04 7.55 -49.18
N ILE D 265 -17.92 6.96 -47.99
CA ILE D 265 -17.14 7.53 -46.85
C ILE D 265 -15.71 7.73 -47.36
N PRO D 266 -14.97 8.73 -46.82
CA PRO D 266 -13.64 9.07 -47.36
C PRO D 266 -12.62 7.92 -47.44
N MET D 267 -12.65 7.04 -46.43
CA MET D 267 -11.79 5.81 -46.37
C MET D 267 -11.84 5.05 -47.70
N MET D 268 -13.00 5.02 -48.38
CA MET D 268 -13.25 4.20 -49.60
C MET D 268 -13.11 5.04 -50.88
N ASP D 269 -12.79 6.34 -50.79
CA ASP D 269 -12.75 7.26 -51.95
C ASP D 269 -11.31 7.35 -52.46
N ARG D 270 -11.05 6.94 -53.70
CA ARG D 270 -9.66 6.93 -54.25
C ARG D 270 -9.21 8.35 -54.58
N ASP D 271 -10.13 9.33 -54.57
CA ASP D 271 -9.78 10.76 -54.77
C ASP D 271 -9.31 11.40 -53.46
N LYS D 272 -9.55 10.75 -52.32
CA LYS D 272 -9.19 11.24 -50.96
C LYS D 272 -8.07 10.34 -50.40
N LYS D 273 -7.17 9.91 -51.28
CA LYS D 273 -6.03 9.00 -50.98
C LYS D 273 -5.03 9.67 -50.01
N ASP D 274 -4.92 11.00 -50.08
CA ASP D 274 -4.07 11.83 -49.18
CA ASP D 274 -4.04 11.79 -49.17
C ASP D 274 -4.53 11.62 -47.72
N GLU D 275 -5.83 11.39 -47.52
CA GLU D 275 -6.44 11.26 -46.17
C GLU D 275 -6.11 9.89 -45.53
N VAL D 276 -5.33 9.02 -46.18
CA VAL D 276 -5.13 7.62 -45.69
C VAL D 276 -4.36 7.62 -44.37
N PRO D 277 -3.21 8.32 -44.24
CA PRO D 277 -2.46 8.32 -42.98
C PRO D 277 -3.29 8.72 -41.75
N GLN D 278 -4.12 9.77 -41.87
CA GLN D 278 -5.02 10.24 -40.78
CA GLN D 278 -5.03 10.25 -40.80
C GLN D 278 -6.14 9.20 -40.56
N GLY D 279 -6.62 8.55 -41.62
CA GLY D 279 -7.65 7.50 -41.55
C GLY D 279 -7.16 6.29 -40.79
N GLN D 280 -5.91 5.90 -41.01
CA GLN D 280 -5.21 4.81 -40.27
C GLN D 280 -5.08 5.22 -38.80
N LEU D 281 -4.58 6.45 -38.54
CA LEU D 281 -4.47 7.01 -37.16
C LEU D 281 -5.79 6.71 -36.45
N GLY D 282 -6.91 7.09 -37.06
CA GLY D 282 -8.27 6.98 -36.50
C GLY D 282 -8.68 5.54 -36.30
N PHE D 283 -8.20 4.63 -37.15
CA PHE D 283 -8.53 3.19 -37.07
C PHE D 283 -7.79 2.58 -35.87
N TYR D 284 -6.48 2.88 -35.73
CA TYR D 284 -5.66 2.40 -34.59
C TYR D 284 -6.27 2.88 -33.26
N ASN D 285 -6.70 4.15 -33.17
CA ASN D 285 -7.21 4.78 -31.92
C ASN D 285 -8.62 4.27 -31.57
N ALA D 286 -9.53 4.19 -32.54
CA ALA D 286 -10.93 3.75 -32.31
C ALA D 286 -11.05 2.21 -32.31
N VAL D 287 -10.17 1.46 -32.99
CA VAL D 287 -10.46 0.01 -33.26
C VAL D 287 -9.30 -0.87 -32.81
N ALA D 288 -8.13 -0.77 -33.44
CA ALA D 288 -7.03 -1.74 -33.25
C ALA D 288 -6.47 -1.67 -31.82
N ILE D 289 -6.16 -0.47 -31.28
CA ILE D 289 -5.46 -0.35 -29.96
C ILE D 289 -6.41 -0.79 -28.86
N PRO D 290 -7.68 -0.32 -28.80
CA PRO D 290 -8.62 -0.87 -27.83
C PRO D 290 -8.67 -2.41 -27.92
N CYS D 291 -8.66 -2.97 -29.14
CA CYS D 291 -8.81 -4.43 -29.37
C CYS D 291 -7.72 -5.19 -28.60
N TYR D 292 -6.46 -4.86 -28.88
CA TYR D 292 -5.26 -5.56 -28.33
C TYR D 292 -5.00 -5.14 -26.88
N THR D 293 -5.50 -3.98 -26.43
CA THR D 293 -5.42 -3.52 -25.01
C THR D 293 -6.30 -4.45 -24.15
N THR D 294 -7.56 -4.61 -24.53
CA THR D 294 -8.52 -5.53 -23.84
C THR D 294 -8.01 -6.96 -23.92
N LEU D 295 -7.42 -7.37 -25.04
CA LEU D 295 -6.98 -8.78 -25.22
C LEU D 295 -5.77 -9.05 -24.33
N THR D 296 -4.85 -8.09 -24.19
CA THR D 296 -3.63 -8.18 -23.34
C THR D 296 -4.05 -8.20 -21.85
N GLN D 297 -5.12 -7.48 -21.49
CA GLN D 297 -5.74 -7.54 -20.14
C GLN D 297 -6.14 -9.00 -19.87
N ILE D 298 -6.98 -9.61 -20.71
CA ILE D 298 -7.60 -10.96 -20.48
C ILE D 298 -6.56 -12.07 -20.68
N LEU D 299 -5.69 -11.95 -21.66
CA LEU D 299 -4.68 -13.00 -22.01
C LEU D 299 -3.31 -12.34 -22.11
N PRO D 300 -2.64 -12.07 -20.96
CA PRO D 300 -1.39 -11.32 -20.94
C PRO D 300 -0.31 -11.72 -21.93
N PRO D 301 -0.12 -13.04 -22.22
CA PRO D 301 0.94 -13.45 -23.15
C PRO D 301 0.73 -12.94 -24.59
N THR D 302 -0.44 -12.37 -24.93
CA THR D 302 -0.74 -11.76 -26.25
C THR D 302 -0.27 -10.30 -26.32
N GLU D 303 0.47 -9.82 -25.31
CA GLU D 303 1.01 -8.43 -25.22
C GLU D 303 1.87 -8.09 -26.45
N PRO D 304 2.66 -9.01 -27.05
CA PRO D 304 3.41 -8.65 -28.25
C PRO D 304 2.54 -8.13 -29.42
N LEU D 305 1.27 -8.50 -29.52
CA LEU D 305 0.34 -7.89 -30.52
C LEU D 305 0.19 -6.39 -30.21
N LEU D 306 -0.06 -6.02 -28.94
CA LEU D 306 -0.33 -4.63 -28.51
C LEU D 306 0.94 -3.78 -28.75
N LYS D 307 2.09 -4.28 -28.30
CA LYS D 307 3.40 -3.60 -28.52
C LYS D 307 3.53 -3.25 -30.01
N ALA D 308 3.53 -4.27 -30.88
CA ALA D 308 3.65 -4.16 -32.35
C ALA D 308 2.61 -3.17 -32.91
N CYS D 309 1.35 -3.25 -32.47
CA CYS D 309 0.28 -2.30 -32.86
C CYS D 309 0.70 -0.87 -32.46
N ARG D 310 1.17 -0.66 -31.22
CA ARG D 310 1.60 0.67 -30.70
C ARG D 310 2.73 1.21 -31.60
N ASP D 311 3.67 0.38 -32.01
CA ASP D 311 4.82 0.85 -32.84
C ASP D 311 4.32 1.24 -34.25
N ASN D 312 3.36 0.51 -34.84
CA ASN D 312 2.79 0.88 -36.17
C ASN D 312 2.02 2.20 -36.05
N LEU D 313 1.32 2.45 -34.94
CA LEU D 313 0.61 3.74 -34.68
C LEU D 313 1.62 4.88 -34.75
N SER D 314 2.80 4.73 -34.15
CA SER D 314 3.83 5.80 -34.13
C SER D 314 4.47 5.89 -35.52
N GLN D 315 4.56 4.79 -36.26
CA GLN D 315 4.99 4.82 -37.69
C GLN D 315 4.00 5.63 -38.55
N TRP D 316 2.68 5.52 -38.31
CA TRP D 316 1.65 6.28 -39.07
C TRP D 316 1.73 7.78 -38.70
N GLU D 317 1.93 8.06 -37.41
CA GLU D 317 2.16 9.44 -36.88
C GLU D 317 3.39 10.07 -37.58
N LYS D 318 4.48 9.33 -37.82
CA LYS D 318 5.67 9.78 -38.59
C LYS D 318 5.29 10.11 -40.04
N VAL D 319 4.45 9.29 -40.68
CA VAL D 319 4.02 9.49 -42.09
C VAL D 319 3.28 10.84 -42.19
N ILE D 320 2.40 11.15 -41.23
CA ILE D 320 1.57 12.39 -41.18
C ILE D 320 2.48 13.64 -41.08
N ARG D 321 3.79 13.51 -40.84
CA ARG D 321 4.76 14.64 -41.03
C ARG D 321 5.90 14.23 -42.00
N GLY D 322 6.79 13.29 -41.63
CA GLY D 322 7.94 12.87 -42.46
C GLY D 322 8.41 11.46 -42.16
ZN ZN E . 2.92 14.22 32.11
MG MG F . 4.06 11.22 34.36
CL CL G . 10.32 38.92 30.79
N3 KFO H . -7.27 11.17 34.47
C5 KFO H . -6.95 12.88 32.99
C6 KFO H . -8.33 12.69 32.51
C8 KFO H . -5.99 13.93 32.52
C13 KFO H . -3.79 12.77 32.80
C15 KFO H . -6.64 10.42 35.50
C22 KFO H . -5.27 10.12 35.40
C24 KFO H . -5.35 9.03 37.55
C26 KFO H . -3.91 11.61 32.05
C28 KFO H . -3.12 10.48 32.31
C1 KFO H . -9.09 11.67 33.11
C2 KFO H . -8.54 10.94 34.10
N4 KFO H . -6.54 12.11 33.95
O7 KFO H . -8.84 13.39 31.62
N9 KFO H . -4.62 13.86 32.49
N10 KFO H . -4.13 15.09 32.00
C11 KFO H . -5.16 15.86 31.80
C12 KFO H . -6.33 15.18 32.11
C14 KFO H . -7.42 9.79 40.00
C16 KFO H . -7.33 10.05 36.64
O17 KFO H . -7.43 9.01 38.78
C18 KFO H . -6.70 9.37 37.67
F19 KFO H . -6.10 10.12 40.36
F20 KFO H . -8.28 10.91 39.89
F21 KFO H . -7.92 9.01 41.04
C23 KFO H . -4.64 9.41 36.40
C25 KFO H . -2.84 12.79 33.82
C27 KFO H . -2.04 11.67 34.06
C29 KFO H . -2.17 10.51 33.32
F30 KFO H . -1.09 11.72 35.02
ZN ZN I . 0.25 16.10 -5.25
MG MG J . 0.84 19.64 -3.82
PR PR K . -17.06 1.06 -16.70
PR PR L . -25.07 12.54 -16.33
PR PR M . 31.76 19.24 -4.77
PR PR N . 22.28 31.32 -20.21
PR PR O . 33.70 16.31 -1.78
C1 GOL P . 7.60 19.07 10.69
O1 GOL P . 7.43 20.48 10.89
C2 GOL P . 6.33 18.39 10.22
O2 GOL P . 5.45 19.36 9.65
C3 GOL P . 5.63 17.61 11.31
O3 GOL P . 4.21 17.71 11.20
N3 KFO Q . -10.27 18.16 -3.11
C5 KFO Q . -9.58 16.08 -3.82
C6 KFO Q . -10.88 15.50 -3.42
C8 KFO Q . -8.52 15.32 -4.50
C13 KFO Q . -6.43 16.52 -3.79
C15 KFO Q . -9.85 19.52 -2.99
C22 KFO Q . -8.49 19.77 -2.78
C24 KFO Q . -8.86 22.12 -2.81
C26 KFO Q . -6.34 16.37 -2.41
C28 KFO Q . -5.61 17.27 -1.64
C1 KFO Q . -11.81 16.41 -2.82
C2 KFO Q . -11.47 17.73 -2.68
N4 KFO Q . -9.39 17.37 -3.65
O7 KFO Q . -11.15 14.30 -3.56
N9 KFO Q . -7.16 15.58 -4.52
N10 KFO Q . -6.54 14.60 -5.32
C11 KFO Q . -7.50 13.84 -5.81
C12 KFO Q . -8.74 14.26 -5.33
C14 KFO Q . -11.29 23.49 -4.50
C16 KFO Q . -10.72 20.60 -3.11
O17 KFO Q . -11.07 22.99 -3.18
C18 KFO Q . -10.22 21.90 -3.03
F19 KFO Q . -10.13 23.55 -5.23
F20 KFO Q . -12.14 22.63 -5.19
F21 KFO Q . -11.80 24.79 -4.46
C23 KFO Q . -7.99 21.05 -2.68
C25 KFO Q . -5.74 17.56 -4.40
C27 KFO Q . -5.02 18.45 -3.62
C29 KFO Q . -4.95 18.32 -2.24
F30 KFO Q . -4.34 19.43 -4.26
ZN ZN R . 3.41 -17.10 12.01
MG MG S . 4.06 -17.47 8.23
PR PR T . 29.32 -33.09 4.59
PR PR U . 34.45 -13.00 8.88
PR PR V . 36.00 -8.59 9.14
N3 KFO W . -6.94 -17.96 9.34
C5 KFO W . -6.41 -17.49 11.53
C6 KFO W . -7.79 -17.05 11.81
C8 KFO W . -5.33 -17.53 12.53
C13 KFO W . -3.34 -17.16 11.04
C15 KFO W . -6.46 -18.43 8.11
C22 KFO W . -5.15 -18.12 7.73
C24 KFO W . -5.40 -19.36 5.71
C26 KFO W . -3.59 -16.00 10.34
C28 KFO W . -2.87 -15.75 9.18
C1 KFO W . -8.68 -17.12 10.70
C2 KFO W . -8.23 -17.57 9.48
N4 KFO W . -6.10 -17.94 10.32
O7 KFO W . -8.15 -16.62 12.92
N9 KFO W . -3.99 -17.43 12.25
N10 KFO W . -3.30 -17.54 13.45
C11 KFO W . -4.16 -17.73 14.41
C12 KFO W . -5.45 -17.71 13.88
C14 KFO W . -7.64 -21.86 5.60
C16 KFO W . -7.25 -19.22 7.29
O17 KFO W . -7.47 -20.46 5.28
C18 KFO W . -6.70 -19.68 6.09
F19 KFO W . -6.38 -22.40 5.82
F20 KFO W . -8.50 -22.08 6.69
F21 KFO W . -8.13 -22.56 4.52
C23 KFO W . -4.62 -18.58 6.54
C25 KFO W . -2.36 -18.02 10.58
C27 KFO W . -1.67 -17.79 9.42
C29 KFO W . -1.93 -16.63 8.71
F30 KFO W . -0.69 -18.70 9.07
ZN ZN X . -10.83 -11.43 -42.33
MG MG Y . -14.67 -10.84 -42.94
N3 KFO Z . -10.59 -0.54 -41.47
C5 KFO Z . -8.64 -1.71 -41.51
C6 KFO Z . -7.88 -0.46 -41.78
C8 KFO Z . -7.99 -3.02 -41.28
C13 KFO Z . -9.74 -4.54 -42.09
C15 KFO Z . -12.00 -0.67 -41.29
C22 KFO Z . -12.68 -1.83 -41.72
C24 KFO Z . -14.76 -0.97 -40.90
C26 KFO Z . -9.89 -4.32 -43.47
C28 KFO Z . -11.07 -4.61 -44.14
C1 KFO Z . -8.66 0.75 -41.90
C2 KFO Z . -10.01 0.66 -41.74
N4 KFO Z . -9.93 -1.65 -41.38
O7 KFO Z . -6.64 -0.48 -41.91
N9 KFO Z . -8.53 -4.26 -41.48
N10 KFO Z . -7.59 -5.22 -41.13
C11 KFO Z . -6.55 -4.57 -40.68
C12 KFO Z . -6.76 -3.20 -40.74
C14 KFO Z . -15.07 1.11 -38.44
C16 KFO Z . -12.71 0.34 -40.67
O17 KFO Z . -14.77 1.22 -39.85
C18 KFO Z . -14.09 0.21 -40.47
F19 KFO Z . -15.48 -0.20 -38.18
F20 KFO Z . -13.93 1.44 -37.69
F21 KFO Z . -16.14 1.94 -38.06
C23 KFO Z . -14.05 -1.99 -41.52
C25 KFO Z . -10.76 -5.10 -41.36
C27 KFO Z . -11.95 -5.38 -42.02
C29 KFO Z . -12.12 -5.15 -43.40
F30 KFO Z . -12.93 -5.93 -41.28
#